data_1T0G
#
_entry.id   1T0G
#
_entity_poly.entity_id   1
_entity_poly.type   'polypeptide(L)'
_entity_poly.pdbx_seq_one_letter_code
;MGHHHHHHLEEFTAEQLSQYNGTDESKPIYVAIKGRVFDVTTGKSFYGSGGDYSMFAGKDASRALGKMSKNEEDVSPSLE
GLTEKEINTLNDWETKFEAKYPVVGRVVS
;
_entity_poly.pdbx_strand_id   A
#
# COMPACT_ATOMS: atom_id res chain seq x y z
N MET A 1 9.00 15.01 11.37
CA MET A 1 9.87 14.96 10.16
C MET A 1 10.13 13.51 9.79
N GLY A 2 10.91 13.32 8.76
CA GLY A 2 11.29 12.02 8.32
C GLY A 2 12.78 11.95 8.15
N HIS A 3 13.25 11.11 7.28
CA HIS A 3 14.68 11.03 6.99
C HIS A 3 14.91 11.16 5.52
N HIS A 4 15.71 12.13 5.15
CA HIS A 4 16.03 12.36 3.76
C HIS A 4 16.88 11.24 3.17
N HIS A 5 16.21 10.34 2.52
CA HIS A 5 16.81 9.20 1.88
C HIS A 5 15.95 8.82 0.69
N HIS A 6 15.98 9.65 -0.32
CA HIS A 6 15.29 9.35 -1.53
C HIS A 6 15.99 10.04 -2.70
N HIS A 7 16.88 9.30 -3.32
CA HIS A 7 17.67 9.81 -4.43
C HIS A 7 17.76 8.72 -5.51
N HIS A 8 16.88 7.76 -5.40
CA HIS A 8 16.79 6.65 -6.32
C HIS A 8 15.38 6.13 -6.24
N LEU A 9 14.91 6.00 -5.03
CA LEU A 9 13.55 5.63 -4.79
C LEU A 9 12.91 6.66 -3.88
N GLU A 10 11.73 6.38 -3.37
CA GLU A 10 10.98 7.38 -2.64
C GLU A 10 10.71 7.06 -1.18
N GLU A 11 10.29 8.10 -0.50
CA GLU A 11 9.77 8.07 0.78
C GLU A 11 8.43 8.72 0.72
N PHE A 12 7.47 8.00 1.10
CA PHE A 12 6.16 8.45 1.12
C PHE A 12 5.67 8.50 2.52
N THR A 13 4.90 9.48 2.86
CA THR A 13 4.32 9.47 4.15
C THR A 13 2.88 8.98 3.97
N ALA A 14 2.36 8.21 4.91
CA ALA A 14 1.05 7.53 4.74
C ALA A 14 -0.11 8.45 4.34
N GLU A 15 -0.24 9.59 4.98
CA GLU A 15 -1.29 10.56 4.64
C GLU A 15 -1.06 11.17 3.26
N GLN A 16 0.17 11.27 2.89
CA GLN A 16 0.55 11.76 1.58
C GLN A 16 0.33 10.68 0.54
N LEU A 17 0.58 9.45 0.93
CA LEU A 17 0.39 8.30 0.09
C LEU A 17 -1.08 8.11 -0.23
N SER A 18 -1.92 8.54 0.71
CA SER A 18 -3.39 8.42 0.61
C SER A 18 -3.91 9.21 -0.61
N GLN A 19 -3.06 10.00 -1.18
CA GLN A 19 -3.42 10.84 -2.28
C GLN A 19 -3.04 10.15 -3.59
N TYR A 20 -2.19 9.14 -3.49
CA TYR A 20 -1.71 8.34 -4.62
C TYR A 20 -2.62 7.13 -4.83
N ASN A 21 -3.89 7.35 -4.54
CA ASN A 21 -4.92 6.33 -4.66
C ASN A 21 -5.33 6.13 -6.12
N GLY A 22 -4.89 7.03 -6.99
CA GLY A 22 -5.09 6.84 -8.41
C GLY A 22 -6.31 7.51 -8.98
N THR A 23 -7.27 7.84 -8.16
CA THR A 23 -8.49 8.41 -8.69
C THR A 23 -8.36 9.92 -8.88
N ASP A 24 -7.30 10.50 -8.35
CA ASP A 24 -7.13 11.93 -8.48
C ASP A 24 -6.41 12.23 -9.78
N GLU A 25 -7.19 12.33 -10.87
CA GLU A 25 -6.66 12.62 -12.22
C GLU A 25 -5.68 11.57 -12.67
N SER A 26 -5.81 10.46 -12.05
CA SER A 26 -5.01 9.32 -12.27
C SER A 26 -3.55 9.58 -11.90
N LYS A 27 -3.31 9.66 -10.60
CA LYS A 27 -1.95 9.74 -10.08
C LYS A 27 -1.37 8.33 -10.12
N PRO A 28 -0.03 8.16 -10.00
CA PRO A 28 0.55 6.84 -9.91
C PRO A 28 0.09 6.15 -8.64
N ILE A 29 -0.33 4.93 -8.76
CA ILE A 29 -0.90 4.21 -7.66
C ILE A 29 0.20 3.42 -6.97
N TYR A 30 0.21 3.46 -5.67
CA TYR A 30 1.19 2.80 -4.91
C TYR A 30 0.51 2.18 -3.76
N VAL A 31 0.92 1.03 -3.41
CA VAL A 31 0.37 0.37 -2.29
C VAL A 31 1.47 0.05 -1.34
N ALA A 32 1.28 0.37 -0.12
CA ALA A 32 2.28 0.15 0.85
C ALA A 32 1.88 -0.97 1.75
N ILE A 33 2.81 -1.75 2.12
CA ILE A 33 2.59 -2.83 3.02
C ILE A 33 3.75 -2.90 3.98
N LYS A 34 3.49 -2.62 5.25
CA LYS A 34 4.47 -2.78 6.33
C LYS A 34 5.63 -1.77 6.09
N GLY A 35 5.30 -0.68 5.41
CA GLY A 35 6.28 0.36 5.13
C GLY A 35 6.96 0.17 3.79
N ARG A 36 6.58 -0.86 3.10
CA ARG A 36 7.17 -1.21 1.81
C ARG A 36 6.21 -0.72 0.73
N VAL A 37 6.62 0.25 -0.04
CA VAL A 37 5.75 0.79 -1.08
C VAL A 37 5.98 0.09 -2.39
N PHE A 38 4.96 -0.56 -2.87
CA PHE A 38 5.01 -1.26 -4.11
C PHE A 38 4.25 -0.46 -5.16
N ASP A 39 4.73 -0.48 -6.38
CA ASP A 39 4.04 0.21 -7.46
C ASP A 39 3.00 -0.71 -8.06
N VAL A 40 1.81 -0.21 -8.26
CA VAL A 40 0.74 -0.99 -8.83
C VAL A 40 0.10 -0.30 -10.02
N THR A 41 0.88 0.48 -10.75
CA THR A 41 0.36 1.11 -11.95
C THR A 41 0.10 0.07 -13.03
N THR A 42 0.79 -1.05 -12.90
CA THR A 42 0.64 -2.18 -13.77
C THR A 42 -0.72 -2.87 -13.52
N GLY A 43 -1.27 -2.64 -12.34
CA GLY A 43 -2.53 -3.20 -11.98
C GLY A 43 -3.50 -2.09 -11.60
N LYS A 44 -3.42 -0.99 -12.32
CA LYS A 44 -4.24 0.16 -12.04
C LYS A 44 -5.72 -0.14 -12.09
N SER A 45 -6.12 -0.94 -13.05
CA SER A 45 -7.52 -1.31 -13.22
C SER A 45 -8.04 -2.08 -11.98
N PHE A 46 -7.12 -2.71 -11.27
CA PHE A 46 -7.45 -3.46 -10.10
C PHE A 46 -7.37 -2.58 -8.85
N TYR A 47 -6.38 -1.70 -8.82
CA TYR A 47 -6.15 -0.86 -7.65
C TYR A 47 -6.77 0.55 -7.72
N GLY A 48 -6.29 1.42 -8.62
CA GLY A 48 -6.72 2.81 -8.57
C GLY A 48 -7.56 3.23 -9.75
N SER A 49 -8.65 2.55 -9.93
CA SER A 49 -9.60 2.85 -11.01
C SER A 49 -11.00 2.46 -10.56
N GLY A 50 -11.17 2.35 -9.25
CA GLY A 50 -12.39 1.85 -8.70
C GLY A 50 -12.39 0.34 -8.75
N GLY A 51 -11.26 -0.23 -8.36
CA GLY A 51 -11.09 -1.65 -8.43
C GLY A 51 -11.44 -2.32 -7.16
N ASP A 52 -11.31 -3.61 -7.13
CA ASP A 52 -11.67 -4.39 -5.97
C ASP A 52 -10.59 -4.32 -4.91
N TYR A 53 -9.41 -3.85 -5.30
CA TYR A 53 -8.29 -3.65 -4.37
C TYR A 53 -8.16 -2.16 -4.07
N SER A 54 -9.27 -1.45 -4.13
CA SER A 54 -9.31 0.00 -3.95
C SER A 54 -8.81 0.42 -2.56
N MET A 55 -8.89 -0.46 -1.58
CA MET A 55 -8.49 -0.11 -0.21
C MET A 55 -6.98 -0.11 -0.08
N PHE A 56 -6.33 -0.75 -1.04
CA PHE A 56 -4.90 -0.88 -1.07
C PHE A 56 -4.29 0.33 -1.79
N ALA A 57 -4.98 0.76 -2.82
CA ALA A 57 -4.56 1.89 -3.66
C ALA A 57 -4.30 3.15 -2.84
N GLY A 58 -3.04 3.54 -2.76
CA GLY A 58 -2.67 4.76 -2.06
C GLY A 58 -2.79 4.61 -0.57
N LYS A 59 -2.56 3.43 -0.08
CA LYS A 59 -2.66 3.20 1.28
C LYS A 59 -1.64 2.15 1.70
N ASP A 60 -1.16 2.24 2.91
CA ASP A 60 -0.45 1.14 3.49
C ASP A 60 -1.52 0.26 4.10
N ALA A 61 -1.64 -0.93 3.60
CA ALA A 61 -2.74 -1.80 3.98
C ALA A 61 -2.31 -2.91 4.93
N SER A 62 -1.21 -2.72 5.60
CA SER A 62 -0.62 -3.77 6.44
C SER A 62 -1.58 -4.37 7.49
N ARG A 63 -2.14 -3.53 8.36
CA ARG A 63 -3.13 -3.98 9.33
C ARG A 63 -4.31 -4.70 8.65
N ALA A 64 -4.75 -4.18 7.51
CA ALA A 64 -5.95 -4.67 6.85
C ALA A 64 -5.69 -6.01 6.26
N LEU A 65 -4.48 -6.18 5.82
CA LEU A 65 -4.01 -7.42 5.29
C LEU A 65 -4.06 -8.49 6.35
N GLY A 66 -3.54 -8.15 7.52
CA GLY A 66 -3.47 -9.08 8.61
C GLY A 66 -4.82 -9.39 9.20
N LYS A 67 -5.73 -8.43 9.15
CA LYS A 67 -7.05 -8.65 9.69
C LYS A 67 -7.94 -9.30 8.64
N MET A 68 -7.60 -9.06 7.36
CA MET A 68 -8.30 -9.56 6.15
C MET A 68 -9.52 -8.71 5.92
N SER A 69 -9.42 -7.50 6.37
CA SER A 69 -10.47 -6.53 6.31
C SER A 69 -10.21 -5.52 5.23
N LYS A 70 -11.28 -4.95 4.75
CA LYS A 70 -11.26 -3.99 3.68
C LYS A 70 -11.73 -2.65 4.19
N ASN A 71 -12.41 -2.66 5.30
CA ASN A 71 -12.90 -1.44 5.93
C ASN A 71 -11.75 -0.46 6.19
N GLU A 72 -11.89 0.72 5.60
CA GLU A 72 -10.86 1.78 5.55
C GLU A 72 -10.39 2.22 6.91
N GLU A 73 -11.23 2.04 7.91
CA GLU A 73 -10.89 2.44 9.26
C GLU A 73 -9.82 1.51 9.84
N ASP A 74 -9.72 0.33 9.26
CA ASP A 74 -8.76 -0.65 9.72
C ASP A 74 -7.52 -0.60 8.85
N VAL A 75 -7.72 -0.29 7.57
CA VAL A 75 -6.62 -0.18 6.63
C VAL A 75 -5.70 0.96 7.09
N SER A 76 -4.50 0.62 7.49
CA SER A 76 -3.65 1.53 8.18
C SER A 76 -2.20 1.00 8.11
N PRO A 77 -1.18 1.91 8.17
CA PRO A 77 0.26 1.53 8.11
C PRO A 77 0.80 0.98 9.44
N SER A 78 -0.06 0.50 10.29
CA SER A 78 0.35 0.05 11.59
C SER A 78 0.25 -1.44 11.71
N LEU A 79 1.29 -1.99 12.27
CA LEU A 79 1.40 -3.40 12.47
C LEU A 79 1.30 -3.74 13.91
N GLU A 80 1.81 -2.89 14.76
CA GLU A 80 1.85 -3.24 16.13
C GLU A 80 0.58 -2.92 16.88
N GLY A 81 -0.35 -3.78 16.68
CA GLY A 81 -1.57 -3.78 17.38
C GLY A 81 -2.23 -5.12 17.18
N LEU A 82 -1.44 -6.06 16.72
CA LEU A 82 -1.85 -7.38 16.43
C LEU A 82 -0.68 -8.35 16.62
N THR A 83 -0.99 -9.61 16.82
CA THR A 83 -0.01 -10.63 17.17
C THR A 83 0.54 -11.37 15.94
N GLU A 84 1.34 -12.41 16.18
CA GLU A 84 1.95 -13.17 15.09
C GLU A 84 0.95 -13.87 14.20
N LYS A 85 -0.14 -14.37 14.74
CA LYS A 85 -1.19 -15.04 13.91
C LYS A 85 -1.72 -14.03 12.87
N GLU A 86 -1.80 -12.80 13.31
CA GLU A 86 -2.32 -11.68 12.59
C GLU A 86 -1.30 -11.20 11.60
N ILE A 87 -0.14 -10.98 12.10
CA ILE A 87 1.02 -10.62 11.33
C ILE A 87 1.30 -11.63 10.23
N ASN A 88 1.22 -12.92 10.54
CA ASN A 88 1.43 -13.97 9.51
C ASN A 88 0.45 -13.83 8.39
N THR A 89 -0.72 -13.37 8.73
CA THR A 89 -1.74 -13.18 7.77
C THR A 89 -1.34 -12.08 6.74
N LEU A 90 -0.80 -10.93 7.22
CA LEU A 90 -0.36 -9.89 6.26
C LEU A 90 0.91 -10.34 5.56
N ASN A 91 1.69 -11.12 6.28
CA ASN A 91 2.98 -11.61 5.83
C ASN A 91 2.78 -12.39 4.54
N ASP A 92 1.63 -13.04 4.46
CA ASP A 92 1.22 -13.80 3.29
C ASP A 92 1.04 -12.84 2.12
N TRP A 93 0.28 -11.79 2.37
CA TRP A 93 0.00 -10.74 1.40
C TRP A 93 1.27 -10.07 0.91
N GLU A 94 2.19 -9.74 1.83
CA GLU A 94 3.49 -9.12 1.47
C GLU A 94 4.16 -9.94 0.40
N THR A 95 4.22 -11.23 0.65
CA THR A 95 4.85 -12.21 -0.20
C THR A 95 4.26 -12.21 -1.61
N LYS A 96 2.98 -11.95 -1.68
CA LYS A 96 2.26 -12.04 -2.93
C LYS A 96 2.57 -10.83 -3.76
N PHE A 97 2.57 -9.70 -3.11
CA PHE A 97 2.90 -8.44 -3.72
C PHE A 97 4.38 -8.39 -4.06
N GLU A 98 5.17 -8.97 -3.20
CA GLU A 98 6.62 -9.09 -3.33
C GLU A 98 7.07 -9.76 -4.61
N ALA A 99 6.24 -10.57 -5.21
CA ALA A 99 6.65 -11.27 -6.39
C ALA A 99 6.15 -10.58 -7.62
N LYS A 100 5.29 -9.60 -7.45
CA LYS A 100 4.64 -9.01 -8.58
C LYS A 100 5.09 -7.57 -8.74
N TYR A 101 5.00 -6.86 -7.65
CA TYR A 101 5.21 -5.46 -7.66
C TYR A 101 6.57 -5.12 -7.08
N PRO A 102 7.23 -4.11 -7.62
CA PRO A 102 8.50 -3.66 -7.12
C PRO A 102 8.34 -2.66 -5.98
N VAL A 103 9.20 -2.75 -5.01
CA VAL A 103 9.20 -1.81 -3.92
C VAL A 103 9.91 -0.55 -4.38
N VAL A 104 9.13 0.47 -4.62
CA VAL A 104 9.65 1.72 -5.14
C VAL A 104 9.96 2.72 -4.03
N GLY A 105 9.85 2.29 -2.80
CA GLY A 105 10.17 3.15 -1.71
C GLY A 105 9.57 2.72 -0.42
N ARG A 106 9.58 3.61 0.52
CA ARG A 106 9.06 3.37 1.84
C ARG A 106 7.85 4.20 2.09
N VAL A 107 7.10 3.82 3.06
CA VAL A 107 6.10 4.66 3.56
C VAL A 107 6.41 4.93 5.00
N VAL A 108 6.28 6.15 5.38
CA VAL A 108 6.69 6.62 6.65
C VAL A 108 5.61 7.30 7.39
N SER A 109 5.67 7.16 8.64
CA SER A 109 4.86 7.85 9.54
C SER A 109 5.76 8.15 10.73
N MET A 1 -1.67 7.90 -19.56
CA MET A 1 -0.54 7.46 -20.37
C MET A 1 0.74 8.02 -19.78
N GLY A 2 1.76 7.20 -19.70
CA GLY A 2 3.01 7.64 -19.15
C GLY A 2 3.82 6.48 -18.63
N HIS A 3 3.56 6.12 -17.37
CA HIS A 3 4.26 5.03 -16.67
C HIS A 3 5.75 5.35 -16.54
N HIS A 4 6.09 6.12 -15.55
CA HIS A 4 7.48 6.46 -15.31
C HIS A 4 7.99 5.70 -14.11
N HIS A 5 8.60 4.59 -14.38
CA HIS A 5 9.14 3.75 -13.35
C HIS A 5 10.46 4.30 -12.87
N HIS A 6 10.46 4.80 -11.66
CA HIS A 6 11.66 5.35 -11.07
C HIS A 6 12.49 4.22 -10.53
N HIS A 7 13.77 4.44 -10.41
CA HIS A 7 14.64 3.43 -9.90
C HIS A 7 15.68 4.02 -8.98
N HIS A 8 15.33 4.06 -7.71
CA HIS A 8 16.18 4.55 -6.66
C HIS A 8 15.45 4.26 -5.34
N LEU A 9 14.46 5.10 -5.04
CA LEU A 9 13.46 4.94 -3.97
C LEU A 9 12.82 6.28 -3.79
N GLU A 10 11.63 6.30 -3.29
CA GLU A 10 11.00 7.53 -2.97
C GLU A 10 10.31 7.41 -1.62
N GLU A 11 10.38 8.44 -0.84
CA GLU A 11 9.74 8.48 0.39
C GLU A 11 8.40 9.08 0.28
N PHE A 12 7.46 8.38 0.75
CA PHE A 12 6.14 8.83 0.79
C PHE A 12 5.67 8.82 2.19
N THR A 13 4.86 9.74 2.56
CA THR A 13 4.28 9.70 3.85
C THR A 13 2.89 9.08 3.71
N ALA A 14 2.34 8.48 4.77
CA ALA A 14 1.09 7.71 4.69
C ALA A 14 -0.07 8.54 4.18
N GLU A 15 -0.20 9.73 4.72
CA GLU A 15 -1.25 10.62 4.30
C GLU A 15 -1.05 11.08 2.86
N GLN A 16 0.21 11.22 2.45
CA GLN A 16 0.49 11.60 1.08
C GLN A 16 0.27 10.41 0.15
N LEU A 17 0.59 9.23 0.63
CA LEU A 17 0.43 7.98 -0.11
C LEU A 17 -1.07 7.78 -0.37
N SER A 18 -1.89 8.14 0.65
CA SER A 18 -3.37 7.97 0.63
C SER A 18 -4.09 8.73 -0.50
N GLN A 19 -3.34 9.39 -1.35
CA GLN A 19 -3.86 10.10 -2.47
C GLN A 19 -3.45 9.40 -3.77
N TYR A 20 -2.51 8.49 -3.67
CA TYR A 20 -2.00 7.74 -4.81
C TYR A 20 -2.83 6.50 -5.10
N ASN A 21 -4.01 6.43 -4.54
CA ASN A 21 -4.92 5.30 -4.77
C ASN A 21 -5.56 5.35 -6.16
N GLY A 22 -5.21 6.38 -6.91
CA GLY A 22 -5.66 6.50 -8.27
C GLY A 22 -6.81 7.44 -8.40
N THR A 23 -7.27 7.91 -7.28
CA THR A 23 -8.37 8.80 -7.24
C THR A 23 -7.87 10.26 -7.22
N ASP A 24 -6.56 10.45 -7.17
CA ASP A 24 -6.04 11.77 -7.28
C ASP A 24 -6.09 12.11 -8.74
N GLU A 25 -6.02 13.35 -9.06
CA GLU A 25 -6.09 13.78 -10.40
C GLU A 25 -4.81 13.49 -11.15
N SER A 26 -4.77 12.29 -11.66
CA SER A 26 -3.72 11.80 -12.54
C SER A 26 -2.47 11.31 -11.78
N LYS A 27 -2.56 11.07 -10.48
CA LYS A 27 -1.39 10.57 -9.79
C LYS A 27 -1.27 9.04 -9.80
N PRO A 28 -0.02 8.52 -10.02
CA PRO A 28 0.32 7.07 -10.06
C PRO A 28 -0.16 6.28 -8.83
N ILE A 29 -0.41 5.01 -9.05
CA ILE A 29 -1.02 4.13 -8.05
C ILE A 29 0.10 3.33 -7.31
N TYR A 30 0.04 3.27 -5.99
CA TYR A 30 1.08 2.64 -5.21
C TYR A 30 0.50 2.03 -3.97
N VAL A 31 0.84 0.83 -3.70
CA VAL A 31 0.33 0.19 -2.52
C VAL A 31 1.46 -0.04 -1.56
N ALA A 32 1.22 0.25 -0.32
CA ALA A 32 2.22 0.11 0.66
C ALA A 32 1.88 -1.01 1.60
N ILE A 33 2.86 -1.82 1.91
CA ILE A 33 2.69 -2.87 2.85
C ILE A 33 3.88 -2.89 3.77
N LYS A 34 3.63 -2.56 5.02
CA LYS A 34 4.63 -2.65 6.10
C LYS A 34 5.69 -1.53 5.89
N GLY A 35 5.30 -0.53 5.10
CA GLY A 35 6.18 0.56 4.79
C GLY A 35 6.81 0.43 3.42
N ARG A 36 6.62 -0.71 2.79
CA ARG A 36 7.19 -0.98 1.49
C ARG A 36 6.19 -0.58 0.42
N VAL A 37 6.53 0.44 -0.33
CA VAL A 37 5.65 0.93 -1.37
C VAL A 37 5.93 0.23 -2.68
N PHE A 38 4.93 -0.40 -3.21
CA PHE A 38 5.03 -1.11 -4.45
C PHE A 38 4.23 -0.38 -5.51
N ASP A 39 4.66 -0.45 -6.74
CA ASP A 39 3.91 0.17 -7.82
C ASP A 39 2.84 -0.74 -8.34
N VAL A 40 1.63 -0.26 -8.31
CA VAL A 40 0.51 -1.00 -8.84
C VAL A 40 -0.17 -0.25 -9.95
N THR A 41 0.50 0.78 -10.46
CA THR A 41 0.02 1.52 -11.61
C THR A 41 -0.04 0.57 -12.81
N THR A 42 0.83 -0.43 -12.75
CA THR A 42 0.92 -1.49 -13.73
C THR A 42 -0.37 -2.38 -13.72
N GLY A 43 -1.04 -2.44 -12.58
CA GLY A 43 -2.26 -3.24 -12.43
C GLY A 43 -3.42 -2.35 -12.06
N LYS A 44 -3.53 -1.26 -12.79
CA LYS A 44 -4.52 -0.22 -12.55
C LYS A 44 -5.95 -0.76 -12.49
N SER A 45 -6.25 -1.77 -13.28
CA SER A 45 -7.61 -2.33 -13.37
C SER A 45 -8.11 -2.85 -12.02
N PHE A 46 -7.22 -3.31 -11.19
CA PHE A 46 -7.59 -3.84 -9.90
C PHE A 46 -7.50 -2.75 -8.85
N TYR A 47 -6.49 -1.93 -8.95
CA TYR A 47 -6.23 -0.93 -7.96
C TYR A 47 -6.86 0.44 -8.30
N GLY A 48 -6.35 1.13 -9.32
CA GLY A 48 -6.82 2.49 -9.60
C GLY A 48 -7.99 2.54 -10.53
N SER A 49 -9.01 1.81 -10.20
CA SER A 49 -10.23 1.77 -10.96
C SER A 49 -11.39 1.68 -9.98
N GLY A 50 -11.07 1.86 -8.70
CA GLY A 50 -12.05 1.69 -7.67
C GLY A 50 -12.44 0.25 -7.55
N GLY A 51 -11.43 -0.60 -7.51
CA GLY A 51 -11.66 -2.02 -7.43
C GLY A 51 -11.76 -2.48 -6.01
N ASP A 52 -11.60 -3.76 -5.82
CA ASP A 52 -11.66 -4.38 -4.51
C ASP A 52 -10.39 -4.03 -3.75
N TYR A 53 -9.34 -3.75 -4.52
CA TYR A 53 -8.06 -3.36 -3.98
C TYR A 53 -7.92 -1.84 -3.91
N SER A 54 -9.05 -1.15 -3.86
CA SER A 54 -9.11 0.31 -3.74
C SER A 54 -8.49 0.79 -2.44
N MET A 55 -8.54 -0.09 -1.50
CA MET A 55 -8.12 0.14 -0.14
C MET A 55 -6.62 -0.09 -0.05
N PHE A 56 -6.10 -0.74 -1.06
CA PHE A 56 -4.71 -1.05 -1.17
C PHE A 56 -4.01 -0.03 -2.04
N ALA A 57 -4.69 0.32 -3.14
CA ALA A 57 -4.19 1.17 -4.26
C ALA A 57 -3.36 2.41 -3.89
N GLY A 58 -3.41 2.81 -2.66
CA GLY A 58 -2.67 3.97 -2.24
C GLY A 58 -2.75 4.17 -0.80
N LYS A 59 -2.67 3.12 -0.06
CA LYS A 59 -2.66 3.19 1.31
C LYS A 59 -1.79 2.06 1.80
N ASP A 60 -1.24 2.17 3.01
CA ASP A 60 -0.50 1.04 3.55
C ASP A 60 -1.48 0.13 4.19
N ALA A 61 -1.47 -1.09 3.79
CA ALA A 61 -2.45 -2.04 4.23
C ALA A 61 -1.87 -3.10 5.15
N SER A 62 -0.72 -2.84 5.78
CA SER A 62 -0.08 -3.86 6.63
C SER A 62 -1.00 -4.41 7.74
N ARG A 63 -1.72 -3.53 8.41
CA ARG A 63 -2.65 -3.93 9.44
C ARG A 63 -3.87 -4.64 8.83
N ALA A 64 -4.26 -4.20 7.65
CA ALA A 64 -5.49 -4.68 7.00
C ALA A 64 -5.28 -6.05 6.52
N LEU A 65 -4.08 -6.29 6.12
CA LEU A 65 -3.65 -7.56 5.66
C LEU A 65 -3.67 -8.59 6.75
N GLY A 66 -3.43 -8.16 7.96
CA GLY A 66 -3.46 -9.08 9.07
C GLY A 66 -4.84 -9.31 9.57
N LYS A 67 -5.69 -8.33 9.41
CA LYS A 67 -7.06 -8.41 9.88
C LYS A 67 -7.95 -9.06 8.84
N MET A 68 -7.57 -8.85 7.59
CA MET A 68 -8.31 -9.26 6.40
C MET A 68 -9.50 -8.37 6.30
N SER A 69 -9.21 -7.11 6.13
CA SER A 69 -10.19 -6.08 6.12
C SER A 69 -9.82 -5.00 5.14
N LYS A 70 -10.81 -4.26 4.75
CA LYS A 70 -10.70 -3.23 3.76
C LYS A 70 -11.13 -1.90 4.32
N ASN A 71 -11.86 -1.95 5.40
CA ASN A 71 -12.25 -0.76 6.14
C ASN A 71 -11.05 0.05 6.51
N GLU A 72 -11.22 1.35 6.40
CA GLU A 72 -10.16 2.33 6.60
C GLU A 72 -9.49 2.23 7.98
N GLU A 73 -10.23 1.74 8.96
CA GLU A 73 -9.69 1.51 10.28
C GLU A 73 -8.50 0.58 10.23
N ASP A 74 -8.69 -0.59 9.65
CA ASP A 74 -7.67 -1.59 9.65
C ASP A 74 -6.63 -1.34 8.60
N VAL A 75 -6.96 -0.58 7.60
CA VAL A 75 -5.94 -0.28 6.60
C VAL A 75 -5.11 0.85 7.16
N SER A 76 -3.95 0.51 7.67
CA SER A 76 -3.10 1.41 8.38
C SER A 76 -1.64 1.00 8.17
N PRO A 77 -0.69 1.97 8.23
CA PRO A 77 0.75 1.73 7.99
C PRO A 77 1.47 1.14 9.21
N SER A 78 0.72 0.56 10.10
CA SER A 78 1.25 -0.05 11.27
C SER A 78 0.34 -1.15 11.66
N LEU A 79 0.92 -2.14 12.24
CA LEU A 79 0.25 -3.30 12.68
C LEU A 79 -0.64 -2.98 13.86
N GLU A 80 0.01 -2.71 14.99
CA GLU A 80 -0.65 -2.38 16.24
C GLU A 80 -1.67 -3.39 16.71
N GLY A 81 -1.24 -4.25 17.54
CA GLY A 81 -2.14 -5.10 18.21
C GLY A 81 -2.09 -6.47 17.65
N LEU A 82 -1.68 -6.53 16.42
CA LEU A 82 -1.57 -7.75 15.69
C LEU A 82 -0.61 -8.72 16.30
N THR A 83 -1.15 -9.84 16.68
CA THR A 83 -0.41 -10.91 17.25
C THR A 83 0.13 -11.77 16.09
N GLU A 84 0.82 -12.88 16.40
CA GLU A 84 1.41 -13.73 15.38
C GLU A 84 0.37 -14.13 14.36
N LYS A 85 -0.83 -14.46 14.84
CA LYS A 85 -1.95 -14.89 13.99
C LYS A 85 -2.21 -13.89 12.88
N GLU A 86 -2.37 -12.67 13.28
CA GLU A 86 -2.68 -11.63 12.40
C GLU A 86 -1.53 -11.29 11.52
N ILE A 87 -0.35 -11.25 12.10
CA ILE A 87 0.82 -10.97 11.32
C ILE A 87 1.04 -12.06 10.27
N ASN A 88 0.86 -13.32 10.65
CA ASN A 88 0.99 -14.47 9.73
C ASN A 88 0.12 -14.30 8.53
N THR A 89 -1.02 -13.72 8.77
CA THR A 89 -1.97 -13.50 7.75
C THR A 89 -1.43 -12.47 6.72
N LEU A 90 -0.93 -11.36 7.23
CA LEU A 90 -0.34 -10.29 6.41
C LEU A 90 0.96 -10.75 5.80
N ASN A 91 1.66 -11.55 6.53
CA ASN A 91 2.98 -12.05 6.17
C ASN A 91 2.90 -12.80 4.84
N ASP A 92 1.78 -13.47 4.63
CA ASP A 92 1.50 -14.16 3.35
C ASP A 92 1.17 -13.14 2.27
N TRP A 93 0.45 -12.09 2.66
CA TRP A 93 0.05 -11.00 1.76
C TRP A 93 1.24 -10.21 1.25
N GLU A 94 2.18 -9.92 2.15
CA GLU A 94 3.42 -9.20 1.81
C GLU A 94 4.06 -9.82 0.59
N THR A 95 4.27 -11.10 0.68
CA THR A 95 4.94 -11.90 -0.34
C THR A 95 4.26 -11.83 -1.72
N LYS A 96 2.97 -11.62 -1.72
CA LYS A 96 2.19 -11.67 -2.93
C LYS A 96 2.45 -10.44 -3.73
N PHE A 97 2.62 -9.39 -3.03
CA PHE A 97 2.95 -8.14 -3.60
C PHE A 97 4.45 -8.04 -3.85
N GLU A 98 5.20 -8.32 -2.81
CA GLU A 98 6.65 -8.15 -2.74
C GLU A 98 7.40 -8.92 -3.85
N ALA A 99 6.83 -10.04 -4.30
CA ALA A 99 7.53 -10.88 -5.24
C ALA A 99 7.16 -10.55 -6.67
N LYS A 100 6.25 -9.63 -6.84
CA LYS A 100 5.81 -9.25 -8.17
C LYS A 100 5.92 -7.78 -8.36
N TYR A 101 5.30 -7.07 -7.51
CA TYR A 101 5.33 -5.64 -7.56
C TYR A 101 6.67 -5.14 -7.03
N PRO A 102 7.24 -4.13 -7.68
CA PRO A 102 8.52 -3.57 -7.29
C PRO A 102 8.41 -2.58 -6.13
N VAL A 103 9.32 -2.68 -5.21
CA VAL A 103 9.42 -1.71 -4.13
C VAL A 103 10.01 -0.44 -4.72
N VAL A 104 9.17 0.52 -4.93
CA VAL A 104 9.61 1.77 -5.51
C VAL A 104 10.05 2.76 -4.44
N GLY A 105 9.68 2.50 -3.20
CA GLY A 105 10.09 3.35 -2.13
C GLY A 105 9.49 2.96 -0.80
N ARG A 106 9.38 3.94 0.07
CA ARG A 106 8.89 3.72 1.43
C ARG A 106 7.69 4.53 1.70
N VAL A 107 6.98 4.15 2.70
CA VAL A 107 5.98 4.97 3.24
C VAL A 107 6.32 5.22 4.70
N VAL A 108 6.28 6.44 5.06
CA VAL A 108 6.64 6.88 6.37
C VAL A 108 5.41 7.43 7.06
N SER A 109 5.30 7.22 8.33
CA SER A 109 4.12 7.64 9.00
C SER A 109 4.42 8.08 10.41
N MET A 1 2.97 18.09 -6.60
CA MET A 1 3.51 17.14 -5.62
C MET A 1 3.94 15.85 -6.29
N GLY A 2 3.56 15.69 -7.55
CA GLY A 2 3.74 14.45 -8.25
C GLY A 2 5.16 14.03 -8.44
N HIS A 3 5.56 13.00 -7.74
CA HIS A 3 6.85 12.41 -7.92
C HIS A 3 6.86 11.52 -9.13
N HIS A 4 7.02 12.14 -10.27
CA HIS A 4 7.09 11.43 -11.52
C HIS A 4 8.52 11.08 -11.78
N HIS A 5 9.39 11.85 -11.19
CA HIS A 5 10.81 11.61 -11.25
C HIS A 5 11.15 10.74 -10.07
N HIS A 6 11.16 9.48 -10.29
CA HIS A 6 11.39 8.52 -9.26
C HIS A 6 12.75 7.90 -9.41
N HIS A 7 13.63 8.32 -8.56
CA HIS A 7 15.02 7.94 -8.64
C HIS A 7 15.28 6.78 -7.71
N HIS A 8 15.24 5.58 -8.26
CA HIS A 8 15.43 4.31 -7.52
C HIS A 8 14.33 4.05 -6.51
N LEU A 9 14.38 4.76 -5.41
CA LEU A 9 13.42 4.60 -4.37
C LEU A 9 12.91 5.96 -3.92
N GLU A 10 11.63 6.06 -3.77
CA GLU A 10 11.01 7.29 -3.37
C GLU A 10 10.50 7.21 -1.98
N GLU A 11 10.82 8.19 -1.19
CA GLU A 11 10.24 8.35 0.05
C GLU A 11 8.97 9.12 -0.11
N PHE A 12 7.97 8.58 0.42
CA PHE A 12 6.71 9.18 0.44
C PHE A 12 6.24 9.32 1.84
N THR A 13 5.49 10.33 2.11
CA THR A 13 4.95 10.48 3.41
C THR A 13 3.48 10.01 3.36
N ALA A 14 2.91 9.60 4.48
CA ALA A 14 1.57 8.99 4.52
C ALA A 14 0.47 9.83 3.85
N GLU A 15 0.40 11.11 4.16
CA GLU A 15 -0.65 11.95 3.59
C GLU A 15 -0.40 12.21 2.13
N GLN A 16 0.86 12.24 1.79
CA GLN A 16 1.27 12.42 0.43
C GLN A 16 0.96 11.16 -0.38
N LEU A 17 1.23 10.01 0.21
CA LEU A 17 1.01 8.70 -0.40
C LEU A 17 -0.49 8.53 -0.67
N SER A 18 -1.31 9.00 0.26
CA SER A 18 -2.77 8.91 0.17
C SER A 18 -3.34 9.66 -1.03
N GLN A 19 -2.53 10.47 -1.66
CA GLN A 19 -2.96 11.21 -2.81
C GLN A 19 -2.48 10.52 -4.10
N TYR A 20 -1.81 9.40 -3.93
CA TYR A 20 -1.37 8.53 -5.03
C TYR A 20 -2.22 7.29 -5.01
N ASN A 21 -3.42 7.44 -4.54
CA ASN A 21 -4.38 6.37 -4.48
C ASN A 21 -4.97 6.10 -5.86
N GLY A 22 -4.82 7.07 -6.75
CA GLY A 22 -5.24 6.88 -8.12
C GLY A 22 -6.64 7.37 -8.44
N THR A 23 -7.23 8.14 -7.56
CA THR A 23 -8.58 8.64 -7.82
C THR A 23 -8.52 9.90 -8.65
N ASP A 24 -7.34 10.45 -8.78
CA ASP A 24 -7.16 11.60 -9.60
C ASP A 24 -7.12 11.09 -11.00
N GLU A 25 -7.09 11.96 -11.95
CA GLU A 25 -7.15 11.51 -13.24
C GLU A 25 -5.78 11.15 -13.74
N SER A 26 -5.41 9.94 -13.44
CA SER A 26 -4.22 9.31 -13.90
C SER A 26 -2.94 9.79 -13.18
N LYS A 27 -2.72 9.25 -12.01
CA LYS A 27 -1.46 9.40 -11.32
C LYS A 27 -1.03 8.00 -10.92
N PRO A 28 0.27 7.78 -10.63
CA PRO A 28 0.74 6.46 -10.19
C PRO A 28 0.04 6.03 -8.90
N ILE A 29 -0.25 4.75 -8.79
CA ILE A 29 -0.97 4.23 -7.66
C ILE A 29 -0.02 3.46 -6.78
N TYR A 30 -0.04 3.73 -5.49
CA TYR A 30 0.85 3.08 -4.58
C TYR A 30 0.14 2.54 -3.37
N VAL A 31 0.68 1.47 -2.85
CA VAL A 31 0.23 0.85 -1.62
C VAL A 31 1.45 0.69 -0.74
N ALA A 32 1.23 0.52 0.53
CA ALA A 32 2.32 0.31 1.41
C ALA A 32 2.07 -0.88 2.31
N ILE A 33 3.09 -1.67 2.49
CA ILE A 33 3.08 -2.82 3.37
C ILE A 33 4.33 -2.73 4.19
N LYS A 34 4.20 -2.55 5.52
CA LYS A 34 5.35 -2.41 6.45
C LYS A 34 6.09 -1.09 6.18
N GLY A 35 5.39 -0.17 5.56
CA GLY A 35 5.98 1.10 5.18
C GLY A 35 6.77 1.01 3.90
N ARG A 36 6.66 -0.12 3.23
CA ARG A 36 7.32 -0.34 1.97
C ARG A 36 6.32 -0.05 0.88
N VAL A 37 6.67 0.81 -0.01
CA VAL A 37 5.75 1.21 -1.06
C VAL A 37 5.95 0.39 -2.31
N PHE A 38 4.90 -0.24 -2.73
CA PHE A 38 4.89 -1.05 -3.92
C PHE A 38 4.12 -0.30 -5.01
N ASP A 39 4.59 -0.38 -6.24
CA ASP A 39 3.89 0.28 -7.35
C ASP A 39 2.81 -0.62 -7.88
N VAL A 40 1.59 -0.20 -7.73
CA VAL A 40 0.44 -0.96 -8.20
C VAL A 40 -0.25 -0.21 -9.33
N THR A 41 0.53 0.63 -10.01
CA THR A 41 0.03 1.40 -11.12
C THR A 41 -0.32 0.46 -12.31
N THR A 42 0.32 -0.70 -12.30
CA THR A 42 0.05 -1.74 -13.26
C THR A 42 -1.34 -2.34 -13.01
N GLY A 43 -1.58 -2.72 -11.78
CA GLY A 43 -2.87 -3.26 -11.38
C GLY A 43 -3.81 -2.15 -10.95
N LYS A 44 -3.85 -1.11 -11.75
CA LYS A 44 -4.62 0.06 -11.48
C LYS A 44 -6.11 -0.24 -11.41
N SER A 45 -6.57 -1.16 -12.22
CA SER A 45 -7.97 -1.60 -12.21
C SER A 45 -8.37 -2.17 -10.83
N PHE A 46 -7.39 -2.59 -10.05
CA PHE A 46 -7.63 -3.14 -8.75
C PHE A 46 -7.59 -2.06 -7.67
N TYR A 47 -6.62 -1.17 -7.77
CA TYR A 47 -6.42 -0.17 -6.73
C TYR A 47 -6.87 1.26 -7.11
N GLY A 48 -6.37 1.75 -8.24
CA GLY A 48 -6.47 3.16 -8.64
C GLY A 48 -7.84 3.84 -8.61
N SER A 49 -8.71 3.50 -9.53
CA SER A 49 -9.94 4.28 -9.72
C SER A 49 -11.09 3.76 -8.87
N GLY A 50 -10.81 2.86 -8.00
CA GLY A 50 -11.84 2.36 -7.15
C GLY A 50 -12.14 0.92 -7.42
N GLY A 51 -11.09 0.13 -7.46
CA GLY A 51 -11.26 -1.27 -7.67
C GLY A 51 -11.62 -1.98 -6.37
N ASP A 52 -11.49 -3.27 -6.35
CA ASP A 52 -11.82 -4.05 -5.13
C ASP A 52 -10.77 -3.81 -4.05
N TYR A 53 -9.58 -3.50 -4.49
CA TYR A 53 -8.46 -3.27 -3.61
C TYR A 53 -8.19 -1.79 -3.45
N SER A 54 -9.17 -0.97 -3.78
CA SER A 54 -9.08 0.48 -3.70
C SER A 54 -8.77 0.96 -2.27
N MET A 55 -9.11 0.13 -1.28
CA MET A 55 -8.91 0.47 0.12
C MET A 55 -7.44 0.54 0.43
N PHE A 56 -6.69 -0.30 -0.25
CA PHE A 56 -5.25 -0.44 -0.03
C PHE A 56 -4.51 0.73 -0.65
N ALA A 57 -5.13 1.37 -1.62
CA ALA A 57 -4.52 2.44 -2.37
C ALA A 57 -4.24 3.67 -1.51
N GLY A 58 -3.01 4.13 -1.58
CA GLY A 58 -2.58 5.34 -0.92
C GLY A 58 -2.39 5.20 0.57
N LYS A 59 -2.36 4.00 1.06
CA LYS A 59 -2.19 3.82 2.46
C LYS A 59 -1.41 2.58 2.76
N ASP A 60 -0.95 2.47 3.97
CA ASP A 60 -0.30 1.27 4.38
C ASP A 60 -1.38 0.33 4.80
N ALA A 61 -1.39 -0.80 4.20
CA ALA A 61 -2.45 -1.72 4.40
C ALA A 61 -1.98 -2.97 5.09
N SER A 62 -0.86 -2.89 5.79
CA SER A 62 -0.33 -4.07 6.45
C SER A 62 -1.31 -4.69 7.45
N ARG A 63 -2.03 -3.87 8.22
CA ARG A 63 -3.02 -4.39 9.14
C ARG A 63 -4.19 -5.02 8.38
N ALA A 64 -4.53 -4.45 7.24
CA ALA A 64 -5.68 -4.89 6.45
C ALA A 64 -5.40 -6.24 5.88
N LEU A 65 -4.15 -6.43 5.58
CA LEU A 65 -3.62 -7.65 5.09
C LEU A 65 -3.71 -8.77 6.12
N GLY A 66 -3.35 -8.46 7.36
CA GLY A 66 -3.35 -9.48 8.39
C GLY A 66 -4.73 -9.78 8.90
N LYS A 67 -5.53 -8.76 9.03
CA LYS A 67 -6.88 -8.91 9.54
C LYS A 67 -7.78 -9.45 8.44
N MET A 68 -7.43 -9.08 7.22
CA MET A 68 -8.17 -9.42 6.02
C MET A 68 -9.45 -8.68 6.07
N SER A 69 -9.30 -7.41 6.10
CA SER A 69 -10.36 -6.49 6.26
C SER A 69 -10.15 -5.33 5.33
N LYS A 70 -11.17 -5.00 4.60
CA LYS A 70 -11.12 -3.93 3.65
C LYS A 70 -11.70 -2.67 4.25
N ASN A 71 -12.27 -2.80 5.41
CA ASN A 71 -12.80 -1.68 6.16
C ASN A 71 -11.65 -0.76 6.57
N GLU A 72 -11.85 0.54 6.38
CA GLU A 72 -10.81 1.57 6.59
C GLU A 72 -10.28 1.54 8.01
N GLU A 73 -11.12 1.11 8.92
CA GLU A 73 -10.77 0.99 10.34
C GLU A 73 -9.55 0.07 10.54
N ASP A 74 -9.40 -0.92 9.66
CA ASP A 74 -8.30 -1.87 9.79
C ASP A 74 -7.22 -1.68 8.74
N VAL A 75 -7.36 -0.72 7.85
CA VAL A 75 -6.29 -0.50 6.90
C VAL A 75 -5.35 0.49 7.57
N SER A 76 -4.27 -0.02 8.10
CA SER A 76 -3.38 0.76 8.89
C SER A 76 -1.97 0.18 8.85
N PRO A 77 -0.94 1.03 9.04
CA PRO A 77 0.44 0.58 9.19
C PRO A 77 0.68 -0.01 10.58
N SER A 78 -0.26 0.19 11.47
CA SER A 78 -0.13 -0.27 12.83
C SER A 78 -0.56 -1.70 12.89
N LEU A 79 0.29 -2.51 13.44
CA LEU A 79 0.06 -3.90 13.47
C LEU A 79 -0.27 -4.39 14.85
N GLU A 80 -0.38 -3.47 15.81
CA GLU A 80 -0.72 -3.90 17.12
C GLU A 80 -2.20 -4.04 17.33
N GLY A 81 -2.65 -5.11 16.83
CA GLY A 81 -3.97 -5.58 16.99
C GLY A 81 -4.00 -6.94 16.37
N LEU A 82 -2.79 -7.49 16.27
CA LEU A 82 -2.48 -8.73 15.63
C LEU A 82 -1.44 -9.41 16.44
N THR A 83 -1.54 -10.67 16.53
CA THR A 83 -0.55 -11.44 17.16
C THR A 83 0.21 -12.12 16.04
N GLU A 84 1.07 -13.06 16.36
CA GLU A 84 1.89 -13.71 15.35
C GLU A 84 1.02 -14.31 14.24
N LYS A 85 -0.08 -14.95 14.60
CA LYS A 85 -0.99 -15.53 13.60
C LYS A 85 -1.61 -14.49 12.67
N GLU A 86 -2.08 -13.35 13.22
CA GLU A 86 -2.66 -12.35 12.41
C GLU A 86 -1.61 -11.75 11.53
N ILE A 87 -0.42 -11.57 12.10
CA ILE A 87 0.68 -11.07 11.35
C ILE A 87 1.03 -12.05 10.26
N ASN A 88 1.02 -13.36 10.56
CA ASN A 88 1.36 -14.42 9.58
C ASN A 88 0.56 -14.27 8.32
N THR A 89 -0.65 -13.84 8.48
CA THR A 89 -1.54 -13.66 7.38
C THR A 89 -1.03 -12.54 6.44
N LEU A 90 -0.68 -11.40 7.00
CA LEU A 90 -0.13 -10.27 6.25
C LEU A 90 1.28 -10.56 5.81
N ASN A 91 2.00 -11.22 6.66
CA ASN A 91 3.36 -11.65 6.43
C ASN A 91 3.43 -12.44 5.11
N ASP A 92 2.36 -13.16 4.83
CA ASP A 92 2.21 -13.89 3.59
C ASP A 92 1.87 -12.94 2.44
N TRP A 93 1.04 -11.96 2.74
CA TRP A 93 0.62 -10.93 1.80
C TRP A 93 1.76 -10.11 1.28
N GLU A 94 2.75 -9.87 2.12
CA GLU A 94 3.95 -9.16 1.72
C GLU A 94 4.55 -9.83 0.51
N THR A 95 4.58 -11.14 0.56
CA THR A 95 5.15 -11.99 -0.47
C THR A 95 4.32 -11.98 -1.74
N LYS A 96 3.05 -11.76 -1.59
CA LYS A 96 2.12 -11.83 -2.69
C LYS A 96 2.28 -10.60 -3.54
N PHE A 97 2.60 -9.54 -2.87
CA PHE A 97 2.95 -8.32 -3.51
C PHE A 97 4.41 -8.35 -3.97
N GLU A 98 5.27 -8.83 -3.09
CA GLU A 98 6.74 -8.91 -3.32
C GLU A 98 7.15 -9.68 -4.57
N ALA A 99 6.34 -10.60 -5.02
CA ALA A 99 6.71 -11.39 -6.15
C ALA A 99 6.11 -10.84 -7.41
N LYS A 100 5.29 -9.81 -7.27
CA LYS A 100 4.58 -9.26 -8.41
C LYS A 100 4.83 -7.78 -8.58
N TYR A 101 4.75 -7.05 -7.50
CA TYR A 101 4.92 -5.63 -7.50
C TYR A 101 6.28 -5.25 -6.92
N PRO A 102 6.93 -4.25 -7.52
CA PRO A 102 8.22 -3.79 -7.06
C PRO A 102 8.08 -2.76 -5.93
N VAL A 103 8.93 -2.90 -4.94
CA VAL A 103 9.02 -1.91 -3.88
C VAL A 103 9.76 -0.72 -4.45
N VAL A 104 9.03 0.33 -4.69
CA VAL A 104 9.59 1.50 -5.32
C VAL A 104 10.02 2.54 -4.30
N GLY A 105 9.86 2.25 -3.04
CA GLY A 105 10.32 3.14 -2.03
C GLY A 105 9.67 2.91 -0.70
N ARG A 106 9.49 3.95 0.04
CA ARG A 106 8.97 3.87 1.39
C ARG A 106 7.88 4.86 1.61
N VAL A 107 7.13 4.60 2.62
CA VAL A 107 6.25 5.56 3.12
C VAL A 107 6.67 5.85 4.53
N VAL A 108 6.75 7.08 4.83
CA VAL A 108 7.13 7.54 6.10
C VAL A 108 5.93 8.21 6.72
N SER A 109 5.70 7.97 7.95
CA SER A 109 4.51 8.41 8.54
C SER A 109 4.75 8.78 10.00
N MET A 1 7.11 16.99 -3.65
CA MET A 1 7.41 15.56 -3.43
C MET A 1 8.60 15.16 -4.24
N GLY A 2 9.34 14.21 -3.74
CA GLY A 2 10.49 13.73 -4.43
C GLY A 2 11.73 14.42 -3.96
N HIS A 3 12.56 13.70 -3.26
CA HIS A 3 13.78 14.24 -2.73
C HIS A 3 14.84 13.99 -3.77
N HIS A 4 15.77 14.91 -3.94
CA HIS A 4 16.81 14.69 -4.95
C HIS A 4 17.99 13.94 -4.34
N HIS A 5 17.70 13.21 -3.28
CA HIS A 5 18.64 12.32 -2.63
C HIS A 5 17.95 10.99 -2.38
N HIS A 6 18.11 10.09 -3.30
CA HIS A 6 17.56 8.76 -3.18
C HIS A 6 18.31 7.82 -4.11
N HIS A 7 17.94 6.57 -4.12
CA HIS A 7 18.51 5.61 -5.04
C HIS A 7 17.42 4.91 -5.82
N HIS A 8 16.89 3.85 -5.26
CA HIS A 8 15.78 3.18 -5.90
C HIS A 8 14.52 3.51 -5.13
N LEU A 9 14.65 3.60 -3.82
CA LEU A 9 13.52 3.94 -2.99
C LEU A 9 13.41 5.43 -2.87
N GLU A 10 12.24 5.89 -2.54
CA GLU A 10 12.02 7.26 -2.19
C GLU A 10 11.11 7.26 -0.97
N GLU A 11 11.26 8.27 -0.16
CA GLU A 11 10.46 8.40 0.98
C GLU A 11 9.14 9.01 0.67
N PHE A 12 8.14 8.31 1.03
CA PHE A 12 6.84 8.78 0.98
C PHE A 12 6.30 8.83 2.37
N THR A 13 5.66 9.89 2.72
CA THR A 13 5.04 9.93 4.00
C THR A 13 3.58 9.53 3.79
N ALA A 14 2.93 8.99 4.82
CA ALA A 14 1.57 8.41 4.68
C ALA A 14 0.54 9.40 4.18
N GLU A 15 0.54 10.59 4.74
CA GLU A 15 -0.36 11.65 4.34
C GLU A 15 -0.18 12.01 2.85
N GLN A 16 1.05 11.98 2.41
CA GLN A 16 1.43 12.26 1.05
C GLN A 16 1.11 11.10 0.13
N LEU A 17 1.19 9.89 0.68
CA LEU A 17 0.98 8.66 -0.04
C LEU A 17 -0.50 8.58 -0.44
N SER A 18 -1.36 9.14 0.40
CA SER A 18 -2.80 9.11 0.23
C SER A 18 -3.33 9.78 -1.06
N GLN A 19 -2.46 10.39 -1.83
CA GLN A 19 -2.86 10.99 -3.07
C GLN A 19 -2.60 10.02 -4.24
N TYR A 20 -1.92 8.92 -3.93
CA TYR A 20 -1.55 7.91 -4.93
C TYR A 20 -2.54 6.75 -4.86
N ASN A 21 -3.76 7.07 -4.51
CA ASN A 21 -4.81 6.08 -4.38
C ASN A 21 -5.36 5.62 -5.75
N GLY A 22 -5.10 6.41 -6.79
CA GLY A 22 -5.55 6.06 -8.12
C GLY A 22 -6.98 6.47 -8.33
N THR A 23 -7.52 7.11 -7.34
CA THR A 23 -8.86 7.53 -7.33
C THR A 23 -8.91 9.01 -7.69
N ASP A 24 -7.92 9.73 -7.23
CA ASP A 24 -7.85 11.15 -7.48
C ASP A 24 -7.04 11.46 -8.70
N GLU A 25 -7.71 12.00 -9.72
CA GLU A 25 -7.06 12.55 -10.94
C GLU A 25 -6.21 11.51 -11.68
N SER A 26 -6.53 10.24 -11.50
CA SER A 26 -5.81 9.10 -12.07
C SER A 26 -4.30 9.12 -11.72
N LYS A 27 -3.95 9.76 -10.59
CA LYS A 27 -2.55 9.85 -10.16
C LYS A 27 -1.98 8.46 -9.89
N PRO A 28 -0.63 8.29 -10.08
CA PRO A 28 0.06 7.00 -9.92
C PRO A 28 -0.37 6.25 -8.68
N ILE A 29 -0.68 4.99 -8.86
CA ILE A 29 -1.24 4.19 -7.80
C ILE A 29 -0.17 3.46 -7.03
N TYR A 30 -0.11 3.71 -5.75
CA TYR A 30 0.86 3.07 -4.89
C TYR A 30 0.22 2.58 -3.62
N VAL A 31 0.60 1.42 -3.22
CA VAL A 31 0.19 0.87 -1.95
C VAL A 31 1.42 0.76 -1.10
N ALA A 32 1.26 0.63 0.16
CA ALA A 32 2.38 0.43 1.00
C ALA A 32 2.13 -0.75 1.89
N ILE A 33 3.15 -1.53 2.13
CA ILE A 33 3.06 -2.66 3.01
C ILE A 33 4.19 -2.60 4.01
N LYS A 34 3.81 -2.38 5.26
CA LYS A 34 4.72 -2.41 6.39
C LYS A 34 5.79 -1.31 6.23
N GLY A 35 5.40 -0.25 5.55
CA GLY A 35 6.28 0.85 5.32
C GLY A 35 7.02 0.78 4.00
N ARG A 36 6.69 -0.18 3.16
CA ARG A 36 7.34 -0.27 1.87
C ARG A 36 6.32 -0.02 0.78
N VAL A 37 6.64 0.89 -0.10
CA VAL A 37 5.71 1.30 -1.15
C VAL A 37 5.90 0.47 -2.39
N PHE A 38 4.82 -0.12 -2.83
CA PHE A 38 4.81 -0.96 -4.01
C PHE A 38 4.04 -0.27 -5.12
N ASP A 39 4.50 -0.44 -6.32
CA ASP A 39 3.82 0.09 -7.48
C ASP A 39 2.77 -0.89 -7.89
N VAL A 40 1.54 -0.43 -7.99
CA VAL A 40 0.45 -1.29 -8.38
C VAL A 40 -0.24 -0.78 -9.63
N THR A 41 0.46 -0.01 -10.44
CA THR A 41 -0.12 0.49 -11.68
C THR A 41 -0.27 -0.66 -12.69
N THR A 42 0.63 -1.63 -12.56
CA THR A 42 0.61 -2.85 -13.35
C THR A 42 -0.63 -3.71 -12.97
N GLY A 43 -1.15 -3.49 -11.78
CA GLY A 43 -2.31 -4.20 -11.32
C GLY A 43 -3.46 -3.23 -11.06
N LYS A 44 -3.58 -2.23 -11.93
CA LYS A 44 -4.57 -1.17 -11.78
C LYS A 44 -5.98 -1.75 -11.73
N SER A 45 -6.20 -2.80 -12.51
CA SER A 45 -7.48 -3.49 -12.61
C SER A 45 -7.96 -4.03 -11.25
N PHE A 46 -7.06 -4.14 -10.31
CA PHE A 46 -7.40 -4.60 -8.99
C PHE A 46 -7.47 -3.41 -8.03
N TYR A 47 -6.50 -2.53 -8.17
CA TYR A 47 -6.36 -1.41 -7.25
C TYR A 47 -7.08 -0.14 -7.73
N GLY A 48 -6.52 0.56 -8.71
CA GLY A 48 -7.10 1.85 -9.14
C GLY A 48 -8.16 1.70 -10.21
N SER A 49 -8.94 0.67 -10.09
CA SER A 49 -9.98 0.35 -11.04
C SER A 49 -10.81 -0.79 -10.49
N GLY A 50 -10.18 -1.63 -9.68
CA GLY A 50 -10.88 -2.75 -9.10
C GLY A 50 -11.81 -2.34 -8.00
N GLY A 51 -11.59 -1.16 -7.44
CA GLY A 51 -12.45 -0.66 -6.38
C GLY A 51 -12.19 -1.29 -5.04
N ASP A 52 -12.27 -2.58 -5.02
CA ASP A 52 -12.12 -3.37 -3.81
C ASP A 52 -10.73 -3.23 -3.19
N TYR A 53 -9.72 -3.25 -4.02
CA TYR A 53 -8.35 -3.11 -3.54
C TYR A 53 -7.88 -1.67 -3.61
N SER A 54 -8.80 -0.77 -3.87
CA SER A 54 -8.47 0.64 -3.99
C SER A 54 -8.25 1.24 -2.60
N MET A 55 -8.70 0.52 -1.57
CA MET A 55 -8.60 0.98 -0.19
C MET A 55 -7.15 0.90 0.26
N PHE A 56 -6.43 0.02 -0.39
CA PHE A 56 -5.05 -0.25 -0.09
C PHE A 56 -4.16 0.80 -0.72
N ALA A 57 -4.67 1.46 -1.73
CA ALA A 57 -3.90 2.43 -2.46
C ALA A 57 -3.89 3.76 -1.74
N GLY A 58 -2.71 4.32 -1.63
CA GLY A 58 -2.52 5.56 -0.94
C GLY A 58 -2.46 5.38 0.56
N LYS A 59 -2.33 4.17 0.99
CA LYS A 59 -2.30 3.87 2.38
C LYS A 59 -1.38 2.70 2.59
N ASP A 60 -0.88 2.55 3.78
CA ASP A 60 -0.16 1.37 4.06
C ASP A 60 -1.17 0.38 4.52
N ALA A 61 -1.13 -0.77 3.98
CA ALA A 61 -2.13 -1.73 4.23
C ALA A 61 -1.63 -2.89 5.05
N SER A 62 -0.56 -2.68 5.81
CA SER A 62 0.06 -3.75 6.59
C SER A 62 -0.98 -4.44 7.50
N ARG A 63 -1.82 -3.66 8.15
CA ARG A 63 -2.86 -4.20 9.01
C ARG A 63 -4.01 -4.80 8.19
N ALA A 64 -4.28 -4.19 7.04
CA ALA A 64 -5.44 -4.54 6.20
C ALA A 64 -5.18 -5.84 5.52
N LEU A 65 -3.96 -6.06 5.19
CA LEU A 65 -3.51 -7.28 4.60
C LEU A 65 -3.73 -8.44 5.60
N GLY A 66 -3.31 -8.21 6.84
CA GLY A 66 -3.42 -9.23 7.87
C GLY A 66 -4.87 -9.54 8.21
N LYS A 67 -5.62 -8.51 8.49
CA LYS A 67 -7.01 -8.58 8.78
C LYS A 67 -7.82 -9.04 7.56
N MET A 68 -7.32 -8.69 6.38
CA MET A 68 -7.93 -9.01 5.08
C MET A 68 -9.14 -8.15 4.91
N SER A 69 -9.12 -7.06 5.63
CA SER A 69 -10.17 -6.13 5.72
C SER A 69 -9.89 -4.93 4.84
N LYS A 70 -10.92 -4.49 4.20
CA LYS A 70 -10.86 -3.45 3.20
C LYS A 70 -11.36 -2.14 3.76
N ASN A 71 -12.05 -2.24 4.86
CA ASN A 71 -12.53 -1.08 5.57
C ASN A 71 -11.41 -0.16 5.99
N GLU A 72 -11.59 1.10 5.66
CA GLU A 72 -10.61 2.15 5.88
C GLU A 72 -10.17 2.34 7.33
N GLU A 73 -10.98 1.90 8.24
CA GLU A 73 -10.67 1.88 9.65
C GLU A 73 -9.48 0.97 9.87
N ASP A 74 -9.49 -0.13 9.19
CA ASP A 74 -8.54 -1.20 9.39
C ASP A 74 -7.25 -0.92 8.63
N VAL A 75 -7.39 -0.30 7.48
CA VAL A 75 -6.25 -0.06 6.58
C VAL A 75 -5.27 0.93 7.28
N SER A 76 -4.07 0.44 7.61
CA SER A 76 -3.12 1.16 8.43
C SER A 76 -1.74 0.42 8.41
N PRO A 77 -0.60 1.17 8.60
CA PRO A 77 0.76 0.59 8.68
C PRO A 77 1.08 0.00 10.05
N SER A 78 0.18 0.21 10.98
CA SER A 78 0.36 -0.24 12.34
C SER A 78 -0.13 -1.63 12.46
N LEU A 79 0.55 -2.38 13.29
CA LEU A 79 0.17 -3.70 13.52
C LEU A 79 -0.52 -3.83 14.85
N GLU A 80 -0.88 -2.66 15.37
CA GLU A 80 -1.75 -2.45 16.50
C GLU A 80 -1.49 -3.37 17.68
N GLY A 81 -2.22 -4.48 17.71
CA GLY A 81 -2.09 -5.45 18.72
C GLY A 81 -2.36 -6.81 18.16
N LEU A 82 -2.00 -6.94 16.91
CA LEU A 82 -2.17 -8.15 16.15
C LEU A 82 -1.25 -9.24 16.64
N THR A 83 -1.72 -10.45 16.61
CA THR A 83 -0.96 -11.57 17.06
C THR A 83 -0.13 -12.13 15.91
N GLU A 84 0.63 -13.17 16.20
CA GLU A 84 1.54 -13.76 15.24
C GLU A 84 0.88 -14.13 13.92
N LYS A 85 -0.28 -14.79 13.97
CA LYS A 85 -0.89 -15.27 12.73
C LYS A 85 -1.51 -14.12 11.93
N GLU A 86 -1.90 -13.07 12.65
CA GLU A 86 -2.51 -11.91 12.08
C GLU A 86 -1.50 -11.20 11.24
N ILE A 87 -0.37 -10.96 11.85
CA ILE A 87 0.74 -10.32 11.23
C ILE A 87 1.26 -11.20 10.08
N ASN A 88 1.35 -12.50 10.31
CA ASN A 88 1.84 -13.44 9.30
C ASN A 88 1.03 -13.43 8.05
N THR A 89 -0.25 -13.20 8.20
CA THR A 89 -1.12 -13.12 7.08
C THR A 89 -0.70 -11.99 6.13
N LEU A 90 -0.29 -10.85 6.69
CA LEU A 90 0.10 -9.71 5.88
C LEU A 90 1.43 -10.03 5.27
N ASN A 91 2.22 -10.76 6.03
CA ASN A 91 3.49 -11.22 5.59
C ASN A 91 3.38 -12.08 4.33
N ASP A 92 2.34 -12.94 4.28
CA ASP A 92 2.07 -13.74 3.06
C ASP A 92 1.70 -12.79 1.94
N TRP A 93 0.88 -11.82 2.29
CA TRP A 93 0.46 -10.75 1.41
C TRP A 93 1.61 -10.01 0.80
N GLU A 94 2.52 -9.59 1.62
CA GLU A 94 3.67 -8.87 1.16
C GLU A 94 4.48 -9.75 0.20
N THR A 95 4.57 -11.02 0.52
CA THR A 95 5.23 -12.04 -0.30
C THR A 95 4.59 -12.14 -1.70
N LYS A 96 3.31 -11.81 -1.80
CA LYS A 96 2.62 -11.86 -3.07
C LYS A 96 3.04 -10.69 -3.89
N PHE A 97 3.12 -9.56 -3.23
CA PHE A 97 3.62 -8.36 -3.83
C PHE A 97 5.09 -8.56 -4.20
N GLU A 98 5.80 -9.21 -3.33
CA GLU A 98 7.20 -9.61 -3.50
C GLU A 98 7.43 -10.44 -4.78
N ALA A 99 6.37 -11.03 -5.31
CA ALA A 99 6.49 -11.86 -6.47
C ALA A 99 6.02 -11.14 -7.72
N LYS A 100 5.45 -9.94 -7.56
CA LYS A 100 4.94 -9.21 -8.70
C LYS A 100 5.25 -7.73 -8.61
N TYR A 101 4.65 -7.11 -7.65
CA TYR A 101 4.72 -5.67 -7.47
C TYR A 101 6.07 -5.18 -6.91
N PRO A 102 6.70 -4.22 -7.58
CA PRO A 102 8.01 -3.69 -7.18
C PRO A 102 7.93 -2.67 -6.04
N VAL A 103 8.90 -2.74 -5.16
CA VAL A 103 9.03 -1.78 -4.08
C VAL A 103 9.71 -0.54 -4.64
N VAL A 104 8.95 0.49 -4.82
CA VAL A 104 9.46 1.72 -5.41
C VAL A 104 9.83 2.76 -4.36
N GLY A 105 9.64 2.43 -3.11
CA GLY A 105 10.02 3.34 -2.06
C GLY A 105 9.52 2.92 -0.72
N ARG A 106 9.44 3.86 0.19
CA ARG A 106 8.98 3.59 1.53
C ARG A 106 7.90 4.50 1.89
N VAL A 107 7.17 4.11 2.87
CA VAL A 107 6.26 5.00 3.45
C VAL A 107 6.65 5.15 4.89
N VAL A 108 6.59 6.34 5.34
CA VAL A 108 6.99 6.69 6.66
C VAL A 108 5.87 7.47 7.29
N SER A 109 5.57 7.19 8.50
CA SER A 109 4.57 7.95 9.15
C SER A 109 4.83 8.06 10.64
N MET A 1 10.92 13.32 5.20
CA MET A 1 9.62 13.92 5.02
C MET A 1 9.69 14.89 3.87
N GLY A 2 9.17 14.49 2.74
CA GLY A 2 9.17 15.35 1.59
C GLY A 2 10.45 15.23 0.79
N HIS A 3 11.18 14.15 0.97
CA HIS A 3 12.37 13.90 0.18
C HIS A 3 12.15 12.66 -0.62
N HIS A 4 11.53 12.81 -1.77
CA HIS A 4 11.14 11.69 -2.57
C HIS A 4 12.32 10.93 -3.15
N HIS A 5 13.22 11.63 -3.79
CA HIS A 5 14.31 10.97 -4.45
C HIS A 5 15.53 10.86 -3.53
N HIS A 6 15.84 9.65 -3.16
CA HIS A 6 17.05 9.34 -2.41
C HIS A 6 18.00 8.62 -3.32
N HIS A 7 19.05 8.07 -2.79
CA HIS A 7 19.97 7.32 -3.60
C HIS A 7 20.00 5.87 -3.13
N HIS A 8 18.88 5.18 -3.36
CA HIS A 8 18.69 3.77 -3.02
C HIS A 8 17.26 3.38 -3.36
N LEU A 9 16.32 4.19 -2.89
CA LEU A 9 14.91 4.00 -3.12
C LEU A 9 14.17 5.31 -2.93
N GLU A 10 12.90 5.35 -3.26
CA GLU A 10 12.13 6.57 -3.18
C GLU A 10 11.28 6.66 -1.90
N GLU A 11 11.34 7.80 -1.25
CA GLU A 11 10.61 8.08 -0.05
C GLU A 11 9.30 8.76 -0.34
N PHE A 12 8.31 8.26 0.27
CA PHE A 12 7.04 8.84 0.30
C PHE A 12 6.72 9.17 1.71
N THR A 13 6.19 10.30 1.94
CA THR A 13 5.74 10.58 3.25
C THR A 13 4.24 10.33 3.28
N ALA A 14 3.70 9.95 4.41
CA ALA A 14 2.30 9.46 4.52
C ALA A 14 1.25 10.41 3.95
N GLU A 15 1.35 11.68 4.31
CA GLU A 15 0.41 12.69 3.82
C GLU A 15 0.48 12.80 2.30
N GLN A 16 1.66 12.65 1.80
CA GLN A 16 1.95 12.71 0.38
C GLN A 16 1.56 11.41 -0.35
N LEU A 17 1.81 10.27 0.30
CA LEU A 17 1.51 8.93 -0.24
C LEU A 17 0.00 8.81 -0.46
N SER A 18 -0.77 9.40 0.44
CA SER A 18 -2.23 9.35 0.41
C SER A 18 -2.80 10.00 -0.86
N GLN A 19 -1.96 10.71 -1.57
CA GLN A 19 -2.38 11.41 -2.75
C GLN A 19 -2.15 10.55 -3.99
N TYR A 20 -1.48 9.44 -3.80
CA TYR A 20 -1.22 8.52 -4.87
C TYR A 20 -2.05 7.27 -4.73
N ASN A 21 -3.30 7.37 -5.12
CA ASN A 21 -4.22 6.26 -5.03
C ASN A 21 -4.96 6.03 -6.33
N GLY A 22 -4.71 6.89 -7.30
CA GLY A 22 -5.24 6.69 -8.63
C GLY A 22 -6.57 7.35 -8.89
N THR A 23 -7.04 8.20 -7.99
CA THR A 23 -8.32 8.82 -8.24
C THR A 23 -8.16 10.22 -8.85
N ASP A 24 -7.08 10.92 -8.51
CA ASP A 24 -6.90 12.27 -9.01
C ASP A 24 -6.22 12.24 -10.36
N GLU A 25 -7.03 12.25 -11.42
CA GLU A 25 -6.54 12.17 -12.83
C GLU A 25 -5.77 10.88 -13.05
N SER A 26 -5.99 9.94 -12.14
CA SER A 26 -5.32 8.70 -12.10
C SER A 26 -3.81 8.86 -11.90
N LYS A 27 -3.44 9.38 -10.73
CA LYS A 27 -2.01 9.49 -10.37
C LYS A 27 -1.45 8.08 -10.19
N PRO A 28 -0.11 7.90 -10.27
CA PRO A 28 0.53 6.59 -10.00
C PRO A 28 0.03 6.02 -8.68
N ILE A 29 -0.28 4.77 -8.68
CA ILE A 29 -0.94 4.18 -7.55
C ILE A 29 0.06 3.37 -6.76
N TYR A 30 0.11 3.61 -5.49
CA TYR A 30 1.03 2.92 -4.62
C TYR A 30 0.32 2.37 -3.43
N VAL A 31 0.89 1.35 -2.86
CA VAL A 31 0.42 0.76 -1.63
C VAL A 31 1.59 0.66 -0.69
N ALA A 32 1.33 0.53 0.57
CA ALA A 32 2.39 0.38 1.51
C ALA A 32 2.14 -0.81 2.42
N ILE A 33 3.16 -1.60 2.60
CA ILE A 33 3.13 -2.75 3.48
C ILE A 33 4.38 -2.69 4.32
N LYS A 34 4.24 -2.45 5.62
CA LYS A 34 5.40 -2.25 6.51
C LYS A 34 6.27 -1.09 6.04
N GLY A 35 5.62 -0.11 5.43
CA GLY A 35 6.31 1.04 4.91
C GLY A 35 6.83 0.81 3.52
N ARG A 36 6.80 -0.42 3.08
CA ARG A 36 7.26 -0.80 1.77
C ARG A 36 6.25 -0.39 0.74
N VAL A 37 6.62 0.55 -0.06
CA VAL A 37 5.74 1.08 -1.06
C VAL A 37 5.90 0.33 -2.37
N PHE A 38 4.85 -0.29 -2.79
CA PHE A 38 4.83 -1.02 -4.05
C PHE A 38 4.01 -0.24 -5.05
N ASP A 39 4.43 -0.27 -6.30
CA ASP A 39 3.68 0.40 -7.36
C ASP A 39 2.65 -0.53 -7.93
N VAL A 40 1.41 -0.17 -7.78
CA VAL A 40 0.31 -0.97 -8.28
C VAL A 40 -0.38 -0.27 -9.42
N THR A 41 0.32 0.65 -10.05
CA THR A 41 -0.22 1.40 -11.17
C THR A 41 -0.55 0.45 -12.35
N THR A 42 0.21 -0.64 -12.45
CA THR A 42 -0.02 -1.64 -13.48
C THR A 42 -1.34 -2.39 -13.21
N GLY A 43 -1.77 -2.40 -11.97
CA GLY A 43 -2.98 -3.06 -11.57
C GLY A 43 -4.02 -2.07 -11.16
N LYS A 44 -4.12 -0.99 -11.91
CA LYS A 44 -5.02 0.09 -11.65
C LYS A 44 -6.47 -0.39 -11.51
N SER A 45 -6.83 -1.37 -12.32
CA SER A 45 -8.17 -1.92 -12.33
C SER A 45 -8.52 -2.58 -10.98
N PHE A 46 -7.51 -2.95 -10.23
CA PHE A 46 -7.72 -3.59 -8.96
C PHE A 46 -7.63 -2.60 -7.81
N TYR A 47 -6.75 -1.63 -7.93
CA TYR A 47 -6.54 -0.68 -6.86
C TYR A 47 -7.21 0.69 -7.08
N GLY A 48 -6.79 1.43 -8.10
CA GLY A 48 -7.23 2.81 -8.25
C GLY A 48 -8.62 3.00 -8.82
N SER A 49 -9.04 2.12 -9.69
CA SER A 49 -10.31 2.29 -10.38
C SER A 49 -11.48 1.70 -9.59
N GLY A 50 -11.30 1.54 -8.29
CA GLY A 50 -12.34 0.98 -7.47
C GLY A 50 -12.41 -0.51 -7.64
N GLY A 51 -11.28 -1.15 -7.48
CA GLY A 51 -11.22 -2.57 -7.63
C GLY A 51 -11.43 -3.27 -6.30
N ASP A 52 -11.07 -4.55 -6.24
CA ASP A 52 -11.20 -5.36 -5.01
C ASP A 52 -10.14 -4.97 -3.98
N TYR A 53 -9.14 -4.25 -4.45
CA TYR A 53 -8.05 -3.81 -3.62
C TYR A 53 -8.03 -2.28 -3.56
N SER A 54 -9.18 -1.67 -3.75
CA SER A 54 -9.30 -0.24 -3.81
C SER A 54 -8.93 0.43 -2.48
N MET A 55 -9.19 -0.25 -1.37
CA MET A 55 -8.93 0.32 -0.03
C MET A 55 -7.45 0.39 0.26
N PHE A 56 -6.69 -0.36 -0.50
CA PHE A 56 -5.25 -0.47 -0.32
C PHE A 56 -4.54 0.68 -1.02
N ALA A 57 -5.22 1.29 -1.97
CA ALA A 57 -4.63 2.36 -2.77
C ALA A 57 -4.23 3.58 -1.93
N GLY A 58 -2.95 3.84 -1.90
CA GLY A 58 -2.35 4.97 -1.22
C GLY A 58 -2.53 4.96 0.27
N LYS A 59 -2.50 3.80 0.87
CA LYS A 59 -2.51 3.70 2.24
C LYS A 59 -1.66 2.50 2.64
N ASP A 60 -1.07 2.54 3.82
CA ASP A 60 -0.38 1.37 4.31
C ASP A 60 -1.45 0.42 4.77
N ALA A 61 -1.44 -0.75 4.23
CA ALA A 61 -2.49 -1.68 4.45
C ALA A 61 -2.01 -2.91 5.18
N SER A 62 -0.94 -2.78 5.94
CA SER A 62 -0.35 -3.92 6.66
C SER A 62 -1.39 -4.63 7.55
N ARG A 63 -2.20 -3.83 8.25
CA ARG A 63 -3.24 -4.37 9.10
C ARG A 63 -4.34 -5.04 8.28
N ALA A 64 -4.64 -4.48 7.12
CA ALA A 64 -5.75 -4.94 6.28
C ALA A 64 -5.39 -6.25 5.70
N LEU A 65 -4.13 -6.40 5.42
CA LEU A 65 -3.57 -7.60 4.92
C LEU A 65 -3.73 -8.73 5.94
N GLY A 66 -3.39 -8.44 7.18
CA GLY A 66 -3.50 -9.44 8.22
C GLY A 66 -4.94 -9.78 8.55
N LYS A 67 -5.79 -8.76 8.53
CA LYS A 67 -7.19 -8.93 8.84
C LYS A 67 -7.96 -9.54 7.66
N MET A 68 -7.45 -9.31 6.45
CA MET A 68 -8.03 -9.78 5.17
C MET A 68 -9.27 -8.98 4.90
N SER A 69 -9.27 -7.83 5.47
CA SER A 69 -10.39 -6.97 5.47
C SER A 69 -10.15 -5.76 4.62
N LYS A 70 -11.22 -5.31 4.06
CA LYS A 70 -11.26 -4.19 3.19
C LYS A 70 -11.86 -3.02 3.92
N ASN A 71 -12.56 -3.30 5.01
CA ASN A 71 -13.13 -2.25 5.83
C ASN A 71 -12.05 -1.27 6.27
N GLU A 72 -12.33 0.01 6.06
CA GLU A 72 -11.37 1.09 6.20
C GLU A 72 -10.76 1.20 7.59
N GLU A 73 -11.45 0.67 8.60
CA GLU A 73 -10.92 0.72 9.96
C GLU A 73 -9.67 -0.16 10.08
N ASP A 74 -9.63 -1.25 9.32
CA ASP A 74 -8.51 -2.17 9.39
C ASP A 74 -7.44 -1.84 8.39
N VAL A 75 -7.65 -0.86 7.55
CA VAL A 75 -6.60 -0.49 6.63
C VAL A 75 -5.72 0.51 7.36
N SER A 76 -4.58 0.05 7.84
CA SER A 76 -3.70 0.85 8.65
C SER A 76 -2.31 0.24 8.68
N PRO A 77 -1.27 1.08 8.88
CA PRO A 77 0.10 0.60 9.10
C PRO A 77 0.26 -0.05 10.48
N SER A 78 -0.66 0.31 11.38
CA SER A 78 -0.62 -0.14 12.75
C SER A 78 -1.08 -1.57 12.83
N LEU A 79 -0.33 -2.34 13.55
CA LEU A 79 -0.60 -3.71 13.67
C LEU A 79 -1.03 -3.96 15.06
N GLU A 80 -2.25 -3.67 15.28
CA GLU A 80 -2.83 -3.74 16.57
C GLU A 80 -4.04 -4.65 16.52
N GLY A 81 -4.11 -5.53 17.48
CA GLY A 81 -5.16 -6.52 17.50
C GLY A 81 -4.69 -7.69 16.71
N LEU A 82 -3.40 -7.71 16.53
CA LEU A 82 -2.74 -8.68 15.74
C LEU A 82 -1.72 -9.40 16.52
N THR A 83 -1.97 -10.64 16.62
CA THR A 83 -1.16 -11.57 17.24
C THR A 83 -0.09 -11.95 16.24
N GLU A 84 0.90 -12.68 16.68
CA GLU A 84 2.00 -12.99 15.83
C GLU A 84 1.58 -13.79 14.57
N LYS A 85 0.65 -14.76 14.72
CA LYS A 85 0.18 -15.52 13.52
C LYS A 85 -0.62 -14.59 12.60
N GLU A 86 -1.23 -13.59 13.19
CA GLU A 86 -2.04 -12.64 12.50
C GLU A 86 -1.17 -11.74 11.67
N ILE A 87 -0.05 -11.37 12.23
CA ILE A 87 0.92 -10.58 11.55
C ILE A 87 1.55 -11.41 10.43
N ASN A 88 1.87 -12.67 10.75
CA ASN A 88 2.41 -13.63 9.76
C ASN A 88 1.54 -13.75 8.55
N THR A 89 0.26 -13.58 8.77
CA THR A 89 -0.69 -13.62 7.72
C THR A 89 -0.39 -12.50 6.69
N LEU A 90 -0.11 -11.28 7.18
CA LEU A 90 0.13 -10.13 6.31
C LEU A 90 1.49 -10.30 5.70
N ASN A 91 2.36 -10.93 6.45
CA ASN A 91 3.69 -11.25 5.98
C ASN A 91 3.63 -12.06 4.65
N ASP A 92 2.69 -12.99 4.57
CA ASP A 92 2.43 -13.74 3.31
C ASP A 92 1.85 -12.80 2.27
N TRP A 93 1.07 -11.86 2.74
CA TRP A 93 0.49 -10.82 1.92
C TRP A 93 1.52 -9.91 1.30
N GLU A 94 2.62 -9.68 2.00
CA GLU A 94 3.73 -8.93 1.43
C GLU A 94 4.15 -9.60 0.17
N THR A 95 4.43 -10.87 0.30
CA THR A 95 4.89 -11.77 -0.75
C THR A 95 3.99 -11.77 -2.00
N LYS A 96 2.74 -11.44 -1.80
CA LYS A 96 1.76 -11.43 -2.86
C LYS A 96 1.98 -10.19 -3.69
N PHE A 97 2.34 -9.15 -3.03
CA PHE A 97 2.67 -7.91 -3.64
C PHE A 97 4.11 -7.94 -4.14
N GLU A 98 4.99 -8.50 -3.32
CA GLU A 98 6.43 -8.62 -3.59
C GLU A 98 6.76 -9.29 -4.93
N ALA A 99 5.88 -10.14 -5.41
CA ALA A 99 6.13 -10.86 -6.64
C ALA A 99 5.39 -10.25 -7.82
N LYS A 100 4.50 -9.34 -7.53
CA LYS A 100 3.66 -8.78 -8.55
C LYS A 100 3.97 -7.34 -8.81
N TYR A 101 4.40 -6.65 -7.79
CA TYR A 101 4.61 -5.24 -7.87
C TYR A 101 5.99 -4.91 -7.35
N PRO A 102 6.64 -3.90 -7.91
CA PRO A 102 7.95 -3.48 -7.47
C PRO A 102 7.86 -2.64 -6.20
N VAL A 103 8.69 -2.93 -5.25
CA VAL A 103 8.74 -2.14 -4.07
C VAL A 103 9.68 -0.97 -4.32
N VAL A 104 9.08 0.11 -4.73
CA VAL A 104 9.80 1.28 -5.19
C VAL A 104 10.44 2.04 -4.06
N GLY A 105 9.89 1.97 -2.88
CA GLY A 105 10.48 2.67 -1.81
C GLY A 105 9.77 2.52 -0.51
N ARG A 106 9.66 3.60 0.19
CA ARG A 106 9.11 3.60 1.51
C ARG A 106 8.14 4.67 1.71
N VAL A 107 7.32 4.49 2.69
CA VAL A 107 6.53 5.52 3.18
C VAL A 107 6.99 5.80 4.59
N VAL A 108 7.12 7.02 4.90
CA VAL A 108 7.65 7.45 6.13
C VAL A 108 6.75 8.46 6.75
N SER A 109 6.52 8.38 8.02
CA SER A 109 5.96 9.51 8.64
C SER A 109 6.41 9.62 10.09
N MET A 1 0.90 12.90 -13.62
CA MET A 1 2.29 13.02 -14.06
C MET A 1 3.20 12.29 -13.07
N GLY A 2 3.79 11.20 -13.51
CA GLY A 2 4.69 10.43 -12.69
C GLY A 2 5.42 9.44 -13.53
N HIS A 3 6.16 8.51 -12.89
CA HIS A 3 6.91 7.45 -13.62
C HIS A 3 7.95 8.07 -14.54
N HIS A 4 8.35 7.30 -15.58
CA HIS A 4 9.31 7.74 -16.61
C HIS A 4 10.76 7.71 -16.11
N HIS A 5 11.09 8.58 -15.18
CA HIS A 5 12.44 8.63 -14.65
C HIS A 5 12.44 8.88 -13.16
N HIS A 6 12.71 7.84 -12.41
CA HIS A 6 12.90 7.92 -10.98
C HIS A 6 14.05 7.02 -10.61
N HIS A 7 15.24 7.60 -10.58
CA HIS A 7 16.46 6.84 -10.33
C HIS A 7 16.50 6.38 -8.88
N HIS A 8 16.23 7.29 -7.97
CA HIS A 8 16.14 6.92 -6.57
C HIS A 8 14.73 6.51 -6.27
N LEU A 9 14.53 5.78 -5.20
CA LEU A 9 13.19 5.38 -4.86
C LEU A 9 12.46 6.54 -4.18
N GLU A 10 11.18 6.51 -4.20
CA GLU A 10 10.37 7.62 -3.68
C GLU A 10 10.00 7.44 -2.22
N GLU A 11 10.39 8.39 -1.41
CA GLU A 11 9.95 8.44 -0.07
C GLU A 11 8.65 9.16 -0.02
N PHE A 12 7.71 8.53 0.50
CA PHE A 12 6.46 9.07 0.74
C PHE A 12 6.18 9.00 2.18
N THR A 13 5.40 9.89 2.65
CA THR A 13 4.94 9.81 3.99
C THR A 13 3.51 9.28 3.90
N ALA A 14 2.98 8.74 4.96
CA ALA A 14 1.67 8.04 4.90
C ALA A 14 0.53 8.89 4.34
N GLU A 15 0.38 10.11 4.82
CA GLU A 15 -0.70 11.01 4.35
C GLU A 15 -0.44 11.44 2.91
N GLN A 16 0.83 11.53 2.60
CA GLN A 16 1.29 11.92 1.30
C GLN A 16 1.14 10.79 0.28
N LEU A 17 1.26 9.57 0.76
CA LEU A 17 1.04 8.39 -0.05
C LEU A 17 -0.44 8.37 -0.38
N SER A 18 -1.26 8.74 0.61
CA SER A 18 -2.71 8.82 0.49
C SER A 18 -3.16 9.96 -0.45
N GLN A 19 -2.22 10.58 -1.12
CA GLN A 19 -2.51 11.56 -2.12
C GLN A 19 -2.50 10.91 -3.49
N TYR A 20 -2.01 9.66 -3.53
CA TYR A 20 -1.93 8.88 -4.77
C TYR A 20 -2.66 7.57 -4.58
N ASN A 21 -3.94 7.60 -4.80
CA ASN A 21 -4.76 6.43 -4.57
C ASN A 21 -5.31 5.93 -5.90
N GLY A 22 -5.17 6.72 -6.94
CA GLY A 22 -5.64 6.33 -8.25
C GLY A 22 -6.97 6.90 -8.60
N THR A 23 -7.77 7.13 -7.61
CA THR A 23 -9.08 7.70 -7.80
C THR A 23 -8.95 9.20 -7.88
N ASP A 24 -7.74 9.63 -7.69
CA ASP A 24 -7.39 10.99 -7.71
C ASP A 24 -6.81 11.40 -9.03
N GLU A 25 -7.69 11.70 -9.98
CA GLU A 25 -7.33 12.21 -11.33
C GLU A 25 -6.46 11.23 -12.10
N SER A 26 -6.48 10.01 -11.65
CA SER A 26 -5.77 8.90 -12.25
C SER A 26 -4.25 9.09 -12.11
N LYS A 27 -3.82 9.59 -10.96
CA LYS A 27 -2.40 9.69 -10.68
C LYS A 27 -1.87 8.28 -10.33
N PRO A 28 -0.53 8.05 -10.43
CA PRO A 28 0.07 6.74 -10.14
C PRO A 28 -0.38 6.17 -8.80
N ILE A 29 -0.79 4.94 -8.82
CA ILE A 29 -1.36 4.31 -7.65
C ILE A 29 -0.26 3.58 -6.91
N TYR A 30 -0.20 3.78 -5.63
CA TYR A 30 0.80 3.15 -4.82
C TYR A 30 0.19 2.48 -3.62
N VAL A 31 0.72 1.35 -3.29
CA VAL A 31 0.38 0.66 -2.08
C VAL A 31 1.63 0.57 -1.26
N ALA A 32 1.48 0.33 -0.01
CA ALA A 32 2.62 0.18 0.80
C ALA A 32 2.42 -0.92 1.80
N ILE A 33 3.47 -1.67 2.04
CA ILE A 33 3.45 -2.75 3.00
C ILE A 33 4.76 -2.67 3.75
N LYS A 34 4.68 -2.48 5.06
CA LYS A 34 5.86 -2.40 5.91
C LYS A 34 6.72 -1.19 5.60
N GLY A 35 6.10 -0.17 5.05
CA GLY A 35 6.81 1.03 4.75
C GLY A 35 7.49 0.97 3.41
N ARG A 36 7.15 -0.01 2.63
CA ARG A 36 7.72 -0.17 1.32
C ARG A 36 6.65 0.12 0.31
N VAL A 37 6.91 1.03 -0.56
CA VAL A 37 5.94 1.46 -1.55
C VAL A 37 6.08 0.64 -2.81
N PHE A 38 4.98 0.09 -3.24
CA PHE A 38 4.94 -0.71 -4.44
C PHE A 38 4.09 0.02 -5.45
N ASP A 39 4.50 0.01 -6.69
CA ASP A 39 3.73 0.64 -7.74
C ASP A 39 2.72 -0.35 -8.25
N VAL A 40 1.47 0.01 -8.20
CA VAL A 40 0.42 -0.90 -8.62
C VAL A 40 -0.33 -0.40 -9.83
N THR A 41 0.31 0.41 -10.67
CA THR A 41 -0.35 0.86 -11.89
C THR A 41 -0.51 -0.34 -12.84
N THR A 42 0.39 -1.30 -12.68
CA THR A 42 0.36 -2.56 -13.41
C THR A 42 -0.91 -3.36 -13.04
N GLY A 43 -1.47 -3.06 -11.87
CA GLY A 43 -2.68 -3.71 -11.44
C GLY A 43 -3.72 -2.69 -11.08
N LYS A 44 -3.76 -1.62 -11.87
CA LYS A 44 -4.66 -0.49 -11.63
C LYS A 44 -6.11 -0.95 -11.60
N SER A 45 -6.41 -1.95 -12.40
CA SER A 45 -7.74 -2.53 -12.50
C SER A 45 -8.24 -3.04 -11.12
N PHE A 46 -7.32 -3.33 -10.22
CA PHE A 46 -7.66 -3.78 -8.89
C PHE A 46 -7.71 -2.59 -7.93
N TYR A 47 -6.69 -1.75 -7.98
CA TYR A 47 -6.53 -0.67 -7.01
C TYR A 47 -7.13 0.66 -7.48
N GLY A 48 -6.60 1.22 -8.55
CA GLY A 48 -6.98 2.57 -8.98
C GLY A 48 -8.20 2.61 -9.85
N SER A 49 -9.03 1.60 -9.77
CA SER A 49 -10.23 1.56 -10.53
C SER A 49 -11.43 1.53 -9.59
N GLY A 50 -11.14 1.76 -8.31
CA GLY A 50 -12.16 1.73 -7.31
C GLY A 50 -12.62 0.33 -7.04
N GLY A 51 -11.67 -0.57 -6.92
CA GLY A 51 -12.00 -1.94 -6.68
C GLY A 51 -12.00 -2.26 -5.20
N ASP A 52 -12.10 -3.52 -4.88
CA ASP A 52 -12.07 -3.99 -3.49
C ASP A 52 -10.76 -3.61 -2.84
N TYR A 53 -9.73 -3.65 -3.63
CA TYR A 53 -8.40 -3.37 -3.17
C TYR A 53 -8.03 -1.90 -3.28
N SER A 54 -9.05 -1.04 -3.43
CA SER A 54 -8.84 0.40 -3.47
C SER A 54 -8.54 0.92 -2.06
N MET A 55 -8.72 0.04 -1.08
CA MET A 55 -8.45 0.35 0.33
C MET A 55 -6.97 0.39 0.54
N PHE A 56 -6.27 -0.33 -0.32
CA PHE A 56 -4.84 -0.47 -0.26
C PHE A 56 -4.18 0.63 -1.05
N ALA A 57 -4.97 1.25 -1.89
CA ALA A 57 -4.51 2.29 -2.75
C ALA A 57 -4.30 3.57 -1.98
N GLY A 58 -3.06 3.98 -1.87
CA GLY A 58 -2.72 5.20 -1.19
C GLY A 58 -2.54 4.94 0.26
N LYS A 59 -2.27 3.71 0.58
CA LYS A 59 -2.24 3.28 1.93
C LYS A 59 -1.17 2.26 2.20
N ASP A 60 -0.54 2.38 3.35
CA ASP A 60 0.29 1.31 3.85
C ASP A 60 -0.69 0.41 4.53
N ALA A 61 -1.08 -0.59 3.84
CA ALA A 61 -2.18 -1.42 4.23
C ALA A 61 -1.74 -2.66 4.94
N SER A 62 -0.63 -2.56 5.64
CA SER A 62 -0.07 -3.68 6.35
C SER A 62 -1.11 -4.33 7.32
N ARG A 63 -1.85 -3.51 8.07
CA ARG A 63 -2.85 -4.06 8.99
C ARG A 63 -4.04 -4.66 8.23
N ALA A 64 -4.34 -4.10 7.06
CA ALA A 64 -5.50 -4.52 6.30
C ALA A 64 -5.22 -5.85 5.71
N LEU A 65 -3.99 -6.06 5.37
CA LEU A 65 -3.51 -7.31 4.86
C LEU A 65 -3.68 -8.42 5.86
N GLY A 66 -3.31 -8.18 7.09
CA GLY A 66 -3.36 -9.22 8.08
C GLY A 66 -4.73 -9.60 8.52
N LYS A 67 -5.66 -8.71 8.36
CA LYS A 67 -7.02 -8.98 8.76
C LYS A 67 -7.86 -9.27 7.55
N MET A 68 -7.25 -9.08 6.38
CA MET A 68 -7.91 -9.13 5.06
C MET A 68 -8.81 -7.90 4.91
N SER A 69 -9.66 -7.69 5.91
CA SER A 69 -10.49 -6.50 6.12
C SER A 69 -11.18 -5.90 4.88
N LYS A 70 -10.43 -5.03 4.19
CA LYS A 70 -10.86 -4.21 3.08
C LYS A 70 -11.81 -3.09 3.52
N ASN A 71 -11.84 -2.83 4.80
CA ASN A 71 -12.48 -1.62 5.28
C ASN A 71 -11.41 -0.62 5.66
N GLU A 72 -11.67 0.67 5.42
CA GLU A 72 -10.71 1.76 5.70
C GLU A 72 -10.27 1.83 7.16
N GLU A 73 -11.08 1.24 8.04
CA GLU A 73 -10.83 1.25 9.48
C GLU A 73 -9.55 0.47 9.80
N ASP A 74 -9.36 -0.66 9.13
CA ASP A 74 -8.20 -1.52 9.42
C ASP A 74 -7.03 -1.21 8.54
N VAL A 75 -7.21 -0.30 7.63
CA VAL A 75 -6.13 0.08 6.75
C VAL A 75 -5.23 1.07 7.50
N SER A 76 -4.01 0.64 7.76
CA SER A 76 -3.11 1.35 8.65
C SER A 76 -1.74 0.64 8.61
N PRO A 77 -0.63 1.39 8.78
CA PRO A 77 0.71 0.82 8.80
C PRO A 77 1.00 0.05 10.11
N SER A 78 0.30 0.40 11.16
CA SER A 78 0.52 -0.21 12.45
C SER A 78 -0.06 -1.59 12.56
N LEU A 79 0.70 -2.46 13.17
CA LEU A 79 0.37 -3.85 13.28
C LEU A 79 0.03 -4.21 14.71
N GLU A 80 -0.02 -3.22 15.54
CA GLU A 80 -0.33 -3.41 16.93
C GLU A 80 -1.77 -3.88 17.07
N GLY A 81 -1.94 -4.91 17.82
CA GLY A 81 -3.25 -5.40 18.07
C GLY A 81 -3.42 -6.74 17.43
N LEU A 82 -2.68 -6.92 16.37
CA LEU A 82 -2.71 -8.10 15.60
C LEU A 82 -2.03 -9.25 16.30
N THR A 83 -2.62 -10.39 16.18
CA THR A 83 -2.07 -11.60 16.71
C THR A 83 -1.30 -12.33 15.60
N GLU A 84 -0.74 -13.48 15.90
CA GLU A 84 0.07 -14.19 14.94
C GLU A 84 -0.68 -14.61 13.69
N LYS A 85 -1.91 -15.06 13.84
CA LYS A 85 -2.73 -15.49 12.68
C LYS A 85 -2.92 -14.30 11.72
N GLU A 86 -3.03 -13.13 12.33
CA GLU A 86 -3.31 -11.92 11.66
C GLU A 86 -2.07 -11.42 10.99
N ILE A 87 -1.02 -11.32 11.75
CA ILE A 87 0.22 -10.89 11.22
C ILE A 87 0.71 -11.87 10.14
N ASN A 88 0.55 -13.18 10.38
CA ASN A 88 0.98 -14.19 9.37
C ASN A 88 0.30 -14.01 8.06
N THR A 89 -0.95 -13.62 8.10
CA THR A 89 -1.69 -13.39 6.91
C THR A 89 -1.04 -12.26 6.07
N LEU A 90 -0.71 -11.17 6.72
CA LEU A 90 -0.05 -10.03 6.09
C LEU A 90 1.40 -10.36 5.77
N ASN A 91 2.04 -11.07 6.68
CA ASN A 91 3.43 -11.50 6.59
C ASN A 91 3.62 -12.28 5.28
N ASP A 92 2.58 -13.02 4.92
CA ASP A 92 2.52 -13.73 3.66
C ASP A 92 2.23 -12.75 2.51
N TRP A 93 1.24 -11.86 2.73
CA TRP A 93 0.84 -10.84 1.75
C TRP A 93 1.97 -9.97 1.29
N GLU A 94 2.88 -9.64 2.19
CA GLU A 94 4.07 -8.86 1.87
C GLU A 94 4.73 -9.44 0.64
N THR A 95 5.07 -10.68 0.76
CA THR A 95 5.74 -11.50 -0.22
C THR A 95 4.96 -11.57 -1.55
N LYS A 96 3.65 -11.52 -1.45
CA LYS A 96 2.78 -11.71 -2.59
C LYS A 96 2.82 -10.46 -3.45
N PHE A 97 2.97 -9.37 -2.78
CA PHE A 97 3.15 -8.12 -3.42
C PHE A 97 4.60 -7.96 -3.82
N GLU A 98 5.51 -8.29 -2.91
CA GLU A 98 6.95 -8.21 -3.09
C GLU A 98 7.49 -9.01 -4.29
N ALA A 99 6.73 -9.97 -4.78
CA ALA A 99 7.17 -10.80 -5.87
C ALA A 99 6.49 -10.40 -7.17
N LYS A 100 5.51 -9.52 -7.09
CA LYS A 100 4.76 -9.11 -8.26
C LYS A 100 4.90 -7.63 -8.53
N TYR A 101 4.86 -6.85 -7.49
CA TYR A 101 4.95 -5.43 -7.59
C TYR A 101 6.32 -4.99 -7.12
N PRO A 102 6.97 -4.12 -7.87
CA PRO A 102 8.29 -3.63 -7.52
C PRO A 102 8.24 -2.58 -6.41
N VAL A 103 9.18 -2.67 -5.49
CA VAL A 103 9.34 -1.67 -4.46
C VAL A 103 9.93 -0.43 -5.09
N VAL A 104 9.10 0.56 -5.27
CA VAL A 104 9.52 1.78 -5.92
C VAL A 104 9.78 2.88 -4.91
N GLY A 105 9.59 2.58 -3.64
CA GLY A 105 9.86 3.58 -2.67
C GLY A 105 9.65 3.16 -1.25
N ARG A 106 9.55 4.14 -0.42
CA ARG A 106 9.46 4.03 1.00
C ARG A 106 8.32 4.86 1.48
N VAL A 107 7.59 4.37 2.42
CA VAL A 107 6.62 5.18 3.03
C VAL A 107 6.99 5.31 4.49
N VAL A 108 7.13 6.51 4.88
CA VAL A 108 7.57 6.85 6.17
C VAL A 108 6.37 7.40 6.93
N SER A 109 6.25 7.12 8.19
CA SER A 109 5.10 7.55 8.89
C SER A 109 5.41 7.89 10.35
N MET A 1 4.93 16.18 2.05
CA MET A 1 6.32 15.76 1.96
C MET A 1 6.43 14.48 1.14
N GLY A 2 6.94 14.61 -0.05
CA GLY A 2 7.15 13.48 -0.92
C GLY A 2 8.44 13.69 -1.65
N HIS A 3 9.41 12.85 -1.39
CA HIS A 3 10.74 13.00 -1.96
C HIS A 3 11.45 11.68 -1.86
N HIS A 4 12.41 11.42 -2.73
CA HIS A 4 13.15 10.17 -2.55
C HIS A 4 14.02 10.31 -1.30
N HIS A 5 14.11 9.26 -0.51
CA HIS A 5 14.84 9.36 0.77
C HIS A 5 16.34 9.47 0.48
N HIS A 6 16.77 8.66 -0.46
CA HIS A 6 18.13 8.63 -0.96
C HIS A 6 18.08 7.74 -2.17
N HIS A 7 19.20 7.34 -2.72
CA HIS A 7 19.17 6.39 -3.85
C HIS A 7 18.84 4.98 -3.38
N HIS A 8 17.58 4.82 -3.00
CA HIS A 8 16.96 3.58 -2.55
C HIS A 8 15.66 3.95 -1.87
N LEU A 9 14.55 3.65 -2.54
CA LEU A 9 13.19 3.87 -2.03
C LEU A 9 12.81 5.36 -1.92
N GLU A 10 11.87 5.75 -2.74
CA GLU A 10 11.32 7.06 -2.70
C GLU A 10 10.34 7.21 -1.52
N GLU A 11 10.64 8.11 -0.64
CA GLU A 11 9.88 8.30 0.56
C GLU A 11 8.61 9.11 0.36
N PHE A 12 7.57 8.57 0.83
CA PHE A 12 6.29 9.12 0.87
C PHE A 12 5.86 9.24 2.29
N THR A 13 4.98 10.12 2.58
CA THR A 13 4.45 10.17 3.89
C THR A 13 3.00 9.66 3.79
N ALA A 14 2.49 9.06 4.85
CA ALA A 14 1.20 8.35 4.79
C ALA A 14 0.01 9.24 4.48
N GLU A 15 -0.01 10.45 5.04
CA GLU A 15 -1.08 11.39 4.73
C GLU A 15 -0.98 11.83 3.26
N GLN A 16 0.24 11.86 2.76
CA GLN A 16 0.47 12.22 1.39
C GLN A 16 0.14 11.07 0.45
N LEU A 17 0.44 9.86 0.88
CA LEU A 17 0.26 8.66 0.08
C LEU A 17 -1.20 8.41 -0.26
N SER A 18 -2.09 8.81 0.63
CA SER A 18 -3.53 8.53 0.50
C SER A 18 -4.20 9.27 -0.67
N GLN A 19 -3.40 9.91 -1.48
CA GLN A 19 -3.87 10.62 -2.64
C GLN A 19 -3.51 9.83 -3.88
N TYR A 20 -2.62 8.89 -3.69
CA TYR A 20 -2.10 8.02 -4.75
C TYR A 20 -2.94 6.75 -4.84
N ASN A 21 -4.23 6.93 -4.67
CA ASN A 21 -5.18 5.82 -4.73
C ASN A 21 -5.49 5.41 -6.17
N GLY A 22 -5.14 6.27 -7.10
CA GLY A 22 -5.29 5.95 -8.50
C GLY A 22 -6.60 6.34 -9.09
N THR A 23 -7.55 6.76 -8.30
CA THR A 23 -8.80 7.12 -8.85
C THR A 23 -8.88 8.60 -9.07
N ASP A 24 -7.89 9.32 -8.59
CA ASP A 24 -7.89 10.73 -8.82
C ASP A 24 -7.35 11.00 -10.19
N GLU A 25 -8.24 10.91 -11.17
CA GLU A 25 -7.99 11.12 -12.56
C GLU A 25 -7.10 10.06 -13.13
N SER A 26 -5.88 10.08 -12.71
CA SER A 26 -4.87 9.30 -13.28
C SER A 26 -3.59 9.35 -12.42
N LYS A 27 -3.70 9.72 -11.13
CA LYS A 27 -2.50 9.77 -10.28
C LYS A 27 -1.92 8.36 -10.06
N PRO A 28 -0.57 8.25 -9.92
CA PRO A 28 0.12 6.96 -9.64
C PRO A 28 -0.47 6.26 -8.42
N ILE A 29 -0.40 4.94 -8.41
CA ILE A 29 -1.01 4.16 -7.36
C ILE A 29 0.07 3.37 -6.63
N TYR A 30 0.02 3.33 -5.33
CA TYR A 30 1.04 2.71 -4.55
C TYR A 30 0.44 2.08 -3.34
N VAL A 31 1.00 1.00 -2.91
CA VAL A 31 0.55 0.33 -1.71
C VAL A 31 1.73 0.08 -0.78
N ALA A 32 1.56 0.31 0.50
CA ALA A 32 2.66 0.19 1.42
C ALA A 32 2.52 -0.99 2.39
N ILE A 33 3.51 -1.85 2.38
CA ILE A 33 3.57 -3.02 3.25
C ILE A 33 4.91 -3.00 3.98
N LYS A 34 4.87 -2.87 5.31
CA LYS A 34 6.09 -2.78 6.20
C LYS A 34 6.79 -1.45 5.99
N GLY A 35 6.13 -0.57 5.28
CA GLY A 35 6.67 0.71 4.99
C GLY A 35 7.24 0.78 3.59
N ARG A 36 7.41 -0.38 2.97
CA ARG A 36 7.90 -0.47 1.63
C ARG A 36 6.74 -0.17 0.72
N VAL A 37 6.95 0.70 -0.21
CA VAL A 37 5.91 1.07 -1.13
C VAL A 37 6.02 0.25 -2.41
N PHE A 38 4.94 -0.33 -2.82
CA PHE A 38 4.86 -1.15 -4.02
C PHE A 38 4.11 -0.37 -5.09
N ASP A 39 4.54 -0.46 -6.33
CA ASP A 39 3.81 0.22 -7.40
C ASP A 39 2.66 -0.63 -7.87
N VAL A 40 1.50 -0.06 -7.84
CA VAL A 40 0.33 -0.72 -8.34
C VAL A 40 -0.37 0.17 -9.35
N THR A 41 0.38 1.16 -9.86
CA THR A 41 -0.09 2.03 -10.92
C THR A 41 -0.26 1.18 -12.15
N THR A 42 0.68 0.27 -12.29
CA THR A 42 0.71 -0.70 -13.33
C THR A 42 -0.50 -1.66 -13.26
N GLY A 43 -1.11 -1.76 -12.08
CA GLY A 43 -2.28 -2.58 -11.90
C GLY A 43 -3.49 -1.73 -11.55
N LYS A 44 -3.63 -0.61 -12.24
CA LYS A 44 -4.68 0.34 -12.03
C LYS A 44 -6.08 -0.27 -12.22
N SER A 45 -6.20 -1.24 -13.06
CA SER A 45 -7.48 -1.88 -13.28
C SER A 45 -7.85 -2.82 -12.13
N PHE A 46 -6.92 -3.04 -11.20
CA PHE A 46 -7.19 -3.90 -10.05
C PHE A 46 -7.20 -3.10 -8.74
N TYR A 47 -6.37 -2.07 -8.67
CA TYR A 47 -6.25 -1.24 -7.47
C TYR A 47 -6.88 0.14 -7.60
N GLY A 48 -6.80 0.72 -8.78
CA GLY A 48 -7.25 2.09 -8.96
C GLY A 48 -8.69 2.20 -9.42
N SER A 49 -8.89 2.05 -10.71
CA SER A 49 -10.19 2.28 -11.32
C SER A 49 -11.04 1.00 -11.32
N GLY A 50 -10.48 -0.02 -10.75
CA GLY A 50 -11.14 -1.29 -10.62
C GLY A 50 -10.74 -1.84 -9.30
N GLY A 51 -10.50 -0.90 -8.41
CA GLY A 51 -9.96 -1.17 -7.12
C GLY A 51 -10.78 -2.02 -6.20
N ASP A 52 -10.53 -3.31 -6.24
CA ASP A 52 -11.10 -4.23 -5.26
C ASP A 52 -10.26 -4.10 -4.01
N TYR A 53 -9.05 -3.68 -4.25
CA TYR A 53 -8.07 -3.42 -3.23
C TYR A 53 -7.81 -1.91 -3.20
N SER A 54 -8.86 -1.14 -3.43
CA SER A 54 -8.76 0.33 -3.49
C SER A 54 -8.34 0.93 -2.12
N MET A 55 -8.44 0.14 -1.05
CA MET A 55 -7.96 0.59 0.28
C MET A 55 -6.49 0.32 0.44
N PHE A 56 -5.95 -0.40 -0.50
CA PHE A 56 -4.54 -0.67 -0.56
C PHE A 56 -3.94 0.39 -1.45
N ALA A 57 -4.67 0.70 -2.48
CA ALA A 57 -4.33 1.72 -3.43
C ALA A 57 -4.21 3.07 -2.75
N GLY A 58 -3.01 3.54 -2.61
CA GLY A 58 -2.78 4.81 -2.02
C GLY A 58 -2.82 4.75 -0.53
N LYS A 59 -2.75 3.57 0.02
CA LYS A 59 -2.85 3.45 1.40
C LYS A 59 -2.00 2.33 1.98
N ASP A 60 -1.34 2.71 3.06
CA ASP A 60 -0.58 1.84 3.90
C ASP A 60 -1.45 0.71 4.44
N ALA A 61 -1.35 -0.43 3.81
CA ALA A 61 -2.21 -1.55 4.08
C ALA A 61 -1.50 -2.64 4.86
N SER A 62 -0.45 -2.27 5.57
CA SER A 62 0.33 -3.24 6.33
C SER A 62 -0.55 -3.98 7.38
N ARG A 63 -1.29 -3.23 8.18
CA ARG A 63 -2.23 -3.83 9.13
C ARG A 63 -3.40 -4.49 8.40
N ALA A 64 -3.75 -3.94 7.24
CA ALA A 64 -4.96 -4.34 6.52
C ALA A 64 -4.82 -5.73 6.04
N LEU A 65 -3.62 -6.06 5.72
CA LEU A 65 -3.26 -7.35 5.26
C LEU A 65 -3.53 -8.45 6.29
N GLY A 66 -3.41 -8.13 7.55
CA GLY A 66 -3.67 -9.14 8.57
C GLY A 66 -5.09 -9.06 9.08
N LYS A 67 -5.83 -8.12 8.57
CA LYS A 67 -7.22 -7.91 8.98
C LYS A 67 -8.13 -8.38 7.86
N MET A 68 -7.78 -7.96 6.63
CA MET A 68 -8.46 -8.28 5.37
C MET A 68 -9.71 -7.42 5.26
N SER A 69 -9.73 -6.44 6.12
CA SER A 69 -10.75 -5.48 6.25
C SER A 69 -10.43 -4.27 5.42
N LYS A 70 -11.46 -3.73 4.84
CA LYS A 70 -11.35 -2.62 3.92
C LYS A 70 -11.76 -1.33 4.58
N ASN A 71 -12.26 -1.45 5.77
CA ASN A 71 -12.58 -0.29 6.57
C ASN A 71 -11.28 0.39 6.98
N GLU A 72 -11.24 1.69 6.83
CA GLU A 72 -10.01 2.48 6.95
C GLU A 72 -9.30 2.33 8.28
N GLU A 73 -10.03 2.09 9.35
CA GLU A 73 -9.41 2.01 10.67
C GLU A 73 -8.58 0.75 10.86
N ASP A 74 -8.82 -0.25 10.02
CA ASP A 74 -8.01 -1.47 10.06
C ASP A 74 -6.89 -1.41 9.04
N VAL A 75 -6.83 -0.33 8.30
CA VAL A 75 -5.77 -0.13 7.32
C VAL A 75 -4.74 0.84 7.95
N SER A 76 -3.52 0.39 8.14
CA SER A 76 -2.51 1.16 8.86
C SER A 76 -1.11 0.61 8.51
N PRO A 77 -0.02 1.43 8.66
CA PRO A 77 1.35 0.98 8.38
C PRO A 77 1.98 0.32 9.61
N SER A 78 1.27 0.39 10.71
CA SER A 78 1.74 -0.15 11.93
C SER A 78 1.21 -1.54 12.07
N LEU A 79 1.89 -2.33 12.83
CA LEU A 79 1.51 -3.66 12.99
C LEU A 79 1.06 -3.87 14.37
N GLU A 80 -0.12 -3.48 14.57
CA GLU A 80 -0.77 -3.55 15.79
C GLU A 80 -2.20 -3.79 15.47
N GLY A 81 -2.88 -4.37 16.36
CA GLY A 81 -4.22 -4.73 16.10
C GLY A 81 -4.21 -6.09 15.46
N LEU A 82 -3.08 -6.74 15.64
CA LEU A 82 -2.77 -7.98 15.06
C LEU A 82 -2.04 -8.82 16.09
N THR A 83 -2.44 -10.03 16.25
CA THR A 83 -1.69 -10.95 17.04
C THR A 83 -0.71 -11.67 16.06
N GLU A 84 0.18 -12.54 16.55
CA GLU A 84 1.17 -13.21 15.70
C GLU A 84 0.52 -13.90 14.51
N LYS A 85 -0.56 -14.61 14.77
CA LYS A 85 -1.30 -15.32 13.75
C LYS A 85 -1.84 -14.36 12.69
N GLU A 86 -2.29 -13.21 13.14
CA GLU A 86 -2.83 -12.20 12.25
C GLU A 86 -1.74 -11.60 11.43
N ILE A 87 -0.58 -11.53 12.00
CA ILE A 87 0.53 -10.98 11.30
C ILE A 87 0.96 -11.95 10.24
N ASN A 88 0.86 -13.24 10.55
CA ASN A 88 1.19 -14.31 9.61
C ASN A 88 0.44 -14.15 8.32
N THR A 89 -0.78 -13.69 8.43
CA THR A 89 -1.61 -13.46 7.29
C THR A 89 -1.00 -12.37 6.37
N LEU A 90 -0.57 -11.29 6.97
CA LEU A 90 0.07 -10.18 6.27
C LEU A 90 1.47 -10.56 5.82
N ASN A 91 2.15 -11.29 6.67
CA ASN A 91 3.50 -11.77 6.43
C ASN A 91 3.52 -12.58 5.12
N ASP A 92 2.44 -13.34 4.93
CA ASP A 92 2.20 -14.08 3.71
C ASP A 92 1.96 -13.11 2.55
N TRP A 93 1.11 -12.09 2.81
CA TRP A 93 0.76 -11.07 1.85
C TRP A 93 1.94 -10.32 1.29
N GLU A 94 2.89 -9.98 2.16
CA GLU A 94 4.13 -9.30 1.76
C GLU A 94 4.75 -10.03 0.61
N THR A 95 5.05 -11.25 0.89
CA THR A 95 5.71 -12.19 0.06
C THR A 95 5.03 -12.32 -1.32
N LYS A 96 3.72 -12.23 -1.33
CA LYS A 96 2.97 -12.44 -2.53
C LYS A 96 3.07 -11.24 -3.40
N PHE A 97 2.92 -10.12 -2.77
CA PHE A 97 2.95 -8.87 -3.44
C PHE A 97 4.36 -8.49 -3.83
N GLU A 98 5.29 -8.84 -2.97
CA GLU A 98 6.71 -8.62 -3.19
C GLU A 98 7.24 -9.35 -4.42
N ALA A 99 6.53 -10.36 -4.86
CA ALA A 99 6.95 -11.11 -6.01
C ALA A 99 6.28 -10.58 -7.27
N LYS A 100 5.26 -9.75 -7.11
CA LYS A 100 4.49 -9.27 -8.20
C LYS A 100 4.86 -7.87 -8.53
N TYR A 101 4.85 -7.06 -7.52
CA TYR A 101 5.08 -5.66 -7.67
C TYR A 101 6.45 -5.30 -7.14
N PRO A 102 7.19 -4.48 -7.87
CA PRO A 102 8.48 -3.99 -7.41
C PRO A 102 8.28 -2.95 -6.33
N VAL A 103 9.05 -3.01 -5.29
CA VAL A 103 8.89 -2.05 -4.23
C VAL A 103 9.66 -0.78 -4.50
N VAL A 104 8.93 0.26 -4.80
CA VAL A 104 9.46 1.52 -5.13
C VAL A 104 9.06 2.61 -4.13
N GLY A 105 9.59 2.52 -2.94
CA GLY A 105 9.39 3.58 -2.03
C GLY A 105 9.33 3.18 -0.59
N ARG A 106 9.13 4.18 0.21
CA ARG A 106 9.05 4.10 1.64
C ARG A 106 7.97 5.02 2.10
N VAL A 107 7.08 4.53 2.89
CA VAL A 107 6.09 5.39 3.47
C VAL A 107 6.54 5.69 4.90
N VAL A 108 6.41 6.90 5.29
CA VAL A 108 6.81 7.33 6.59
C VAL A 108 5.66 7.98 7.27
N SER A 109 5.56 7.83 8.55
CA SER A 109 4.49 8.48 9.22
C SER A 109 4.93 8.90 10.60
N MET A 1 12.35 14.45 3.45
CA MET A 1 13.72 14.44 2.91
C MET A 1 13.70 14.65 1.41
N GLY A 2 14.27 15.75 0.97
CA GLY A 2 14.36 16.04 -0.43
C GLY A 2 15.60 15.43 -1.01
N HIS A 3 15.47 14.64 -2.04
CA HIS A 3 16.63 13.97 -2.63
C HIS A 3 16.43 13.67 -4.10
N HIS A 4 15.55 14.46 -4.73
CA HIS A 4 15.26 14.41 -6.18
C HIS A 4 14.55 13.13 -6.61
N HIS A 5 13.36 13.28 -7.13
CA HIS A 5 12.60 12.13 -7.60
C HIS A 5 12.72 11.99 -9.11
N HIS A 6 13.82 11.43 -9.55
CA HIS A 6 14.05 11.10 -10.96
C HIS A 6 14.84 9.82 -11.01
N HIS A 7 14.13 8.70 -11.07
CA HIS A 7 14.75 7.34 -11.07
C HIS A 7 15.38 6.98 -9.73
N HIS A 8 15.33 7.90 -8.79
CA HIS A 8 15.74 7.63 -7.43
C HIS A 8 14.53 7.12 -6.73
N LEU A 9 14.69 6.35 -5.67
CA LEU A 9 13.53 5.81 -5.03
C LEU A 9 12.65 6.83 -4.35
N GLU A 10 11.44 6.46 -4.17
CA GLU A 10 10.41 7.32 -3.74
C GLU A 10 10.22 7.34 -2.26
N GLU A 11 10.49 8.46 -1.68
CA GLU A 11 10.11 8.70 -0.37
C GLU A 11 8.75 9.28 -0.37
N PHE A 12 7.87 8.56 0.14
CA PHE A 12 6.57 9.01 0.33
C PHE A 12 6.37 9.31 1.75
N THR A 13 5.53 10.21 2.02
CA THR A 13 5.15 10.47 3.35
C THR A 13 3.67 10.08 3.46
N ALA A 14 3.27 9.59 4.60
CA ALA A 14 1.97 8.89 4.76
C ALA A 14 0.70 9.70 4.38
N GLU A 15 0.58 10.95 4.84
CA GLU A 15 -0.58 11.78 4.47
C GLU A 15 -0.59 12.11 3.01
N GLN A 16 0.59 12.23 2.47
CA GLN A 16 0.77 12.52 1.07
C GLN A 16 0.46 11.29 0.21
N LEU A 17 0.78 10.12 0.74
CA LEU A 17 0.54 8.86 0.06
C LEU A 17 -0.95 8.60 -0.13
N SER A 18 -1.75 9.19 0.75
CA SER A 18 -3.20 8.99 0.80
C SER A 18 -3.94 9.40 -0.50
N GLN A 19 -3.21 10.02 -1.41
CA GLN A 19 -3.80 10.50 -2.65
C GLN A 19 -3.38 9.64 -3.83
N TYR A 20 -2.50 8.73 -3.59
CA TYR A 20 -1.99 7.82 -4.61
C TYR A 20 -2.84 6.55 -4.72
N ASN A 21 -4.14 6.72 -4.57
CA ASN A 21 -5.09 5.62 -4.69
C ASN A 21 -5.60 5.46 -6.13
N GLY A 22 -5.27 6.43 -6.95
CA GLY A 22 -5.58 6.37 -8.37
C GLY A 22 -7.04 6.64 -8.73
N THR A 23 -7.83 7.18 -7.82
CA THR A 23 -9.23 7.46 -8.16
C THR A 23 -9.36 8.82 -8.84
N ASP A 24 -8.35 9.65 -8.64
CA ASP A 24 -8.34 10.99 -9.17
C ASP A 24 -7.49 11.04 -10.42
N GLU A 25 -8.12 11.10 -11.61
CA GLU A 25 -7.40 11.15 -12.93
C GLU A 25 -6.50 9.94 -13.11
N SER A 26 -6.72 8.96 -12.25
CA SER A 26 -5.89 7.81 -12.15
C SER A 26 -4.42 8.26 -11.87
N LYS A 27 -4.21 8.86 -10.70
CA LYS A 27 -2.86 9.24 -10.28
C LYS A 27 -2.10 7.97 -9.96
N PRO A 28 -0.73 7.98 -10.04
CA PRO A 28 0.10 6.80 -9.73
C PRO A 28 -0.36 6.09 -8.47
N ILE A 29 -0.41 4.79 -8.51
CA ILE A 29 -1.02 4.01 -7.48
C ILE A 29 0.03 3.29 -6.68
N TYR A 30 0.08 3.57 -5.40
CA TYR A 30 1.09 2.98 -4.55
C TYR A 30 0.49 2.41 -3.30
N VAL A 31 0.94 1.25 -2.96
CA VAL A 31 0.57 0.60 -1.72
C VAL A 31 1.81 0.49 -0.88
N ALA A 32 1.65 0.33 0.39
CA ALA A 32 2.79 0.17 1.24
C ALA A 32 2.56 -0.94 2.22
N ILE A 33 3.58 -1.74 2.43
CA ILE A 33 3.56 -2.81 3.40
C ILE A 33 4.84 -2.70 4.21
N LYS A 34 4.72 -2.39 5.49
CA LYS A 34 5.86 -2.16 6.38
C LYS A 34 6.70 -0.98 5.94
N GLY A 35 6.05 -0.03 5.32
CA GLY A 35 6.69 1.17 4.90
C GLY A 35 7.35 1.03 3.56
N ARG A 36 7.23 -0.13 2.96
CA ARG A 36 7.80 -0.34 1.67
C ARG A 36 6.74 -0.12 0.64
N VAL A 37 6.97 0.80 -0.23
CA VAL A 37 6.01 1.15 -1.22
C VAL A 37 6.20 0.34 -2.48
N PHE A 38 5.17 -0.33 -2.87
CA PHE A 38 5.17 -1.14 -4.06
C PHE A 38 4.34 -0.45 -5.12
N ASP A 39 4.80 -0.47 -6.35
CA ASP A 39 4.04 0.13 -7.44
C ASP A 39 2.97 -0.80 -7.93
N VAL A 40 1.74 -0.42 -7.71
CA VAL A 40 0.63 -1.19 -8.19
C VAL A 40 -0.08 -0.45 -9.31
N THR A 41 0.59 0.57 -9.83
CA THR A 41 0.08 1.33 -10.95
C THR A 41 0.00 0.40 -12.17
N THR A 42 0.90 -0.57 -12.20
CA THR A 42 0.94 -1.58 -13.23
C THR A 42 -0.27 -2.55 -13.11
N GLY A 43 -0.82 -2.67 -11.91
CA GLY A 43 -1.98 -3.53 -11.68
C GLY A 43 -3.18 -2.68 -11.35
N LYS A 44 -3.29 -1.60 -12.09
CA LYS A 44 -4.27 -0.57 -11.90
C LYS A 44 -5.71 -1.09 -11.96
N SER A 45 -5.93 -2.13 -12.74
CA SER A 45 -7.25 -2.69 -12.92
C SER A 45 -7.80 -3.29 -11.61
N PHE A 46 -6.90 -3.62 -10.69
CA PHE A 46 -7.29 -4.18 -9.41
C PHE A 46 -7.37 -3.09 -8.36
N TYR A 47 -6.36 -2.23 -8.32
CA TYR A 47 -6.25 -1.23 -7.28
C TYR A 47 -6.91 0.11 -7.65
N GLY A 48 -6.27 0.90 -8.49
CA GLY A 48 -6.77 2.23 -8.79
C GLY A 48 -7.72 2.26 -9.95
N SER A 49 -8.82 1.61 -9.77
CA SER A 49 -9.83 1.53 -10.78
C SER A 49 -11.19 1.53 -10.07
N GLY A 50 -11.16 1.94 -8.80
CA GLY A 50 -12.33 1.86 -7.97
C GLY A 50 -12.64 0.42 -7.68
N GLY A 51 -11.60 -0.39 -7.62
CA GLY A 51 -11.76 -1.79 -7.41
C GLY A 51 -11.82 -2.17 -5.96
N ASP A 52 -11.83 -3.45 -5.72
CA ASP A 52 -11.93 -4.01 -4.36
C ASP A 52 -10.64 -3.78 -3.59
N TYR A 53 -9.56 -3.56 -4.32
CA TYR A 53 -8.26 -3.33 -3.72
C TYR A 53 -7.94 -1.84 -3.61
N SER A 54 -8.95 -0.99 -3.77
CA SER A 54 -8.75 0.45 -3.75
C SER A 54 -8.42 0.97 -2.35
N MET A 55 -8.56 0.12 -1.33
CA MET A 55 -8.27 0.54 0.05
C MET A 55 -6.80 0.42 0.34
N PHE A 56 -6.13 -0.42 -0.42
CA PHE A 56 -4.71 -0.61 -0.27
C PHE A 56 -4.01 0.47 -1.03
N ALA A 57 -4.66 0.90 -2.09
CA ALA A 57 -4.16 1.92 -2.95
C ALA A 57 -4.10 3.25 -2.21
N GLY A 58 -2.91 3.81 -2.15
CA GLY A 58 -2.72 5.08 -1.50
C GLY A 58 -2.66 4.96 0.00
N LYS A 59 -2.46 3.76 0.49
CA LYS A 59 -2.42 3.55 1.91
C LYS A 59 -1.46 2.44 2.27
N ASP A 60 -0.76 2.58 3.38
CA ASP A 60 0.01 1.47 3.89
C ASP A 60 -1.00 0.50 4.47
N ALA A 61 -0.89 -0.73 4.10
CA ALA A 61 -1.89 -1.69 4.42
C ALA A 61 -1.38 -2.78 5.34
N SER A 62 -0.35 -2.49 6.12
CA SER A 62 0.25 -3.48 7.01
C SER A 62 -0.79 -4.14 7.95
N ARG A 63 -1.64 -3.34 8.58
CA ARG A 63 -2.68 -3.88 9.45
C ARG A 63 -3.81 -4.50 8.61
N ALA A 64 -4.09 -3.88 7.48
CA ALA A 64 -5.25 -4.26 6.63
C ALA A 64 -5.07 -5.65 6.13
N LEU A 65 -3.86 -5.91 5.76
CA LEU A 65 -3.44 -7.17 5.27
C LEU A 65 -3.64 -8.29 6.26
N GLY A 66 -3.38 -8.06 7.51
CA GLY A 66 -3.53 -9.11 8.48
C GLY A 66 -4.95 -9.27 8.94
N LYS A 67 -5.70 -8.21 8.84
CA LYS A 67 -7.11 -8.25 9.23
C LYS A 67 -7.96 -8.78 8.09
N MET A 68 -7.51 -8.47 6.86
CA MET A 68 -8.20 -8.80 5.59
C MET A 68 -9.34 -7.87 5.43
N SER A 69 -9.23 -6.79 6.13
CA SER A 69 -10.23 -5.82 6.22
C SER A 69 -9.90 -4.64 5.36
N LYS A 70 -10.89 -4.18 4.69
CA LYS A 70 -10.81 -3.11 3.74
C LYS A 70 -11.36 -1.85 4.37
N ASN A 71 -12.03 -2.02 5.48
CA ASN A 71 -12.56 -0.92 6.25
C ASN A 71 -11.46 -0.02 6.75
N GLU A 72 -11.73 1.26 6.70
CA GLU A 72 -10.79 2.32 7.05
C GLU A 72 -10.22 2.18 8.46
N GLU A 73 -11.00 1.57 9.32
CA GLU A 73 -10.62 1.32 10.67
C GLU A 73 -9.41 0.37 10.75
N ASP A 74 -9.40 -0.62 9.89
CA ASP A 74 -8.35 -1.62 9.95
C ASP A 74 -7.27 -1.40 8.90
N VAL A 75 -7.44 -0.41 8.05
CA VAL A 75 -6.40 -0.13 7.09
C VAL A 75 -5.45 0.86 7.72
N SER A 76 -4.23 0.43 7.92
CA SER A 76 -3.29 1.15 8.72
C SER A 76 -1.84 0.66 8.50
N PRO A 77 -0.83 1.55 8.77
CA PRO A 77 0.61 1.27 8.54
C PRO A 77 1.30 0.42 9.64
N SER A 78 0.63 0.21 10.73
CA SER A 78 1.22 -0.53 11.84
C SER A 78 0.63 -1.88 11.95
N LEU A 79 1.30 -2.73 12.69
CA LEU A 79 0.83 -4.07 12.86
C LEU A 79 -0.06 -4.17 14.08
N GLU A 80 -0.30 -3.02 14.69
CA GLU A 80 -1.26 -2.82 15.75
C GLU A 80 -0.94 -3.66 16.99
N GLY A 81 -1.43 -4.86 17.00
CA GLY A 81 -1.23 -5.77 18.06
C GLY A 81 -1.64 -7.12 17.60
N LEU A 82 -1.31 -7.40 16.38
CA LEU A 82 -1.70 -8.61 15.70
C LEU A 82 -0.96 -9.82 16.20
N THR A 83 -1.71 -10.88 16.41
CA THR A 83 -1.17 -12.14 16.82
C THR A 83 -0.63 -12.86 15.58
N GLU A 84 -0.08 -14.03 15.74
CA GLU A 84 0.49 -14.73 14.60
C GLU A 84 -0.55 -15.15 13.58
N LYS A 85 -1.77 -15.44 14.01
CA LYS A 85 -2.86 -15.75 13.06
C LYS A 85 -3.03 -14.58 12.09
N GLU A 86 -3.19 -13.45 12.71
CA GLU A 86 -3.40 -12.21 12.05
C GLU A 86 -2.19 -11.86 11.20
N ILE A 87 -1.07 -11.90 11.83
CA ILE A 87 0.18 -11.56 11.24
C ILE A 87 0.52 -12.45 10.05
N ASN A 88 0.36 -13.76 10.17
CA ASN A 88 0.65 -14.69 9.07
C ASN A 88 -0.13 -14.36 7.85
N THR A 89 -1.32 -13.87 8.06
CA THR A 89 -2.17 -13.49 6.98
C THR A 89 -1.51 -12.34 6.16
N LEU A 90 -1.03 -11.33 6.85
CA LEU A 90 -0.33 -10.19 6.24
C LEU A 90 1.04 -10.59 5.76
N ASN A 91 1.72 -11.36 6.56
CA ASN A 91 3.06 -11.88 6.25
C ASN A 91 3.03 -12.61 4.89
N ASP A 92 1.91 -13.28 4.62
CA ASP A 92 1.67 -13.90 3.32
C ASP A 92 1.43 -12.83 2.27
N TRP A 93 0.61 -11.83 2.62
CA TRP A 93 0.31 -10.70 1.76
C TRP A 93 1.52 -9.93 1.30
N GLU A 94 2.48 -9.77 2.18
CA GLU A 94 3.74 -9.12 1.81
C GLU A 94 4.28 -9.79 0.57
N THR A 95 4.46 -11.09 0.69
CA THR A 95 5.00 -11.99 -0.31
C THR A 95 4.24 -11.89 -1.66
N LYS A 96 2.97 -11.54 -1.59
CA LYS A 96 2.12 -11.51 -2.74
C LYS A 96 2.41 -10.28 -3.56
N PHE A 97 2.75 -9.25 -2.87
CA PHE A 97 3.18 -8.02 -3.46
C PHE A 97 4.65 -8.09 -3.80
N GLU A 98 5.43 -8.64 -2.88
CA GLU A 98 6.89 -8.77 -2.99
C GLU A 98 7.35 -9.52 -4.24
N ALA A 99 6.52 -10.40 -4.73
CA ALA A 99 6.87 -11.21 -5.87
C ALA A 99 6.23 -10.68 -7.11
N LYS A 100 5.59 -9.56 -7.00
CA LYS A 100 4.80 -9.13 -8.09
C LYS A 100 5.10 -7.69 -8.45
N TYR A 101 5.21 -6.88 -7.44
CA TYR A 101 5.42 -5.48 -7.61
C TYR A 101 6.76 -5.07 -7.03
N PRO A 102 7.42 -4.11 -7.66
CA PRO A 102 8.70 -3.62 -7.20
C PRO A 102 8.56 -2.64 -6.04
N VAL A 103 9.48 -2.72 -5.10
CA VAL A 103 9.55 -1.75 -4.01
C VAL A 103 10.14 -0.48 -4.59
N VAL A 104 9.30 0.44 -4.95
CA VAL A 104 9.74 1.66 -5.59
C VAL A 104 10.14 2.72 -4.60
N GLY A 105 9.98 2.43 -3.34
CA GLY A 105 10.37 3.36 -2.35
C GLY A 105 9.83 3.04 -1.00
N ARG A 106 9.62 4.06 -0.25
CA ARG A 106 9.21 3.94 1.11
C ARG A 106 8.15 4.92 1.44
N VAL A 107 7.48 4.66 2.50
CA VAL A 107 6.64 5.63 3.07
C VAL A 107 7.18 5.92 4.46
N VAL A 108 7.30 7.16 4.75
CA VAL A 108 7.89 7.58 5.97
C VAL A 108 6.99 8.56 6.64
N SER A 109 6.93 8.54 7.94
CA SER A 109 6.43 9.68 8.59
C SER A 109 7.05 9.84 9.98
N MET A 1 2.80 16.38 -1.39
CA MET A 1 2.41 15.22 -2.23
C MET A 1 3.64 14.39 -2.55
N GLY A 2 3.51 13.46 -3.49
CA GLY A 2 4.63 12.64 -3.88
C GLY A 2 4.37 12.03 -5.23
N HIS A 3 5.04 12.53 -6.24
CA HIS A 3 4.84 12.02 -7.58
C HIS A 3 5.93 11.04 -7.92
N HIS A 4 7.10 11.55 -8.28
CA HIS A 4 8.29 10.77 -8.61
C HIS A 4 9.51 11.62 -8.47
N HIS A 5 10.31 11.29 -7.52
CA HIS A 5 11.52 12.01 -7.23
C HIS A 5 12.69 11.05 -7.16
N HIS A 6 13.38 10.94 -8.28
CA HIS A 6 14.44 9.94 -8.43
C HIS A 6 15.71 10.26 -7.64
N HIS A 7 15.62 10.02 -6.36
CA HIS A 7 16.70 10.14 -5.40
C HIS A 7 16.47 9.03 -4.42
N HIS A 8 17.22 7.93 -4.59
CA HIS A 8 17.00 6.70 -3.79
C HIS A 8 15.61 6.16 -4.16
N LEU A 9 15.00 5.35 -3.33
CA LEU A 9 13.65 4.91 -3.60
C LEU A 9 12.67 6.05 -3.27
N GLU A 10 11.44 5.93 -3.71
CA GLU A 10 10.44 6.98 -3.53
C GLU A 10 9.94 7.07 -2.12
N GLU A 11 10.38 8.05 -1.40
CA GLU A 11 9.87 8.29 -0.11
C GLU A 11 8.54 8.96 -0.17
N PHE A 12 7.61 8.33 0.43
CA PHE A 12 6.29 8.80 0.59
C PHE A 12 5.94 8.85 2.04
N THR A 13 5.24 9.84 2.46
CA THR A 13 4.75 9.84 3.81
C THR A 13 3.31 9.35 3.75
N ALA A 14 2.84 8.65 4.76
CA ALA A 14 1.50 8.02 4.69
C ALA A 14 0.37 9.02 4.46
N GLU A 15 0.45 10.18 5.11
CA GLU A 15 -0.54 11.25 4.89
C GLU A 15 -0.55 11.67 3.43
N GLN A 16 0.63 11.89 2.91
CA GLN A 16 0.84 12.28 1.52
C GLN A 16 0.41 11.16 0.57
N LEU A 17 0.69 9.95 0.96
CA LEU A 17 0.41 8.76 0.17
C LEU A 17 -1.09 8.51 0.00
N SER A 18 -1.89 8.90 1.01
CA SER A 18 -3.35 8.61 1.09
C SER A 18 -4.20 9.22 -0.07
N GLN A 19 -3.57 9.62 -1.13
CA GLN A 19 -4.21 10.20 -2.28
C GLN A 19 -3.90 9.35 -3.51
N TYR A 20 -2.89 8.51 -3.37
CA TYR A 20 -2.33 7.73 -4.45
C TYR A 20 -2.91 6.34 -4.52
N ASN A 21 -4.21 6.28 -4.30
CA ASN A 21 -4.97 5.04 -4.40
C ASN A 21 -5.42 4.81 -5.84
N GLY A 22 -5.18 5.80 -6.68
CA GLY A 22 -5.47 5.69 -8.08
C GLY A 22 -6.84 6.18 -8.49
N THR A 23 -7.72 6.43 -7.55
CA THR A 23 -9.07 6.82 -7.94
C THR A 23 -9.23 8.31 -8.01
N ASP A 24 -8.18 9.04 -7.67
CA ASP A 24 -8.26 10.45 -7.71
C ASP A 24 -7.99 10.87 -9.15
N GLU A 25 -7.98 12.13 -9.44
CA GLU A 25 -7.78 12.56 -10.77
C GLU A 25 -6.32 12.53 -11.17
N SER A 26 -5.92 11.35 -11.60
CA SER A 26 -4.62 11.10 -12.18
C SER A 26 -3.54 11.03 -11.12
N LYS A 27 -3.62 9.97 -10.33
CA LYS A 27 -2.69 9.68 -9.28
C LYS A 27 -2.06 8.32 -9.47
N PRO A 28 -0.73 8.24 -9.42
CA PRO A 28 0.00 6.97 -9.41
C PRO A 28 -0.47 6.12 -8.22
N ILE A 29 -0.42 4.82 -8.35
CA ILE A 29 -1.00 3.97 -7.33
C ILE A 29 0.13 3.27 -6.56
N TYR A 30 0.17 3.49 -5.26
CA TYR A 30 1.24 2.94 -4.44
C TYR A 30 0.77 2.35 -3.14
N VAL A 31 1.19 1.12 -2.89
CA VAL A 31 0.81 0.37 -1.70
C VAL A 31 2.02 0.18 -0.84
N ALA A 32 1.86 0.39 0.43
CA ALA A 32 2.95 0.22 1.32
C ALA A 32 2.69 -0.93 2.27
N ILE A 33 3.68 -1.76 2.44
CA ILE A 33 3.61 -2.87 3.34
C ILE A 33 4.83 -2.84 4.22
N LYS A 34 4.63 -2.59 5.51
CA LYS A 34 5.69 -2.53 6.53
C LYS A 34 6.65 -1.33 6.20
N GLY A 35 6.19 -0.46 5.31
CA GLY A 35 7.00 0.65 4.92
C GLY A 35 7.48 0.57 3.49
N ARG A 36 7.44 -0.60 2.90
CA ARG A 36 7.92 -0.76 1.56
C ARG A 36 6.81 -0.42 0.58
N VAL A 37 7.06 0.50 -0.32
CA VAL A 37 6.07 0.92 -1.29
C VAL A 37 6.25 0.22 -2.63
N PHE A 38 5.23 -0.50 -3.01
CA PHE A 38 5.18 -1.26 -4.24
C PHE A 38 4.46 -0.45 -5.29
N ASP A 39 4.88 -0.55 -6.54
CA ASP A 39 4.18 0.12 -7.62
C ASP A 39 3.04 -0.74 -8.10
N VAL A 40 1.84 -0.32 -7.81
CA VAL A 40 0.68 -1.04 -8.27
C VAL A 40 -0.05 -0.23 -9.33
N THR A 41 0.64 0.77 -9.86
CA THR A 41 0.10 1.60 -10.92
C THR A 41 -0.10 0.73 -12.17
N THR A 42 0.79 -0.27 -12.32
CA THR A 42 0.72 -1.21 -13.41
C THR A 42 -0.49 -2.18 -13.21
N GLY A 43 -0.93 -2.33 -11.96
CA GLY A 43 -2.06 -3.19 -11.65
C GLY A 43 -3.26 -2.35 -11.31
N LYS A 44 -3.40 -1.27 -12.08
CA LYS A 44 -4.44 -0.26 -11.88
C LYS A 44 -5.84 -0.87 -11.85
N SER A 45 -6.03 -1.91 -12.63
CA SER A 45 -7.32 -2.59 -12.73
C SER A 45 -7.80 -3.09 -11.35
N PHE A 46 -6.89 -3.56 -10.53
CA PHE A 46 -7.25 -4.07 -9.22
C PHE A 46 -7.25 -2.96 -8.19
N TYR A 47 -6.28 -2.08 -8.29
CA TYR A 47 -6.06 -1.08 -7.29
C TYR A 47 -6.77 0.27 -7.56
N GLY A 48 -6.50 0.92 -8.69
CA GLY A 48 -7.00 2.27 -8.88
C GLY A 48 -8.21 2.37 -9.79
N SER A 49 -9.00 1.34 -9.86
CA SER A 49 -10.16 1.35 -10.73
C SER A 49 -11.43 1.00 -9.96
N GLY A 50 -11.35 1.10 -8.64
CA GLY A 50 -12.47 0.69 -7.82
C GLY A 50 -12.54 -0.82 -7.77
N GLY A 51 -11.44 -1.41 -7.43
CA GLY A 51 -11.33 -2.83 -7.41
C GLY A 51 -11.32 -3.38 -6.01
N ASP A 52 -11.01 -4.64 -5.89
CA ASP A 52 -11.06 -5.34 -4.61
C ASP A 52 -9.95 -4.89 -3.66
N TYR A 53 -8.92 -4.24 -4.21
CA TYR A 53 -7.76 -3.87 -3.43
C TYR A 53 -7.58 -2.36 -3.39
N SER A 54 -8.63 -1.64 -3.68
CA SER A 54 -8.63 -0.20 -3.71
C SER A 54 -8.24 0.50 -2.40
N MET A 55 -8.47 -0.14 -1.29
CA MET A 55 -8.15 0.50 -0.02
C MET A 55 -6.70 0.33 0.32
N PHE A 56 -6.11 -0.70 -0.24
CA PHE A 56 -4.70 -0.98 -0.05
C PHE A 56 -3.90 -0.12 -1.00
N ALA A 57 -4.56 0.20 -2.12
CA ALA A 57 -4.00 0.86 -3.29
C ALA A 57 -3.19 2.13 -3.03
N GLY A 58 -3.48 2.87 -1.99
CA GLY A 58 -2.76 4.11 -1.82
C GLY A 58 -2.46 4.46 -0.41
N LYS A 59 -2.39 3.50 0.45
CA LYS A 59 -2.05 3.73 1.76
C LYS A 59 -1.27 2.55 2.25
N ASP A 60 -0.53 2.71 3.34
CA ASP A 60 0.14 1.58 3.93
C ASP A 60 -0.93 0.70 4.50
N ALA A 61 -0.90 -0.54 4.12
CA ALA A 61 -1.94 -1.43 4.49
C ALA A 61 -1.43 -2.57 5.37
N SER A 62 -0.44 -2.30 6.20
CA SER A 62 0.17 -3.35 7.03
C SER A 62 -0.88 -4.12 7.89
N ARG A 63 -1.69 -3.40 8.66
CA ARG A 63 -2.72 -4.04 9.43
C ARG A 63 -3.87 -4.56 8.55
N ALA A 64 -4.13 -3.88 7.46
CA ALA A 64 -5.26 -4.20 6.60
C ALA A 64 -5.00 -5.48 5.92
N LEU A 65 -3.75 -5.72 5.64
CA LEU A 65 -3.30 -6.96 5.09
C LEU A 65 -3.53 -8.10 6.04
N GLY A 66 -3.17 -7.91 7.28
CA GLY A 66 -3.34 -8.96 8.26
C GLY A 66 -4.80 -9.23 8.55
N LYS A 67 -5.64 -8.25 8.32
CA LYS A 67 -7.07 -8.38 8.58
C LYS A 67 -7.83 -8.73 7.30
N MET A 68 -7.19 -8.51 6.15
CA MET A 68 -7.83 -8.65 4.82
C MET A 68 -8.98 -7.63 4.74
N SER A 69 -8.75 -6.52 5.38
CA SER A 69 -9.73 -5.49 5.59
C SER A 69 -9.71 -4.44 4.52
N LYS A 70 -10.89 -3.98 4.23
CA LYS A 70 -11.14 -2.98 3.24
C LYS A 70 -11.71 -1.75 3.89
N ASN A 71 -11.98 -1.85 5.16
CA ASN A 71 -12.38 -0.68 5.89
C ASN A 71 -11.14 0.12 6.19
N GLU A 72 -11.20 1.39 5.84
CA GLU A 72 -10.06 2.32 5.89
C GLU A 72 -9.46 2.43 7.30
N GLU A 73 -10.24 2.04 8.27
CA GLU A 73 -9.83 2.07 9.67
C GLU A 73 -8.63 1.16 9.91
N ASP A 74 -8.57 0.01 9.22
CA ASP A 74 -7.47 -0.94 9.42
C ASP A 74 -6.35 -0.69 8.46
N VAL A 75 -6.64 0.05 7.42
CA VAL A 75 -5.63 0.41 6.46
C VAL A 75 -4.81 1.52 7.10
N SER A 76 -3.66 1.15 7.60
CA SER A 76 -2.88 2.01 8.43
C SER A 76 -1.42 1.62 8.34
N PRO A 77 -0.50 2.62 8.46
CA PRO A 77 0.98 2.40 8.41
C PRO A 77 1.55 1.68 9.65
N SER A 78 0.88 0.64 10.05
CA SER A 78 1.28 -0.15 11.17
C SER A 78 0.42 -1.38 11.21
N LEU A 79 0.86 -2.37 11.94
CA LEU A 79 0.12 -3.59 12.13
C LEU A 79 -0.52 -3.60 13.49
N GLU A 80 -0.54 -2.42 14.11
CA GLU A 80 -1.24 -2.14 15.33
C GLU A 80 -0.82 -3.01 16.51
N GLY A 81 -1.53 -4.09 16.70
CA GLY A 81 -1.23 -4.96 17.78
C GLY A 81 -1.70 -6.34 17.46
N LEU A 82 -1.58 -6.69 16.21
CA LEU A 82 -1.95 -7.96 15.70
C LEU A 82 -1.11 -9.05 16.32
N THR A 83 -1.74 -10.13 16.61
CA THR A 83 -1.06 -11.27 17.16
C THR A 83 -0.46 -12.07 15.99
N GLU A 84 0.32 -13.10 16.29
CA GLU A 84 1.00 -13.90 15.27
C GLU A 84 0.02 -14.41 14.20
N LYS A 85 -1.14 -14.89 14.65
CA LYS A 85 -2.21 -15.40 13.77
C LYS A 85 -2.55 -14.38 12.69
N GLU A 86 -2.84 -13.20 13.16
CA GLU A 86 -3.25 -12.10 12.33
C GLU A 86 -2.15 -11.66 11.42
N ILE A 87 -1.00 -11.45 12.01
CA ILE A 87 0.17 -10.99 11.32
C ILE A 87 0.56 -11.95 10.16
N ASN A 88 0.37 -13.26 10.37
CA ASN A 88 0.68 -14.31 9.35
C ASN A 88 0.07 -13.97 8.02
N THR A 89 -1.12 -13.43 8.08
CA THR A 89 -1.87 -13.08 6.93
C THR A 89 -1.18 -11.96 6.13
N LEU A 90 -0.70 -10.95 6.82
CA LEU A 90 -0.05 -9.81 6.18
C LEU A 90 1.30 -10.24 5.69
N ASN A 91 1.93 -11.08 6.49
CA ASN A 91 3.22 -11.65 6.15
C ASN A 91 3.14 -12.41 4.84
N ASP A 92 2.04 -13.12 4.66
CA ASP A 92 1.74 -13.79 3.41
C ASP A 92 1.59 -12.77 2.31
N TRP A 93 0.80 -11.74 2.58
CA TRP A 93 0.57 -10.63 1.67
C TRP A 93 1.81 -9.93 1.22
N GLU A 94 2.77 -9.76 2.11
CA GLU A 94 4.05 -9.17 1.76
C GLU A 94 4.64 -9.88 0.58
N THR A 95 4.69 -11.19 0.71
CA THR A 95 5.24 -12.11 -0.27
C THR A 95 4.47 -12.07 -1.59
N LYS A 96 3.20 -11.80 -1.50
CA LYS A 96 2.32 -11.82 -2.65
C LYS A 96 2.60 -10.61 -3.50
N PHE A 97 2.76 -9.51 -2.82
CA PHE A 97 3.15 -8.28 -3.44
C PHE A 97 4.62 -8.35 -3.86
N GLU A 98 5.47 -8.85 -2.98
CA GLU A 98 6.91 -9.02 -3.22
C GLU A 98 7.23 -9.83 -4.49
N ALA A 99 6.34 -10.71 -4.87
CA ALA A 99 6.56 -11.54 -6.03
C ALA A 99 5.84 -10.98 -7.23
N LYS A 100 5.24 -9.83 -7.09
CA LYS A 100 4.39 -9.37 -8.14
C LYS A 100 4.73 -7.94 -8.50
N TYR A 101 4.93 -7.15 -7.50
CA TYR A 101 5.21 -5.76 -7.66
C TYR A 101 6.52 -5.43 -6.96
N PRO A 102 7.38 -4.63 -7.57
CA PRO A 102 8.62 -4.21 -6.97
C PRO A 102 8.45 -3.04 -6.02
N VAL A 103 9.14 -3.09 -4.91
CA VAL A 103 9.13 -1.97 -4.00
C VAL A 103 10.02 -0.87 -4.54
N VAL A 104 9.38 0.18 -4.99
CA VAL A 104 10.07 1.28 -5.62
C VAL A 104 10.12 2.48 -4.70
N GLY A 105 9.61 2.33 -3.51
CA GLY A 105 9.59 3.41 -2.60
C GLY A 105 9.42 2.97 -1.19
N ARG A 106 9.22 3.92 -0.32
CA ARG A 106 8.99 3.68 1.07
C ARG A 106 7.90 4.55 1.54
N VAL A 107 7.28 4.15 2.57
CA VAL A 107 6.40 5.00 3.24
C VAL A 107 7.01 5.33 4.56
N VAL A 108 6.95 6.54 4.89
CA VAL A 108 7.46 7.03 6.09
C VAL A 108 6.34 7.60 6.88
N SER A 109 6.30 7.29 8.10
CA SER A 109 5.27 7.74 8.93
C SER A 109 5.83 7.92 10.33
N MET A 1 0.37 18.07 -3.69
CA MET A 1 1.60 17.98 -2.87
C MET A 1 2.60 17.02 -3.48
N GLY A 2 2.12 15.92 -4.01
CA GLY A 2 3.01 14.92 -4.52
C GLY A 2 3.29 15.10 -5.99
N HIS A 3 4.54 14.93 -6.35
CA HIS A 3 4.99 14.99 -7.74
C HIS A 3 6.37 14.36 -7.79
N HIS A 4 6.60 13.49 -8.74
CA HIS A 4 7.88 12.83 -8.86
C HIS A 4 8.83 13.61 -9.71
N HIS A 5 10.09 13.34 -9.54
CA HIS A 5 11.12 13.88 -10.38
C HIS A 5 12.12 12.75 -10.65
N HIS A 6 11.81 11.60 -10.04
CA HIS A 6 12.56 10.36 -10.11
C HIS A 6 11.59 9.24 -9.81
N HIS A 7 12.08 8.03 -9.83
CA HIS A 7 11.32 6.87 -9.45
C HIS A 7 12.29 5.75 -9.13
N HIS A 8 12.79 5.76 -7.92
CA HIS A 8 13.79 4.79 -7.48
C HIS A 8 13.52 4.36 -6.05
N LEU A 9 13.62 5.29 -5.13
CA LEU A 9 13.31 5.05 -3.73
C LEU A 9 12.63 6.30 -3.27
N GLU A 10 11.36 6.29 -3.40
CA GLU A 10 10.56 7.44 -3.17
C GLU A 10 10.08 7.47 -1.73
N GLU A 11 10.36 8.53 -1.06
CA GLU A 11 9.84 8.72 0.24
C GLU A 11 8.46 9.31 0.17
N PHE A 12 7.56 8.61 0.72
CA PHE A 12 6.24 9.03 0.79
C PHE A 12 5.79 9.16 2.19
N THR A 13 5.24 10.26 2.56
CA THR A 13 4.70 10.36 3.87
C THR A 13 3.26 9.83 3.82
N ALA A 14 2.75 9.31 4.93
CA ALA A 14 1.42 8.67 4.96
C ALA A 14 0.30 9.56 4.37
N GLU A 15 0.28 10.83 4.75
CA GLU A 15 -0.74 11.77 4.23
C GLU A 15 -0.57 11.97 2.73
N GLN A 16 0.67 11.99 2.31
CA GLN A 16 1.06 12.20 0.92
C GLN A 16 0.83 10.95 0.08
N LEU A 17 1.04 9.78 0.69
CA LEU A 17 0.85 8.47 0.05
C LEU A 17 -0.62 8.38 -0.34
N SER A 18 -1.46 8.88 0.56
CA SER A 18 -2.91 8.87 0.43
C SER A 18 -3.40 9.70 -0.78
N GLN A 19 -2.51 10.47 -1.37
CA GLN A 19 -2.85 11.28 -2.51
C GLN A 19 -2.63 10.49 -3.81
N TYR A 20 -1.98 9.35 -3.70
CA TYR A 20 -1.73 8.45 -4.82
C TYR A 20 -2.69 7.28 -4.77
N ASN A 21 -3.86 7.57 -4.24
CA ASN A 21 -4.95 6.62 -4.08
C ASN A 21 -5.66 6.35 -5.42
N GLY A 22 -5.37 7.18 -6.39
CA GLY A 22 -5.95 7.01 -7.71
C GLY A 22 -7.31 7.64 -7.85
N THR A 23 -7.55 8.74 -7.14
CA THR A 23 -8.84 9.44 -7.25
C THR A 23 -8.71 10.49 -8.32
N ASP A 24 -7.50 10.67 -8.75
CA ASP A 24 -7.20 11.54 -9.82
C ASP A 24 -7.28 10.70 -11.07
N GLU A 25 -7.01 11.24 -12.23
CA GLU A 25 -7.07 10.43 -13.39
C GLU A 25 -5.82 9.58 -13.53
N SER A 26 -5.90 8.41 -12.89
CA SER A 26 -4.87 7.41 -12.92
C SER A 26 -3.68 7.79 -12.05
N LYS A 27 -2.72 8.53 -12.63
CA LYS A 27 -1.42 8.84 -12.01
C LYS A 27 -0.72 7.50 -11.66
N PRO A 28 0.43 7.50 -10.97
CA PRO A 28 0.96 6.26 -10.42
C PRO A 28 0.23 5.91 -9.12
N ILE A 29 -0.11 4.66 -8.94
CA ILE A 29 -0.83 4.22 -7.76
C ILE A 29 0.15 3.46 -6.87
N TYR A 30 0.07 3.68 -5.57
CA TYR A 30 0.99 3.06 -4.66
C TYR A 30 0.27 2.47 -3.49
N VAL A 31 0.82 1.41 -2.99
CA VAL A 31 0.36 0.78 -1.80
C VAL A 31 1.54 0.65 -0.89
N ALA A 32 1.31 0.54 0.37
CA ALA A 32 2.38 0.35 1.28
C ALA A 32 2.11 -0.85 2.15
N ILE A 33 3.11 -1.68 2.27
CA ILE A 33 3.04 -2.86 3.09
C ILE A 33 4.29 -2.94 3.89
N LYS A 34 4.14 -2.89 5.21
CA LYS A 34 5.24 -3.01 6.16
C LYS A 34 6.07 -1.71 6.11
N GLY A 35 5.45 -0.66 5.56
CA GLY A 35 6.11 0.61 5.39
C GLY A 35 6.81 0.73 4.06
N ARG A 36 6.76 -0.34 3.30
CA ARG A 36 7.41 -0.40 2.00
C ARG A 36 6.40 -0.06 0.94
N VAL A 37 6.74 0.87 0.10
CA VAL A 37 5.83 1.29 -0.94
C VAL A 37 6.08 0.54 -2.23
N PHE A 38 5.04 -0.09 -2.71
CA PHE A 38 5.08 -0.84 -3.93
C PHE A 38 4.34 -0.06 -5.01
N ASP A 39 4.88 -0.05 -6.21
CA ASP A 39 4.24 0.64 -7.31
C ASP A 39 3.23 -0.31 -7.93
N VAL A 40 1.96 0.01 -7.79
CA VAL A 40 0.91 -0.86 -8.29
C VAL A 40 0.21 -0.25 -9.48
N THR A 41 0.90 0.65 -10.17
CA THR A 41 0.33 1.30 -11.33
C THR A 41 0.16 0.27 -12.45
N THR A 42 0.99 -0.76 -12.37
CA THR A 42 0.98 -1.86 -13.30
C THR A 42 -0.37 -2.61 -13.17
N GLY A 43 -0.93 -2.59 -11.98
CA GLY A 43 -2.17 -3.24 -11.72
C GLY A 43 -3.22 -2.26 -11.27
N LYS A 44 -3.28 -1.13 -11.97
CA LYS A 44 -4.20 -0.07 -11.67
C LYS A 44 -5.63 -0.57 -11.66
N SER A 45 -5.95 -1.43 -12.59
CA SER A 45 -7.25 -2.09 -12.69
C SER A 45 -7.71 -2.69 -11.33
N PHE A 46 -6.76 -3.09 -10.51
CA PHE A 46 -7.07 -3.67 -9.22
C PHE A 46 -7.12 -2.60 -8.13
N TYR A 47 -6.14 -1.72 -8.14
CA TYR A 47 -5.99 -0.76 -7.05
C TYR A 47 -6.61 0.62 -7.31
N GLY A 48 -6.37 1.19 -8.47
CA GLY A 48 -6.81 2.57 -8.70
C GLY A 48 -7.84 2.72 -9.79
N SER A 49 -8.58 1.68 -10.08
CA SER A 49 -9.63 1.77 -11.07
C SER A 49 -10.86 0.94 -10.66
N GLY A 50 -11.64 1.48 -9.72
CA GLY A 50 -12.87 0.85 -9.26
C GLY A 50 -12.68 -0.58 -8.80
N GLY A 51 -11.60 -0.83 -8.10
CA GLY A 51 -11.29 -2.18 -7.70
C GLY A 51 -11.55 -2.43 -6.23
N ASP A 52 -11.52 -3.70 -5.87
CA ASP A 52 -11.70 -4.15 -4.48
C ASP A 52 -10.50 -3.76 -3.66
N TYR A 53 -9.37 -3.65 -4.33
CA TYR A 53 -8.13 -3.32 -3.69
C TYR A 53 -7.93 -1.81 -3.58
N SER A 54 -9.01 -1.06 -3.76
CA SER A 54 -8.98 0.39 -3.68
C SER A 54 -8.65 0.84 -2.24
N MET A 55 -8.86 -0.05 -1.27
CA MET A 55 -8.59 0.27 0.13
C MET A 55 -7.11 0.31 0.39
N PHE A 56 -6.35 -0.27 -0.50
CA PHE A 56 -4.91 -0.36 -0.37
C PHE A 56 -4.27 0.80 -1.11
N ALA A 57 -5.03 1.36 -2.04
CA ALA A 57 -4.55 2.43 -2.87
C ALA A 57 -4.35 3.70 -2.06
N GLY A 58 -3.10 4.02 -1.83
CA GLY A 58 -2.73 5.21 -1.13
C GLY A 58 -2.79 4.98 0.33
N LYS A 59 -2.57 3.76 0.71
CA LYS A 59 -2.64 3.35 2.05
C LYS A 59 -1.57 2.33 2.36
N ASP A 60 -1.07 2.38 3.56
CA ASP A 60 -0.30 1.28 4.07
C ASP A 60 -1.32 0.42 4.73
N ALA A 61 -1.36 -0.80 4.39
CA ALA A 61 -2.44 -1.64 4.85
C ALA A 61 -1.93 -2.83 5.62
N SER A 62 -0.84 -2.66 6.34
CA SER A 62 -0.21 -3.76 7.07
C SER A 62 -1.20 -4.46 8.05
N ARG A 63 -1.98 -3.69 8.78
CA ARG A 63 -2.99 -4.25 9.67
C ARG A 63 -4.13 -4.92 8.90
N ALA A 64 -4.51 -4.34 7.78
CA ALA A 64 -5.67 -4.79 7.03
C ALA A 64 -5.35 -6.09 6.40
N LEU A 65 -4.12 -6.23 6.05
CA LEU A 65 -3.58 -7.41 5.49
C LEU A 65 -3.60 -8.56 6.47
N GLY A 66 -3.51 -8.26 7.73
CA GLY A 66 -3.55 -9.31 8.71
C GLY A 66 -4.95 -9.63 9.15
N LYS A 67 -5.83 -8.66 9.04
CA LYS A 67 -7.20 -8.83 9.49
C LYS A 67 -8.07 -9.34 8.35
N MET A 68 -7.63 -9.07 7.11
CA MET A 68 -8.29 -9.48 5.85
C MET A 68 -9.48 -8.60 5.63
N SER A 69 -9.42 -7.48 6.27
CA SER A 69 -10.45 -6.52 6.28
C SER A 69 -10.06 -5.33 5.43
N LYS A 70 -11.05 -4.73 4.86
CA LYS A 70 -10.89 -3.66 3.92
C LYS A 70 -11.40 -2.35 4.50
N ASN A 71 -12.17 -2.50 5.55
CA ASN A 71 -12.66 -1.38 6.33
C ASN A 71 -11.54 -0.50 6.83
N GLU A 72 -11.80 0.78 6.83
CA GLU A 72 -10.84 1.81 7.19
C GLU A 72 -10.28 1.63 8.61
N GLU A 73 -11.05 1.01 9.49
CA GLU A 73 -10.62 0.70 10.85
C GLU A 73 -9.33 -0.12 10.81
N ASP A 74 -9.28 -1.10 9.94
CA ASP A 74 -8.15 -1.98 9.89
C ASP A 74 -7.14 -1.56 8.86
N VAL A 75 -7.53 -0.68 7.96
CA VAL A 75 -6.56 -0.17 6.99
C VAL A 75 -5.76 0.90 7.68
N SER A 76 -4.56 0.53 8.08
CA SER A 76 -3.75 1.38 8.89
C SER A 76 -2.27 1.06 8.62
N PRO A 77 -1.38 2.08 8.70
CA PRO A 77 0.07 1.93 8.42
C PRO A 77 0.85 1.28 9.56
N SER A 78 0.22 0.38 10.23
CA SER A 78 0.79 -0.33 11.31
C SER A 78 0.08 -1.65 11.39
N LEU A 79 0.55 -2.51 12.23
CA LEU A 79 -0.03 -3.81 12.45
C LEU A 79 -0.13 -4.06 13.93
N GLU A 80 -0.20 -2.97 14.68
CA GLU A 80 -0.31 -3.03 16.11
C GLU A 80 -1.57 -3.74 16.52
N GLY A 81 -1.40 -4.78 17.24
CA GLY A 81 -2.49 -5.50 17.74
C GLY A 81 -2.52 -6.87 17.14
N LEU A 82 -1.76 -7.04 16.10
CA LEU A 82 -1.66 -8.27 15.40
C LEU A 82 -0.61 -9.14 16.01
N THR A 83 -1.04 -10.24 16.54
CA THR A 83 -0.14 -11.21 17.04
C THR A 83 0.32 -12.08 15.86
N GLU A 84 1.07 -13.12 16.14
CA GLU A 84 1.72 -13.93 15.13
C GLU A 84 0.75 -14.42 14.03
N LYS A 85 -0.40 -14.94 14.42
CA LYS A 85 -1.39 -15.45 13.44
C LYS A 85 -1.86 -14.36 12.48
N GLU A 86 -2.10 -13.16 13.02
CA GLU A 86 -2.63 -12.11 12.27
C GLU A 86 -1.60 -11.63 11.32
N ILE A 87 -0.40 -11.52 11.83
CA ILE A 87 0.69 -11.11 11.04
C ILE A 87 0.96 -12.13 9.93
N ASN A 88 0.81 -13.43 10.25
CA ASN A 88 1.02 -14.49 9.23
C ASN A 88 0.22 -14.24 7.99
N THR A 89 -0.98 -13.79 8.18
CA THR A 89 -1.86 -13.47 7.10
C THR A 89 -1.29 -12.33 6.22
N LEU A 90 -0.76 -11.30 6.85
CA LEU A 90 -0.23 -10.13 6.15
C LEU A 90 1.06 -10.51 5.50
N ASN A 91 1.82 -11.34 6.18
CA ASN A 91 3.07 -11.84 5.69
C ASN A 91 2.88 -12.52 4.35
N ASP A 92 1.78 -13.23 4.22
CA ASP A 92 1.45 -13.90 2.98
C ASP A 92 1.12 -12.85 1.92
N TRP A 93 0.39 -11.82 2.33
CA TRP A 93 0.05 -10.70 1.46
C TRP A 93 1.26 -9.95 0.97
N GLU A 94 2.23 -9.73 1.86
CA GLU A 94 3.49 -9.10 1.51
C GLU A 94 4.10 -9.81 0.32
N THR A 95 4.02 -11.10 0.38
CA THR A 95 4.60 -12.00 -0.59
C THR A 95 3.91 -11.90 -1.97
N LYS A 96 2.65 -11.55 -1.95
CA LYS A 96 1.84 -11.52 -3.15
C LYS A 96 2.20 -10.32 -3.96
N PHE A 97 2.36 -9.24 -3.26
CA PHE A 97 2.76 -8.00 -3.83
C PHE A 97 4.24 -8.04 -4.21
N GLU A 98 5.03 -8.65 -3.34
CA GLU A 98 6.50 -8.75 -3.47
C GLU A 98 6.94 -9.40 -4.79
N ALA A 99 6.08 -10.15 -5.42
CA ALA A 99 6.47 -10.86 -6.62
C ALA A 99 5.94 -10.19 -7.86
N LYS A 100 5.13 -9.17 -7.69
CA LYS A 100 4.54 -8.50 -8.82
C LYS A 100 4.88 -7.03 -8.85
N TYR A 101 4.89 -6.43 -7.71
CA TYR A 101 5.08 -5.02 -7.61
C TYR A 101 6.41 -4.72 -6.96
N PRO A 102 7.21 -3.85 -7.56
CA PRO A 102 8.49 -3.47 -7.03
C PRO A 102 8.36 -2.45 -5.90
N VAL A 103 9.17 -2.61 -4.88
CA VAL A 103 9.22 -1.66 -3.81
C VAL A 103 9.97 -0.45 -4.32
N VAL A 104 9.25 0.61 -4.53
CA VAL A 104 9.82 1.79 -5.11
C VAL A 104 10.08 2.88 -4.09
N GLY A 105 9.92 2.55 -2.83
CA GLY A 105 10.19 3.52 -1.81
C GLY A 105 9.61 3.15 -0.49
N ARG A 106 9.39 4.13 0.34
CA ARG A 106 8.90 3.91 1.69
C ARG A 106 7.82 4.85 2.01
N VAL A 107 7.08 4.49 3.01
CA VAL A 107 6.19 5.39 3.57
C VAL A 107 6.78 5.82 4.90
N VAL A 108 6.71 7.06 5.15
CA VAL A 108 7.22 7.63 6.34
C VAL A 108 6.11 8.28 7.08
N SER A 109 6.18 8.20 8.36
CA SER A 109 5.15 8.70 9.17
C SER A 109 5.77 9.23 10.47
N MET A 1 4.12 17.05 -5.25
CA MET A 1 4.15 17.31 -6.69
C MET A 1 5.58 17.40 -7.17
N GLY A 2 6.26 18.49 -6.84
CA GLY A 2 7.62 18.66 -7.29
C GLY A 2 7.71 18.81 -8.80
N HIS A 3 8.80 18.36 -9.36
CA HIS A 3 9.01 18.41 -10.80
C HIS A 3 8.48 17.13 -11.41
N HIS A 4 9.07 16.03 -11.02
CA HIS A 4 8.64 14.72 -11.46
C HIS A 4 8.75 13.73 -10.32
N HIS A 5 9.68 14.04 -9.38
CA HIS A 5 9.94 13.27 -8.13
C HIS A 5 10.11 11.77 -8.39
N HIS A 6 10.15 11.02 -7.30
CA HIS A 6 10.17 9.57 -7.30
C HIS A 6 11.51 9.03 -7.83
N HIS A 7 12.50 9.88 -7.86
CA HIS A 7 13.81 9.49 -8.34
C HIS A 7 14.65 8.97 -7.21
N HIS A 8 15.64 8.11 -7.52
CA HIS A 8 16.49 7.39 -6.55
C HIS A 8 15.68 6.23 -5.95
N LEU A 9 14.65 6.60 -5.25
CA LEU A 9 13.66 5.73 -4.65
C LEU A 9 12.67 6.70 -4.12
N GLU A 10 11.61 6.30 -3.52
CA GLU A 10 10.81 7.31 -2.95
C GLU A 10 10.29 7.00 -1.58
N GLU A 11 10.61 7.89 -0.67
CA GLU A 11 10.09 7.87 0.61
C GLU A 11 8.80 8.59 0.62
N PHE A 12 7.82 7.86 0.89
CA PHE A 12 6.54 8.36 1.03
C PHE A 12 6.20 8.47 2.45
N THR A 13 5.47 9.45 2.80
CA THR A 13 4.96 9.51 4.10
C THR A 13 3.48 9.10 3.99
N ALA A 14 2.96 8.44 4.98
CA ALA A 14 1.64 7.75 4.87
C ALA A 14 0.46 8.66 4.60
N GLU A 15 0.37 9.76 5.34
CA GLU A 15 -0.73 10.72 5.18
C GLU A 15 -0.65 11.29 3.74
N GLN A 16 0.57 11.46 3.29
CA GLN A 16 0.87 11.97 1.97
C GLN A 16 0.65 10.92 0.88
N LEU A 17 0.88 9.67 1.23
CA LEU A 17 0.66 8.54 0.32
C LEU A 17 -0.83 8.40 0.00
N SER A 18 -1.65 8.87 0.93
CA SER A 18 -3.11 8.78 0.84
C SER A 18 -3.66 9.75 -0.25
N GLN A 19 -2.79 10.16 -1.15
CA GLN A 19 -3.13 11.03 -2.25
C GLN A 19 -2.81 10.30 -3.55
N TYR A 20 -2.35 9.06 -3.42
CA TYR A 20 -1.94 8.20 -4.52
C TYR A 20 -2.86 7.00 -4.62
N ASN A 21 -4.12 7.23 -4.31
CA ASN A 21 -5.12 6.17 -4.35
C ASN A 21 -5.57 5.95 -5.78
N GLY A 22 -5.29 6.91 -6.63
CA GLY A 22 -5.76 6.87 -8.00
C GLY A 22 -7.11 7.52 -8.08
N THR A 23 -7.34 8.43 -7.15
CA THR A 23 -8.58 9.12 -7.01
C THR A 23 -8.48 10.46 -7.71
N ASP A 24 -7.32 11.07 -7.56
CA ASP A 24 -7.07 12.39 -8.08
C ASP A 24 -6.30 12.34 -9.35
N GLU A 25 -6.99 12.62 -10.46
CA GLU A 25 -6.40 12.75 -11.80
C GLU A 25 -5.67 11.50 -12.25
N SER A 26 -5.99 10.37 -11.61
CA SER A 26 -5.45 9.07 -11.94
C SER A 26 -3.91 9.05 -11.75
N LYS A 27 -3.44 9.72 -10.67
CA LYS A 27 -2.01 9.66 -10.33
C LYS A 27 -1.62 8.23 -9.97
N PRO A 28 -0.30 7.90 -10.12
CA PRO A 28 0.25 6.58 -9.79
C PRO A 28 -0.31 6.01 -8.50
N ILE A 29 -0.61 4.75 -8.55
CA ILE A 29 -1.24 4.07 -7.47
C ILE A 29 -0.17 3.26 -6.76
N TYR A 30 -0.17 3.28 -5.47
CA TYR A 30 0.85 2.65 -4.72
C TYR A 30 0.25 1.96 -3.58
N VAL A 31 0.84 0.91 -3.21
CA VAL A 31 0.43 0.20 -2.07
C VAL A 31 1.63 -0.11 -1.24
N ALA A 32 1.56 0.21 -0.01
CA ALA A 32 2.65 0.00 0.85
C ALA A 32 2.35 -1.13 1.79
N ILE A 33 3.32 -1.94 2.03
CA ILE A 33 3.18 -3.02 2.96
C ILE A 33 4.37 -3.07 3.86
N LYS A 34 4.10 -2.86 5.13
CA LYS A 34 5.07 -2.93 6.19
C LYS A 34 6.16 -1.86 5.97
N GLY A 35 5.77 -0.81 5.28
CA GLY A 35 6.65 0.29 5.02
C GLY A 35 7.29 0.25 3.66
N ARG A 36 7.00 -0.79 2.88
CA ARG A 36 7.58 -0.90 1.56
C ARG A 36 6.54 -0.52 0.54
N VAL A 37 6.83 0.47 -0.25
CA VAL A 37 5.89 0.95 -1.26
C VAL A 37 6.06 0.22 -2.56
N PHE A 38 5.02 -0.40 -3.00
CA PHE A 38 4.98 -1.11 -4.26
C PHE A 38 4.17 -0.30 -5.25
N ASP A 39 4.53 -0.37 -6.50
CA ASP A 39 3.77 0.33 -7.53
C ASP A 39 2.71 -0.60 -8.10
N VAL A 40 1.47 -0.16 -8.04
CA VAL A 40 0.36 -0.92 -8.61
C VAL A 40 -0.33 -0.14 -9.69
N THR A 41 0.40 0.80 -10.28
CA THR A 41 -0.12 1.58 -11.38
C THR A 41 -0.24 0.66 -12.59
N THR A 42 0.56 -0.41 -12.58
CA THR A 42 0.51 -1.43 -13.60
C THR A 42 -0.83 -2.22 -13.50
N GLY A 43 -1.44 -2.18 -12.31
CA GLY A 43 -2.69 -2.84 -12.09
C GLY A 43 -3.74 -1.82 -11.69
N LYS A 44 -3.67 -0.65 -12.30
CA LYS A 44 -4.56 0.47 -12.04
C LYS A 44 -6.02 0.12 -12.29
N SER A 45 -6.25 -0.83 -13.18
CA SER A 45 -7.57 -1.28 -13.49
C SER A 45 -8.19 -2.07 -12.30
N PHE A 46 -7.33 -2.59 -11.44
CA PHE A 46 -7.77 -3.41 -10.32
C PHE A 46 -7.66 -2.67 -8.99
N TYR A 47 -6.65 -1.83 -8.84
CA TYR A 47 -6.41 -1.13 -7.58
C TYR A 47 -6.82 0.32 -7.60
N GLY A 48 -6.85 0.91 -8.79
CA GLY A 48 -6.93 2.36 -8.92
C GLY A 48 -8.19 3.07 -8.42
N SER A 49 -9.03 3.44 -9.34
CA SER A 49 -10.11 4.38 -9.05
C SER A 49 -11.35 3.72 -8.48
N GLY A 50 -11.62 2.54 -8.89
CA GLY A 50 -12.78 1.84 -8.45
C GLY A 50 -12.61 0.39 -8.67
N GLY A 51 -11.48 -0.09 -8.26
CA GLY A 51 -11.14 -1.45 -8.46
C GLY A 51 -11.53 -2.29 -7.27
N ASP A 52 -11.42 -3.58 -7.42
CA ASP A 52 -11.79 -4.50 -6.36
C ASP A 52 -10.69 -4.57 -5.29
N TYR A 53 -9.54 -4.04 -5.62
CA TYR A 53 -8.38 -4.06 -4.74
C TYR A 53 -8.01 -2.65 -4.32
N SER A 54 -8.95 -1.74 -4.50
CA SER A 54 -8.76 -0.34 -4.18
C SER A 54 -8.50 -0.03 -2.70
N MET A 55 -8.64 -1.02 -1.84
CA MET A 55 -8.39 -0.82 -0.41
C MET A 55 -6.93 -0.50 -0.18
N PHE A 56 -6.09 -1.08 -1.01
CA PHE A 56 -4.66 -0.96 -0.90
C PHE A 56 -4.16 0.32 -1.53
N ALA A 57 -4.88 0.77 -2.53
CA ALA A 57 -4.52 1.93 -3.31
C ALA A 57 -4.36 3.19 -2.47
N GLY A 58 -3.13 3.68 -2.41
CA GLY A 58 -2.86 4.96 -1.78
C GLY A 58 -2.59 4.81 -0.34
N LYS A 59 -2.41 3.59 0.07
CA LYS A 59 -2.22 3.30 1.42
C LYS A 59 -1.24 2.23 1.67
N ASP A 60 -0.85 2.18 2.91
CA ASP A 60 -0.13 1.08 3.44
C ASP A 60 -1.18 0.21 4.07
N ALA A 61 -1.08 -1.05 3.89
CA ALA A 61 -2.11 -1.91 4.34
C ALA A 61 -1.63 -2.95 5.33
N SER A 62 -0.60 -2.63 6.10
CA SER A 62 -0.03 -3.58 7.07
C SER A 62 -1.10 -4.15 8.03
N ARG A 63 -1.90 -3.27 8.60
CA ARG A 63 -2.95 -3.69 9.51
C ARG A 63 -4.10 -4.39 8.78
N ALA A 64 -4.33 -4.01 7.53
CA ALA A 64 -5.44 -4.53 6.77
C ALA A 64 -5.12 -5.92 6.34
N LEU A 65 -3.87 -6.12 6.06
CA LEU A 65 -3.36 -7.37 5.64
C LEU A 65 -3.37 -8.40 6.74
N GLY A 66 -3.09 -7.97 7.96
CA GLY A 66 -3.06 -8.90 9.05
C GLY A 66 -4.43 -9.35 9.47
N LYS A 67 -5.40 -8.47 9.34
CA LYS A 67 -6.75 -8.80 9.73
C LYS A 67 -7.54 -9.35 8.56
N MET A 68 -7.15 -8.93 7.35
CA MET A 68 -7.74 -9.31 6.04
C MET A 68 -8.95 -8.47 5.77
N SER A 69 -9.04 -7.42 6.54
CA SER A 69 -10.09 -6.48 6.47
C SER A 69 -9.84 -5.50 5.36
N LYS A 70 -10.86 -5.27 4.61
CA LYS A 70 -10.83 -4.43 3.46
C LYS A 70 -11.44 -3.08 3.81
N ASN A 71 -12.11 -3.04 4.92
CA ASN A 71 -12.69 -1.82 5.42
C ASN A 71 -11.62 -0.81 5.76
N GLU A 72 -11.92 0.42 5.45
CA GLU A 72 -11.01 1.52 5.63
C GLU A 72 -10.54 1.71 7.07
N GLU A 73 -11.39 1.32 8.02
CA GLU A 73 -11.08 1.44 9.45
C GLU A 73 -9.79 0.71 9.81
N ASP A 74 -9.51 -0.38 9.13
CA ASP A 74 -8.35 -1.21 9.45
C ASP A 74 -7.23 -1.07 8.46
N VAL A 75 -7.36 -0.14 7.53
CA VAL A 75 -6.28 0.07 6.60
C VAL A 75 -5.41 1.19 7.14
N SER A 76 -4.12 0.95 7.22
CA SER A 76 -3.20 1.82 7.91
C SER A 76 -1.78 1.22 7.84
N PRO A 77 -0.75 2.09 7.82
CA PRO A 77 0.67 1.68 7.81
C PRO A 77 1.09 0.96 9.09
N SER A 78 0.36 1.19 10.12
CA SER A 78 0.66 0.63 11.38
C SER A 78 -0.13 -0.63 11.62
N LEU A 79 0.57 -1.70 11.99
CA LEU A 79 -0.08 -2.98 12.29
C LEU A 79 -0.67 -3.02 13.70
N GLU A 80 -0.52 -1.91 14.38
CA GLU A 80 -1.22 -1.63 15.62
C GLU A 80 -0.98 -2.61 16.77
N GLY A 81 -1.90 -3.55 16.96
CA GLY A 81 -1.80 -4.42 18.06
C GLY A 81 -1.94 -5.85 17.67
N LEU A 82 -1.74 -6.11 16.40
CA LEU A 82 -1.79 -7.43 15.86
C LEU A 82 -0.77 -8.33 16.50
N THR A 83 -1.22 -9.49 16.87
CA THR A 83 -0.38 -10.47 17.47
C THR A 83 0.37 -11.24 16.38
N GLU A 84 1.25 -12.14 16.79
CA GLU A 84 2.18 -12.83 15.89
C GLU A 84 1.44 -13.54 14.72
N LYS A 85 0.35 -14.26 15.01
CA LYS A 85 -0.43 -14.96 13.95
C LYS A 85 -1.06 -13.97 12.96
N GLU A 86 -1.49 -12.83 13.49
CA GLU A 86 -2.18 -11.86 12.73
C GLU A 86 -1.25 -11.23 11.80
N ILE A 87 -0.12 -10.90 12.32
CA ILE A 87 0.93 -10.36 11.57
C ILE A 87 1.39 -11.39 10.52
N ASN A 88 1.38 -12.70 10.87
CA ASN A 88 1.72 -13.76 9.86
C ASN A 88 0.84 -13.69 8.65
N THR A 89 -0.38 -13.35 8.88
CA THR A 89 -1.33 -13.21 7.83
C THR A 89 -0.88 -12.13 6.83
N LEU A 90 -0.40 -11.02 7.35
CA LEU A 90 0.07 -9.91 6.54
C LEU A 90 1.38 -10.29 5.90
N ASN A 91 2.18 -10.99 6.66
CA ASN A 91 3.45 -11.51 6.19
C ASN A 91 3.28 -12.34 4.92
N ASP A 92 2.23 -13.14 4.88
CA ASP A 92 1.90 -13.93 3.69
C ASP A 92 1.46 -13.01 2.56
N TRP A 93 0.74 -11.97 2.92
CA TRP A 93 0.29 -10.96 1.98
C TRP A 93 1.43 -10.17 1.37
N GLU A 94 2.47 -9.92 2.16
CA GLU A 94 3.67 -9.25 1.69
C GLU A 94 4.18 -9.98 0.47
N THR A 95 4.37 -11.27 0.65
CA THR A 95 4.89 -12.21 -0.34
C THR A 95 4.13 -12.10 -1.69
N LYS A 96 2.86 -11.76 -1.60
CA LYS A 96 1.99 -11.75 -2.76
C LYS A 96 2.31 -10.54 -3.61
N PHE A 97 2.59 -9.48 -2.93
CA PHE A 97 2.97 -8.25 -3.54
C PHE A 97 4.47 -8.23 -3.88
N GLU A 98 5.27 -8.82 -2.99
CA GLU A 98 6.74 -8.95 -3.10
C GLU A 98 7.19 -9.60 -4.43
N ALA A 99 6.37 -10.45 -4.96
CA ALA A 99 6.75 -11.18 -6.16
C ALA A 99 6.07 -10.62 -7.39
N LYS A 100 5.24 -9.62 -7.22
CA LYS A 100 4.47 -9.11 -8.33
C LYS A 100 4.74 -7.65 -8.59
N TYR A 101 4.89 -6.90 -7.54
CA TYR A 101 5.04 -5.49 -7.67
C TYR A 101 6.41 -5.08 -7.18
N PRO A 102 7.02 -4.09 -7.83
CA PRO A 102 8.32 -3.61 -7.44
C PRO A 102 8.25 -2.65 -6.25
N VAL A 103 9.18 -2.80 -5.35
CA VAL A 103 9.28 -1.90 -4.23
C VAL A 103 9.96 -0.64 -4.72
N VAL A 104 9.20 0.40 -4.85
CA VAL A 104 9.70 1.66 -5.37
C VAL A 104 10.10 2.63 -4.28
N GLY A 105 10.03 2.19 -3.05
CA GLY A 105 10.46 3.01 -1.96
C GLY A 105 9.87 2.59 -0.65
N ARG A 106 9.67 3.52 0.21
CA ARG A 106 9.20 3.25 1.56
C ARG A 106 8.06 4.14 1.90
N VAL A 107 7.37 3.77 2.92
CA VAL A 107 6.41 4.63 3.48
C VAL A 107 6.77 4.83 4.93
N VAL A 108 6.81 6.05 5.32
CA VAL A 108 7.18 6.43 6.62
C VAL A 108 6.01 7.10 7.27
N SER A 109 5.83 6.90 8.52
CA SER A 109 4.69 7.44 9.15
C SER A 109 5.00 7.83 10.59
N MET A 1 0.35 9.61 -20.40
CA MET A 1 0.59 8.41 -21.19
C MET A 1 2.01 7.92 -20.98
N GLY A 2 2.13 6.76 -20.33
CA GLY A 2 3.43 6.16 -20.11
C GLY A 2 4.33 7.03 -19.25
N HIS A 3 5.63 6.96 -19.52
CA HIS A 3 6.67 7.73 -18.81
C HIS A 3 6.89 7.24 -17.39
N HIS A 4 5.89 7.42 -16.55
CA HIS A 4 5.98 7.10 -15.12
C HIS A 4 6.38 5.64 -14.86
N HIS A 5 7.54 5.48 -14.31
CA HIS A 5 8.06 4.18 -13.92
C HIS A 5 9.11 4.44 -12.87
N HIS A 6 9.19 3.59 -11.89
CA HIS A 6 10.14 3.81 -10.81
C HIS A 6 11.06 2.62 -10.69
N HIS A 7 12.33 2.86 -10.74
CA HIS A 7 13.32 1.80 -10.60
C HIS A 7 14.58 2.33 -9.95
N HIS A 8 14.66 2.16 -8.64
CA HIS A 8 15.78 2.62 -7.76
C HIS A 8 15.26 2.66 -6.34
N LEU A 9 13.99 3.00 -6.27
CA LEU A 9 13.21 3.21 -5.06
C LEU A 9 13.51 4.50 -4.35
N GLU A 10 12.48 5.10 -3.88
CA GLU A 10 12.52 6.39 -3.29
C GLU A 10 11.68 6.42 -2.04
N GLU A 11 11.86 7.41 -1.25
CA GLU A 11 11.11 7.60 -0.08
C GLU A 11 9.91 8.51 -0.33
N PHE A 12 8.84 8.13 0.24
CA PHE A 12 7.63 8.84 0.27
C PHE A 12 7.27 9.05 1.70
N THR A 13 6.53 10.06 1.97
CA THR A 13 6.02 10.22 3.30
C THR A 13 4.53 9.88 3.24
N ALA A 14 3.94 9.43 4.34
CA ALA A 14 2.56 8.95 4.35
C ALA A 14 1.55 9.94 3.75
N GLU A 15 1.61 11.20 4.15
CA GLU A 15 0.67 12.18 3.59
C GLU A 15 0.92 12.45 2.11
N GLN A 16 2.16 12.34 1.73
CA GLN A 16 2.55 12.52 0.35
C GLN A 16 2.17 11.29 -0.49
N LEU A 17 2.24 10.14 0.15
CA LEU A 17 1.94 8.85 -0.47
C LEU A 17 0.43 8.67 -0.59
N SER A 18 -0.30 9.05 0.46
CA SER A 18 -1.76 8.90 0.52
C SER A 18 -2.50 9.73 -0.52
N GLN A 19 -1.78 10.51 -1.28
CA GLN A 19 -2.36 11.26 -2.35
C GLN A 19 -2.41 10.39 -3.59
N TYR A 20 -1.45 9.48 -3.71
CA TYR A 20 -1.37 8.60 -4.85
C TYR A 20 -2.20 7.36 -4.63
N ASN A 21 -3.48 7.54 -4.76
CA ASN A 21 -4.41 6.46 -4.58
C ASN A 21 -5.11 6.11 -5.89
N GLY A 22 -4.98 6.98 -6.88
CA GLY A 22 -5.48 6.67 -8.20
C GLY A 22 -6.90 7.08 -8.48
N THR A 23 -7.64 7.49 -7.49
CA THR A 23 -9.03 7.81 -7.73
C THR A 23 -9.20 9.24 -8.21
N ASP A 24 -8.13 10.02 -8.12
CA ASP A 24 -8.19 11.41 -8.50
C ASP A 24 -7.51 11.62 -9.84
N GLU A 25 -8.29 11.81 -10.92
CA GLU A 25 -7.76 12.07 -12.28
C GLU A 25 -6.82 10.99 -12.75
N SER A 26 -6.93 9.82 -12.12
CA SER A 26 -6.08 8.70 -12.39
C SER A 26 -4.61 9.03 -12.00
N LYS A 27 -4.41 9.41 -10.73
CA LYS A 27 -3.05 9.58 -10.20
C LYS A 27 -2.38 8.21 -10.17
N PRO A 28 -1.03 8.15 -10.22
CA PRO A 28 -0.32 6.89 -10.03
C PRO A 28 -0.77 6.20 -8.73
N ILE A 29 -0.82 4.90 -8.73
CA ILE A 29 -1.38 4.18 -7.60
C ILE A 29 -0.28 3.35 -6.97
N TYR A 30 -0.20 3.37 -5.64
CA TYR A 30 0.82 2.66 -4.94
C TYR A 30 0.23 2.13 -3.68
N VAL A 31 0.81 1.13 -3.12
CA VAL A 31 0.31 0.58 -1.89
C VAL A 31 1.48 0.38 -0.94
N ALA A 32 1.23 0.54 0.34
CA ALA A 32 2.27 0.40 1.29
C ALA A 32 2.01 -0.76 2.24
N ILE A 33 3.01 -1.58 2.41
CA ILE A 33 2.98 -2.66 3.37
C ILE A 33 4.28 -2.58 4.11
N LYS A 34 4.20 -2.25 5.37
CA LYS A 34 5.36 -2.03 6.21
C LYS A 34 6.32 -0.99 5.68
N GLY A 35 5.75 0.00 5.04
CA GLY A 35 6.52 1.09 4.51
C GLY A 35 7.10 0.79 3.15
N ARG A 36 6.78 -0.34 2.62
CA ARG A 36 7.25 -0.72 1.29
C ARG A 36 6.20 -0.23 0.32
N VAL A 37 6.59 0.58 -0.62
CA VAL A 37 5.66 1.12 -1.59
C VAL A 37 5.73 0.34 -2.88
N PHE A 38 4.68 -0.36 -3.19
CA PHE A 38 4.62 -1.18 -4.38
C PHE A 38 3.85 -0.46 -5.46
N ASP A 39 4.27 -0.64 -6.70
CA ASP A 39 3.58 -0.02 -7.81
C ASP A 39 2.37 -0.84 -8.17
N VAL A 40 1.23 -0.30 -7.89
CA VAL A 40 0.01 -0.91 -8.29
C VAL A 40 -0.67 -0.08 -9.34
N THR A 41 0.13 0.74 -10.01
CA THR A 41 -0.34 1.51 -11.14
C THR A 41 -0.42 0.54 -12.31
N THR A 42 0.42 -0.49 -12.20
CA THR A 42 0.47 -1.60 -13.11
C THR A 42 -0.86 -2.43 -12.97
N GLY A 43 -1.51 -2.29 -11.82
CA GLY A 43 -2.77 -2.96 -11.55
C GLY A 43 -3.81 -1.94 -11.11
N LYS A 44 -3.91 -0.87 -11.90
CA LYS A 44 -4.77 0.24 -11.61
C LYS A 44 -6.22 -0.17 -11.46
N SER A 45 -6.66 -1.10 -12.27
CA SER A 45 -8.04 -1.54 -12.27
C SER A 45 -8.40 -2.30 -10.96
N PHE A 46 -7.41 -2.54 -10.11
CA PHE A 46 -7.64 -3.22 -8.87
C PHE A 46 -7.51 -2.25 -7.69
N TYR A 47 -6.72 -1.19 -7.85
CA TYR A 47 -6.44 -0.27 -6.73
C TYR A 47 -6.88 1.18 -6.97
N GLY A 48 -7.04 1.59 -8.23
CA GLY A 48 -7.29 2.99 -8.54
C GLY A 48 -8.61 3.59 -8.05
N SER A 49 -9.58 3.60 -8.91
CA SER A 49 -10.84 4.25 -8.59
C SER A 49 -11.94 3.21 -8.41
N GLY A 50 -12.07 2.32 -9.36
CA GLY A 50 -13.11 1.32 -9.28
C GLY A 50 -12.60 0.02 -8.74
N GLY A 51 -11.38 0.05 -8.26
CA GLY A 51 -10.76 -1.13 -7.74
C GLY A 51 -11.29 -1.51 -6.38
N ASP A 52 -11.27 -2.78 -6.09
CA ASP A 52 -11.74 -3.31 -4.81
C ASP A 52 -10.69 -3.05 -3.73
N TYR A 53 -9.45 -3.03 -4.15
CA TYR A 53 -8.34 -2.81 -3.26
C TYR A 53 -7.97 -1.34 -3.23
N SER A 54 -8.94 -0.50 -3.56
CA SER A 54 -8.79 0.95 -3.60
C SER A 54 -8.44 1.51 -2.20
N MET A 55 -8.71 0.73 -1.18
CA MET A 55 -8.45 1.15 0.20
C MET A 55 -6.97 1.03 0.48
N PHE A 56 -6.33 0.10 -0.22
CA PHE A 56 -4.91 -0.17 -0.10
C PHE A 56 -4.13 0.94 -0.76
N ALA A 57 -4.67 1.40 -1.87
CA ALA A 57 -4.11 2.47 -2.65
C ALA A 57 -3.76 3.70 -1.81
N GLY A 58 -2.49 4.00 -1.80
CA GLY A 58 -1.94 5.12 -1.08
C GLY A 58 -2.09 5.04 0.41
N LYS A 59 -2.13 3.85 0.94
CA LYS A 59 -2.21 3.70 2.31
C LYS A 59 -1.43 2.46 2.71
N ASP A 60 -1.00 2.38 3.94
CA ASP A 60 -0.36 1.19 4.44
C ASP A 60 -1.46 0.24 4.86
N ALA A 61 -1.44 -0.94 4.31
CA ALA A 61 -2.50 -1.88 4.54
C ALA A 61 -2.05 -3.07 5.36
N SER A 62 -0.99 -2.91 6.14
CA SER A 62 -0.41 -4.04 6.87
C SER A 62 -1.44 -4.77 7.77
N ARG A 63 -2.33 -4.02 8.44
CA ARG A 63 -3.35 -4.66 9.29
C ARG A 63 -4.36 -5.46 8.45
N ALA A 64 -4.74 -4.91 7.29
CA ALA A 64 -5.86 -5.45 6.49
C ALA A 64 -5.46 -6.74 5.88
N LEU A 65 -4.20 -6.81 5.55
CA LEU A 65 -3.59 -7.99 5.01
C LEU A 65 -3.73 -9.12 6.01
N GLY A 66 -3.39 -8.81 7.26
CA GLY A 66 -3.40 -9.79 8.32
C GLY A 66 -4.80 -10.19 8.73
N LYS A 67 -5.72 -9.27 8.63
CA LYS A 67 -7.11 -9.56 8.99
C LYS A 67 -7.75 -10.38 7.91
N MET A 68 -7.31 -10.09 6.70
CA MET A 68 -7.87 -10.61 5.49
C MET A 68 -9.19 -9.93 5.30
N SER A 69 -9.06 -8.67 5.02
CA SER A 69 -10.09 -7.75 4.89
C SER A 69 -9.51 -6.67 4.05
N LYS A 70 -10.21 -5.60 3.88
CA LYS A 70 -9.80 -4.62 2.91
C LYS A 70 -10.41 -3.25 3.13
N ASN A 71 -11.48 -3.15 3.90
CA ASN A 71 -12.05 -1.81 4.23
C ASN A 71 -11.05 -0.97 5.04
N GLU A 72 -11.06 0.35 4.84
CA GLU A 72 -10.10 1.30 5.47
C GLU A 72 -10.12 1.25 6.99
N GLU A 73 -11.15 0.61 7.51
CA GLU A 73 -11.42 0.49 8.90
C GLU A 73 -10.31 -0.36 9.50
N ASP A 74 -9.84 -1.29 8.72
CA ASP A 74 -8.78 -2.15 9.10
C ASP A 74 -7.51 -2.00 8.26
N VAL A 75 -7.50 -1.04 7.37
CA VAL A 75 -6.28 -0.78 6.61
C VAL A 75 -5.42 0.16 7.45
N SER A 76 -4.40 -0.38 8.09
CA SER A 76 -3.60 0.37 9.03
C SER A 76 -2.17 -0.18 9.11
N PRO A 77 -1.16 0.72 9.31
CA PRO A 77 0.25 0.34 9.40
C PRO A 77 0.71 -0.15 10.79
N SER A 78 -0.04 0.21 11.81
CA SER A 78 0.38 0.02 13.19
C SER A 78 0.59 -1.39 13.60
N LEU A 79 -0.33 -2.27 13.22
CA LEU A 79 -0.24 -3.67 13.60
C LEU A 79 -0.51 -3.76 15.10
N GLU A 80 -1.36 -2.86 15.47
CA GLU A 80 -1.81 -2.54 16.80
C GLU A 80 -2.35 -3.74 17.60
N GLY A 81 -3.46 -4.30 17.18
CA GLY A 81 -4.08 -5.35 17.93
C GLY A 81 -4.09 -6.63 17.16
N LEU A 82 -2.92 -7.15 16.93
CA LEU A 82 -2.75 -8.31 16.13
C LEU A 82 -1.76 -9.25 16.76
N THR A 83 -2.18 -10.48 16.95
CA THR A 83 -1.34 -11.52 17.45
C THR A 83 -0.44 -11.99 16.31
N GLU A 84 0.47 -12.92 16.59
CA GLU A 84 1.34 -13.41 15.54
C GLU A 84 0.58 -14.11 14.45
N LYS A 85 -0.54 -14.73 14.80
CA LYS A 85 -1.43 -15.34 13.81
C LYS A 85 -1.80 -14.30 12.76
N GLU A 86 -2.30 -13.20 13.25
CA GLU A 86 -2.76 -12.10 12.49
C GLU A 86 -1.62 -11.49 11.69
N ILE A 87 -0.58 -11.18 12.40
CA ILE A 87 0.61 -10.58 11.86
C ILE A 87 1.25 -11.47 10.77
N ASN A 88 1.40 -12.75 11.07
CA ASN A 88 1.98 -13.74 10.14
C ASN A 88 1.24 -13.81 8.87
N THR A 89 -0.03 -13.59 8.96
CA THR A 89 -0.85 -13.59 7.81
C THR A 89 -0.44 -12.45 6.84
N LEU A 90 -0.14 -11.26 7.39
CA LEU A 90 0.17 -10.10 6.54
C LEU A 90 1.55 -10.33 5.99
N ASN A 91 2.38 -10.95 6.80
CA ASN A 91 3.72 -11.32 6.42
C ASN A 91 3.74 -12.17 5.15
N ASP A 92 2.73 -13.00 4.98
CA ASP A 92 2.56 -13.76 3.73
C ASP A 92 2.17 -12.79 2.63
N TRP A 93 1.18 -11.96 2.94
CA TRP A 93 0.63 -10.93 2.06
C TRP A 93 1.70 -9.99 1.52
N GLU A 94 2.56 -9.55 2.38
CA GLU A 94 3.62 -8.66 2.04
C GLU A 94 4.48 -9.25 0.92
N THR A 95 4.92 -10.48 1.14
CA THR A 95 5.74 -11.25 0.24
C THR A 95 5.06 -11.44 -1.14
N LYS A 96 3.75 -11.44 -1.13
CA LYS A 96 2.97 -11.65 -2.32
C LYS A 96 3.00 -10.40 -3.16
N PHE A 97 2.90 -9.29 -2.50
CA PHE A 97 3.03 -8.01 -3.13
C PHE A 97 4.48 -7.79 -3.56
N GLU A 98 5.38 -8.20 -2.71
CA GLU A 98 6.84 -8.15 -2.93
C GLU A 98 7.30 -8.87 -4.21
N ALA A 99 6.57 -9.87 -4.65
CA ALA A 99 7.00 -10.62 -5.80
C ALA A 99 6.13 -10.33 -7.01
N LYS A 100 5.01 -9.71 -6.80
CA LYS A 100 4.10 -9.47 -7.89
C LYS A 100 4.14 -8.03 -8.32
N TYR A 101 4.28 -7.17 -7.36
CA TYR A 101 4.38 -5.78 -7.61
C TYR A 101 5.79 -5.31 -7.33
N PRO A 102 6.30 -4.36 -8.13
CA PRO A 102 7.60 -3.82 -7.89
C PRO A 102 7.59 -2.84 -6.73
N VAL A 103 8.41 -3.11 -5.76
CA VAL A 103 8.52 -2.23 -4.63
C VAL A 103 9.37 -1.03 -5.02
N VAL A 104 8.68 0.00 -5.42
CA VAL A 104 9.28 1.17 -5.99
C VAL A 104 9.55 2.25 -4.98
N GLY A 105 9.24 1.99 -3.73
CA GLY A 105 9.49 3.00 -2.77
C GLY A 105 9.39 2.55 -1.35
N ARG A 106 9.56 3.51 -0.51
CA ARG A 106 9.50 3.44 0.92
C ARG A 106 8.63 4.55 1.39
N VAL A 107 7.67 4.27 2.18
CA VAL A 107 6.89 5.30 2.74
C VAL A 107 7.25 5.45 4.19
N VAL A 108 7.49 6.65 4.57
CA VAL A 108 7.86 6.96 5.90
C VAL A 108 6.74 7.72 6.51
N SER A 109 6.51 7.51 7.73
CA SER A 109 5.35 8.05 8.33
C SER A 109 5.67 8.62 9.70
N MET A 1 -0.44 17.08 -5.87
CA MET A 1 0.10 18.00 -6.87
C MET A 1 1.25 17.34 -7.58
N GLY A 2 1.12 17.21 -8.88
CA GLY A 2 2.17 16.63 -9.67
C GLY A 2 2.02 15.13 -9.80
N HIS A 3 2.52 14.60 -10.89
CA HIS A 3 2.49 13.16 -11.16
C HIS A 3 3.64 12.49 -10.38
N HIS A 4 4.60 13.30 -9.98
CA HIS A 4 5.78 12.89 -9.18
C HIS A 4 6.79 12.07 -9.93
N HIS A 5 7.78 12.77 -10.44
CA HIS A 5 8.91 12.17 -11.07
C HIS A 5 9.98 12.06 -9.99
N HIS A 6 10.00 10.93 -9.34
CA HIS A 6 10.80 10.74 -8.17
C HIS A 6 12.22 10.27 -8.40
N HIS A 7 13.12 11.16 -8.02
CA HIS A 7 14.56 10.96 -8.06
C HIS A 7 14.99 9.99 -6.96
N HIS A 8 15.71 8.93 -7.35
CA HIS A 8 16.16 7.83 -6.46
C HIS A 8 14.98 6.95 -6.09
N LEU A 9 14.10 7.51 -5.28
CA LEU A 9 12.89 6.86 -4.81
C LEU A 9 12.10 7.99 -4.20
N GLU A 10 10.97 7.75 -3.65
CA GLU A 10 10.34 8.82 -2.97
C GLU A 10 9.78 8.38 -1.66
N GLU A 11 9.96 9.18 -0.66
CA GLU A 11 9.37 8.98 0.57
C GLU A 11 8.01 9.59 0.56
N PHE A 12 7.10 8.80 0.91
CA PHE A 12 5.76 9.17 0.95
C PHE A 12 5.24 9.11 2.32
N THR A 13 4.46 10.04 2.72
CA THR A 13 3.86 9.97 4.00
C THR A 13 2.46 9.36 3.83
N ALA A 14 1.96 8.68 4.86
CA ALA A 14 0.68 7.95 4.81
C ALA A 14 -0.49 8.81 4.32
N GLU A 15 -0.58 10.02 4.83
CA GLU A 15 -1.65 10.92 4.43
C GLU A 15 -1.50 11.36 2.98
N GLN A 16 -0.26 11.52 2.57
CA GLN A 16 0.06 11.92 1.20
C GLN A 16 -0.10 10.77 0.22
N LEU A 17 0.19 9.57 0.69
CA LEU A 17 0.14 8.33 -0.09
C LEU A 17 -1.31 8.12 -0.58
N SER A 18 -2.26 8.56 0.23
CA SER A 18 -3.69 8.39 -0.04
C SER A 18 -4.14 9.07 -1.34
N GLN A 19 -3.35 10.02 -1.81
CA GLN A 19 -3.69 10.73 -3.04
C GLN A 19 -3.28 9.92 -4.27
N TYR A 20 -2.64 8.82 -4.03
CA TYR A 20 -2.18 7.93 -5.09
C TYR A 20 -3.03 6.67 -5.14
N ASN A 21 -4.26 6.76 -4.62
CA ASN A 21 -5.16 5.59 -4.60
C ASN A 21 -5.65 5.23 -6.00
N GLY A 22 -5.55 6.18 -6.92
CA GLY A 22 -5.87 5.90 -8.31
C GLY A 22 -7.11 6.59 -8.79
N THR A 23 -7.78 7.27 -7.90
CA THR A 23 -8.99 7.97 -8.23
C THR A 23 -8.66 9.43 -8.65
N ASP A 24 -7.38 9.74 -8.67
CA ASP A 24 -6.88 11.00 -9.16
C ASP A 24 -7.07 11.00 -10.68
N GLU A 25 -6.65 12.04 -11.36
CA GLU A 25 -6.84 12.10 -12.73
C GLU A 25 -5.53 11.86 -13.27
N SER A 26 -5.13 10.61 -13.09
CA SER A 26 -3.90 10.10 -13.53
C SER A 26 -2.71 10.35 -12.59
N LYS A 27 -2.58 9.48 -11.63
CA LYS A 27 -1.41 9.40 -10.79
C LYS A 27 -1.13 7.96 -10.55
N PRO A 28 0.15 7.60 -10.33
CA PRO A 28 0.55 6.24 -10.06
C PRO A 28 -0.07 5.74 -8.75
N ILE A 29 -0.35 4.48 -8.70
CA ILE A 29 -1.01 3.91 -7.55
C ILE A 29 0.04 3.25 -6.69
N TYR A 30 -0.01 3.49 -5.40
CA TYR A 30 1.00 2.98 -4.52
C TYR A 30 0.44 2.23 -3.33
N VAL A 31 0.97 1.06 -3.09
CA VAL A 31 0.59 0.24 -1.96
C VAL A 31 1.79 0.05 -1.09
N ALA A 32 1.61 0.15 0.19
CA ALA A 32 2.69 -0.01 1.09
C ALA A 32 2.41 -1.15 2.06
N ILE A 33 3.37 -2.02 2.16
CA ILE A 33 3.34 -3.11 3.11
C ILE A 33 4.66 -3.07 3.83
N LYS A 34 4.62 -2.89 5.16
CA LYS A 34 5.84 -2.76 6.00
C LYS A 34 6.60 -1.50 5.63
N GLY A 35 5.89 -0.55 5.08
CA GLY A 35 6.48 0.70 4.69
C GLY A 35 7.07 0.67 3.30
N ARG A 36 7.12 -0.51 2.69
CA ARG A 36 7.68 -0.64 1.37
C ARG A 36 6.62 -0.25 0.35
N VAL A 37 6.82 0.86 -0.29
CA VAL A 37 5.90 1.31 -1.32
C VAL A 37 6.22 0.69 -2.65
N PHE A 38 5.26 -0.04 -3.14
CA PHE A 38 5.39 -0.71 -4.40
C PHE A 38 4.57 0.03 -5.42
N ASP A 39 5.02 0.04 -6.65
CA ASP A 39 4.25 0.65 -7.72
C ASP A 39 3.28 -0.37 -8.26
N VAL A 40 2.03 -0.20 -7.93
CA VAL A 40 0.99 -1.10 -8.39
C VAL A 40 0.23 -0.49 -9.55
N THR A 41 0.82 0.53 -10.15
CA THR A 41 0.22 1.19 -11.28
C THR A 41 0.07 0.21 -12.46
N THR A 42 0.96 -0.76 -12.52
CA THR A 42 0.93 -1.80 -13.53
C THR A 42 -0.35 -2.65 -13.39
N GLY A 43 -0.87 -2.71 -12.17
CA GLY A 43 -2.06 -3.44 -11.90
C GLY A 43 -3.13 -2.49 -11.42
N LYS A 44 -3.24 -1.36 -12.10
CA LYS A 44 -4.17 -0.32 -11.78
C LYS A 44 -5.60 -0.85 -11.69
N SER A 45 -5.92 -1.81 -12.54
CA SER A 45 -7.25 -2.40 -12.57
C SER A 45 -7.63 -3.06 -11.22
N PHE A 46 -6.63 -3.51 -10.48
CA PHE A 46 -6.87 -4.13 -9.19
C PHE A 46 -7.03 -3.08 -8.11
N TYR A 47 -6.12 -2.11 -8.12
CA TYR A 47 -6.06 -1.13 -7.06
C TYR A 47 -6.79 0.18 -7.41
N GLY A 48 -6.24 0.94 -8.36
CA GLY A 48 -6.76 2.27 -8.67
C GLY A 48 -7.97 2.30 -9.58
N SER A 49 -8.69 1.22 -9.64
CA SER A 49 -9.88 1.16 -10.48
C SER A 49 -11.12 0.83 -9.65
N GLY A 50 -10.98 0.95 -8.34
CA GLY A 50 -12.10 0.67 -7.45
C GLY A 50 -12.24 -0.80 -7.18
N GLY A 51 -11.13 -1.51 -7.30
CA GLY A 51 -11.10 -2.93 -7.08
C GLY A 51 -11.13 -3.28 -5.65
N ASP A 52 -11.00 -4.55 -5.39
CA ASP A 52 -11.05 -5.11 -4.06
C ASP A 52 -9.99 -4.48 -3.18
N TYR A 53 -8.87 -4.17 -3.78
CA TYR A 53 -7.73 -3.68 -3.06
C TYR A 53 -7.61 -2.16 -3.21
N SER A 54 -8.70 -1.49 -3.54
CA SER A 54 -8.71 -0.04 -3.72
C SER A 54 -8.47 0.69 -2.38
N MET A 55 -8.68 0.00 -1.26
CA MET A 55 -8.47 0.61 0.07
C MET A 55 -7.01 0.59 0.39
N PHE A 56 -6.33 -0.34 -0.25
CA PHE A 56 -4.94 -0.62 -0.04
C PHE A 56 -4.11 0.22 -1.01
N ALA A 57 -4.81 0.86 -1.94
CA ALA A 57 -4.20 1.56 -3.06
C ALA A 57 -3.61 2.92 -2.71
N GLY A 58 -3.72 3.33 -1.47
CA GLY A 58 -3.15 4.60 -1.09
C GLY A 58 -2.81 4.64 0.36
N LYS A 59 -2.52 3.50 0.91
CA LYS A 59 -2.16 3.38 2.30
C LYS A 59 -1.19 2.33 2.54
N ASP A 60 -0.70 2.36 3.73
CA ASP A 60 0.08 1.26 4.21
C ASP A 60 -0.94 0.34 4.76
N ALA A 61 -1.21 -0.67 4.05
CA ALA A 61 -2.32 -1.49 4.34
C ALA A 61 -1.90 -2.77 5.03
N SER A 62 -0.77 -2.74 5.67
CA SER A 62 -0.23 -3.90 6.30
C SER A 62 -1.17 -4.50 7.37
N ARG A 63 -1.81 -3.66 8.18
CA ARG A 63 -2.70 -4.21 9.21
C ARG A 63 -3.97 -4.74 8.56
N ALA A 64 -4.37 -4.11 7.46
CA ALA A 64 -5.60 -4.44 6.79
C ALA A 64 -5.43 -5.78 6.15
N LEU A 65 -4.22 -6.03 5.72
CA LEU A 65 -3.83 -7.29 5.17
C LEU A 65 -3.96 -8.43 6.19
N GLY A 66 -3.72 -8.14 7.43
CA GLY A 66 -3.81 -9.17 8.43
C GLY A 66 -5.21 -9.34 8.96
N LYS A 67 -5.94 -8.26 8.99
CA LYS A 67 -7.30 -8.27 9.51
C LYS A 67 -8.31 -8.60 8.41
N MET A 68 -7.91 -8.34 7.16
CA MET A 68 -8.76 -8.51 5.97
C MET A 68 -9.92 -7.52 6.01
N SER A 69 -9.59 -6.30 6.41
CA SER A 69 -10.55 -5.22 6.53
C SER A 69 -10.57 -4.38 5.28
N LYS A 70 -11.62 -3.60 5.11
CA LYS A 70 -11.75 -2.76 3.96
C LYS A 70 -12.08 -1.33 4.35
N ASN A 71 -12.38 -1.12 5.62
CA ASN A 71 -12.61 0.25 6.05
C ASN A 71 -11.33 0.99 6.19
N GLU A 72 -11.36 2.23 5.81
CA GLU A 72 -10.20 3.08 5.75
C GLU A 72 -9.48 3.22 7.10
N GLU A 73 -10.22 3.02 8.17
CA GLU A 73 -9.71 3.11 9.52
C GLU A 73 -8.63 2.07 9.76
N ASP A 74 -8.94 0.80 9.50
CA ASP A 74 -8.04 -0.27 9.86
C ASP A 74 -6.91 -0.45 8.85
N VAL A 75 -6.99 0.24 7.75
CA VAL A 75 -5.91 0.22 6.80
C VAL A 75 -4.81 1.09 7.43
N SER A 76 -3.82 0.43 8.01
CA SER A 76 -2.85 1.09 8.84
C SER A 76 -1.52 0.30 8.82
N PRO A 77 -0.37 0.99 9.02
CA PRO A 77 0.97 0.38 9.00
C PRO A 77 1.29 -0.48 10.23
N SER A 78 0.38 -0.52 11.17
CA SER A 78 0.57 -1.26 12.41
C SER A 78 0.68 -2.73 12.24
N LEU A 79 1.79 -3.25 12.70
CA LEU A 79 1.95 -4.64 12.81
C LEU A 79 2.05 -4.99 14.28
N GLU A 80 1.85 -3.99 15.10
CA GLU A 80 1.98 -4.10 16.54
C GLU A 80 0.64 -4.40 17.19
N GLY A 81 -0.42 -4.25 16.41
CA GLY A 81 -1.73 -4.58 16.85
C GLY A 81 -2.18 -5.84 16.18
N LEU A 82 -1.26 -6.78 16.08
CA LEU A 82 -1.48 -8.03 15.41
C LEU A 82 -0.71 -9.13 16.12
N THR A 83 -1.38 -10.19 16.45
CA THR A 83 -0.73 -11.35 17.00
C THR A 83 -0.39 -12.29 15.82
N GLU A 84 0.08 -13.50 16.08
CA GLU A 84 0.56 -14.39 15.00
C GLU A 84 -0.49 -14.70 13.93
N LYS A 85 -1.71 -15.02 14.32
CA LYS A 85 -2.79 -15.35 13.36
C LYS A 85 -3.02 -14.15 12.41
N GLU A 86 -2.89 -12.97 12.98
CA GLU A 86 -3.15 -11.74 12.35
C GLU A 86 -2.01 -11.41 11.44
N ILE A 87 -0.83 -11.46 11.99
CA ILE A 87 0.36 -11.22 11.25
C ILE A 87 0.50 -12.19 10.10
N ASN A 88 0.32 -13.50 10.36
CA ASN A 88 0.48 -14.53 9.30
C ASN A 88 -0.38 -14.28 8.10
N THR A 89 -1.56 -13.76 8.32
CA THR A 89 -2.46 -13.47 7.24
C THR A 89 -1.83 -12.44 6.27
N LEU A 90 -1.31 -11.37 6.86
CA LEU A 90 -0.63 -10.30 6.14
C LEU A 90 0.74 -10.75 5.64
N ASN A 91 1.45 -11.48 6.47
CA ASN A 91 2.79 -12.01 6.17
C ASN A 91 2.76 -12.74 4.82
N ASP A 92 1.66 -13.45 4.59
CA ASP A 92 1.39 -14.10 3.32
C ASP A 92 1.21 -13.04 2.21
N TRP A 93 0.35 -12.06 2.51
CA TRP A 93 0.05 -10.93 1.62
C TRP A 93 1.25 -10.13 1.17
N GLU A 94 2.16 -9.87 2.09
CA GLU A 94 3.39 -9.11 1.84
C GLU A 94 4.06 -9.62 0.57
N THR A 95 4.33 -10.88 0.61
CA THR A 95 4.98 -11.66 -0.42
C THR A 95 4.25 -11.58 -1.78
N LYS A 96 2.96 -11.38 -1.74
CA LYS A 96 2.14 -11.44 -2.93
C LYS A 96 2.36 -10.18 -3.73
N PHE A 97 2.54 -9.13 -3.00
CA PHE A 97 2.84 -7.85 -3.55
C PHE A 97 4.33 -7.75 -3.84
N GLU A 98 5.12 -8.12 -2.85
CA GLU A 98 6.58 -8.09 -2.89
C GLU A 98 7.21 -8.86 -4.05
N ALA A 99 6.48 -9.79 -4.63
CA ALA A 99 7.03 -10.59 -5.71
C ALA A 99 6.58 -10.08 -7.06
N LYS A 100 5.60 -9.22 -7.08
CA LYS A 100 5.03 -8.75 -8.34
C LYS A 100 5.31 -7.28 -8.59
N TYR A 101 5.32 -6.51 -7.54
CA TYR A 101 5.41 -5.10 -7.67
C TYR A 101 6.76 -4.61 -7.15
N PRO A 102 7.35 -3.63 -7.86
CA PRO A 102 8.65 -3.07 -7.50
C PRO A 102 8.55 -2.03 -6.39
N VAL A 103 9.52 -2.03 -5.51
CA VAL A 103 9.57 -1.07 -4.43
C VAL A 103 10.16 0.23 -4.95
N VAL A 104 9.34 1.26 -4.99
CA VAL A 104 9.77 2.55 -5.52
C VAL A 104 9.93 3.62 -4.44
N GLY A 105 9.84 3.24 -3.19
CA GLY A 105 10.03 4.18 -2.13
C GLY A 105 9.48 3.67 -0.83
N ARG A 106 9.13 4.56 0.06
CA ARG A 106 8.60 4.17 1.35
C ARG A 106 7.44 4.97 1.70
N VAL A 107 6.72 4.50 2.66
CA VAL A 107 5.74 5.27 3.25
C VAL A 107 6.15 5.51 4.70
N VAL A 108 6.01 6.70 5.10
CA VAL A 108 6.33 7.13 6.40
C VAL A 108 5.05 7.57 7.04
N SER A 109 4.91 7.35 8.29
CA SER A 109 3.65 7.57 8.90
C SER A 109 3.82 8.07 10.32
N MET A 1 3.85 18.60 -2.94
CA MET A 1 5.14 19.01 -3.46
C MET A 1 5.99 17.80 -3.74
N GLY A 2 7.05 17.98 -4.51
CA GLY A 2 7.94 16.88 -4.83
C GLY A 2 7.37 15.95 -5.87
N HIS A 3 7.42 16.38 -7.11
CA HIS A 3 6.88 15.60 -8.21
C HIS A 3 7.88 14.54 -8.64
N HIS A 4 7.74 13.33 -8.08
CA HIS A 4 8.60 12.18 -8.40
C HIS A 4 10.08 12.41 -8.05
N HIS A 5 10.49 11.85 -6.94
CA HIS A 5 11.87 11.94 -6.51
C HIS A 5 12.64 10.76 -7.03
N HIS A 6 13.92 10.74 -6.84
CA HIS A 6 14.73 9.62 -7.28
C HIS A 6 16.11 9.59 -6.62
N HIS A 7 16.18 8.82 -5.57
CA HIS A 7 17.41 8.55 -4.86
C HIS A 7 17.43 7.05 -4.64
N HIS A 8 17.73 6.33 -5.73
CA HIS A 8 17.60 4.86 -5.85
C HIS A 8 16.13 4.48 -5.98
N LEU A 9 15.36 4.98 -5.07
CA LEU A 9 13.93 4.84 -5.00
C LEU A 9 13.41 6.19 -4.57
N GLU A 10 12.12 6.35 -4.40
CA GLU A 10 11.63 7.63 -3.95
C GLU A 10 10.82 7.48 -2.69
N GLU A 11 10.80 8.53 -1.91
CA GLU A 11 10.09 8.54 -0.71
C GLU A 11 8.77 9.23 -0.89
N PHE A 12 7.80 8.70 -0.25
CA PHE A 12 6.50 9.23 -0.28
C PHE A 12 6.10 9.55 1.11
N THR A 13 5.52 10.67 1.33
CA THR A 13 5.05 10.97 2.64
C THR A 13 3.61 10.44 2.75
N ALA A 14 3.16 10.11 3.95
CA ALA A 14 1.81 9.54 4.19
C ALA A 14 0.71 10.40 3.55
N GLU A 15 0.81 11.70 3.77
CA GLU A 15 -0.14 12.68 3.24
C GLU A 15 -0.14 12.65 1.71
N GLN A 16 1.03 12.47 1.15
CA GLN A 16 1.22 12.41 -0.28
C GLN A 16 0.77 11.07 -0.85
N LEU A 17 1.17 9.99 -0.17
CA LEU A 17 0.92 8.61 -0.61
C LEU A 17 -0.57 8.38 -0.82
N SER A 18 -1.39 8.81 0.13
CA SER A 18 -2.83 8.61 0.06
C SER A 18 -3.50 9.35 -1.11
N GLN A 19 -2.78 10.26 -1.73
CA GLN A 19 -3.31 10.95 -2.88
C GLN A 19 -3.10 10.11 -4.13
N TYR A 20 -2.19 9.15 -4.04
CA TYR A 20 -1.85 8.26 -5.14
C TYR A 20 -2.76 7.05 -5.21
N ASN A 21 -3.95 7.16 -4.65
CA ASN A 21 -4.92 6.07 -4.68
C ASN A 21 -5.53 5.93 -6.09
N GLY A 22 -5.38 6.97 -6.90
CA GLY A 22 -5.82 6.92 -8.26
C GLY A 22 -6.93 7.89 -8.53
N THR A 23 -7.83 7.98 -7.59
CA THR A 23 -8.98 8.84 -7.67
C THR A 23 -8.57 10.34 -7.73
N ASP A 24 -7.43 10.66 -7.17
CA ASP A 24 -7.01 12.03 -7.07
C ASP A 24 -6.25 12.45 -8.33
N GLU A 25 -6.96 13.07 -9.27
CA GLU A 25 -6.36 13.60 -10.53
C GLU A 25 -5.69 12.49 -11.36
N SER A 26 -6.10 11.26 -11.15
CA SER A 26 -5.50 10.09 -11.78
C SER A 26 -4.00 9.97 -11.52
N LYS A 27 -3.69 9.67 -10.29
CA LYS A 27 -2.30 9.43 -9.87
C LYS A 27 -1.89 7.98 -10.16
N PRO A 28 -0.58 7.69 -10.26
CA PRO A 28 -0.09 6.32 -10.25
C PRO A 28 -0.42 5.71 -8.88
N ILE A 29 -0.64 4.43 -8.82
CA ILE A 29 -1.17 3.82 -7.62
C ILE A 29 -0.04 3.14 -6.84
N TYR A 30 0.05 3.43 -5.55
CA TYR A 30 1.10 2.90 -4.70
C TYR A 30 0.54 2.42 -3.39
N VAL A 31 0.96 1.27 -2.99
CA VAL A 31 0.53 0.71 -1.74
C VAL A 31 1.71 0.64 -0.81
N ALA A 32 1.45 0.54 0.45
CA ALA A 32 2.49 0.42 1.40
C ALA A 32 2.21 -0.72 2.35
N ILE A 33 3.20 -1.52 2.60
CA ILE A 33 3.13 -2.58 3.57
C ILE A 33 4.35 -2.38 4.46
N LYS A 34 4.13 -1.98 5.70
CA LYS A 34 5.22 -1.67 6.63
C LYS A 34 6.14 -0.56 6.11
N GLY A 35 5.56 0.31 5.33
CA GLY A 35 6.29 1.40 4.77
C GLY A 35 6.87 1.09 3.42
N ARG A 36 6.86 -0.17 3.05
CA ARG A 36 7.38 -0.62 1.79
C ARG A 36 6.37 -0.32 0.72
N VAL A 37 6.69 0.64 -0.11
CA VAL A 37 5.79 1.09 -1.14
C VAL A 37 6.01 0.33 -2.42
N PHE A 38 4.98 -0.32 -2.85
CA PHE A 38 4.99 -1.07 -4.07
C PHE A 38 4.17 -0.34 -5.11
N ASP A 39 4.65 -0.31 -6.32
CA ASP A 39 3.87 0.28 -7.40
C ASP A 39 2.90 -0.72 -7.91
N VAL A 40 1.64 -0.41 -7.77
CA VAL A 40 0.60 -1.29 -8.22
C VAL A 40 -0.14 -0.67 -9.38
N THR A 41 0.49 0.30 -10.02
CA THR A 41 -0.09 0.97 -11.16
C THR A 41 -0.20 -0.02 -12.34
N THR A 42 0.73 -0.97 -12.38
CA THR A 42 0.73 -2.00 -13.40
C THR A 42 -0.44 -2.99 -13.18
N GLY A 43 -0.92 -3.05 -11.95
CA GLY A 43 -2.02 -3.90 -11.60
C GLY A 43 -3.19 -3.08 -11.12
N LYS A 44 -3.37 -1.91 -11.74
CA LYS A 44 -4.40 -0.96 -11.38
C LYS A 44 -5.77 -1.60 -11.46
N SER A 45 -5.90 -2.53 -12.37
CA SER A 45 -7.12 -3.30 -12.62
C SER A 45 -7.67 -3.95 -11.32
N PHE A 46 -6.81 -4.15 -10.33
CA PHE A 46 -7.24 -4.64 -9.04
C PHE A 46 -7.39 -3.51 -8.06
N TYR A 47 -6.45 -2.60 -8.03
CA TYR A 47 -6.45 -1.56 -7.04
C TYR A 47 -7.27 -0.35 -7.47
N GLY A 48 -6.68 0.50 -8.31
CA GLY A 48 -7.32 1.76 -8.66
C GLY A 48 -8.47 1.63 -9.64
N SER A 49 -8.68 0.46 -10.15
CA SER A 49 -9.73 0.21 -11.11
C SER A 49 -10.43 -1.09 -10.80
N GLY A 50 -10.11 -1.65 -9.65
CA GLY A 50 -10.72 -2.88 -9.25
C GLY A 50 -11.68 -2.65 -8.14
N GLY A 51 -11.57 -1.47 -7.54
CA GLY A 51 -12.45 -1.07 -6.45
C GLY A 51 -12.20 -1.79 -5.14
N ASP A 52 -12.35 -3.07 -5.18
CA ASP A 52 -12.27 -3.92 -4.03
C ASP A 52 -10.89 -3.92 -3.36
N TYR A 53 -9.87 -3.59 -4.12
CA TYR A 53 -8.52 -3.52 -3.57
C TYR A 53 -8.09 -2.06 -3.47
N SER A 54 -9.00 -1.14 -3.73
CA SER A 54 -8.67 0.27 -3.76
C SER A 54 -8.54 0.86 -2.35
N MET A 55 -8.90 0.08 -1.34
CA MET A 55 -8.72 0.53 0.05
C MET A 55 -7.25 0.69 0.30
N PHE A 56 -6.50 -0.15 -0.35
CA PHE A 56 -5.11 -0.06 -0.36
C PHE A 56 -4.64 0.32 -1.73
N ALA A 57 -4.96 1.54 -2.10
CA ALA A 57 -4.45 2.13 -3.31
C ALA A 57 -3.52 3.28 -2.95
N GLY A 58 -3.59 3.70 -1.69
CA GLY A 58 -2.72 4.72 -1.17
C GLY A 58 -2.74 4.70 0.33
N LYS A 59 -2.52 3.54 0.87
CA LYS A 59 -2.55 3.30 2.30
C LYS A 59 -1.51 2.28 2.66
N ASP A 60 -1.04 2.34 3.88
CA ASP A 60 -0.25 1.27 4.40
C ASP A 60 -1.24 0.31 5.01
N ALA A 61 -1.41 -0.80 4.40
CA ALA A 61 -2.40 -1.74 4.80
C ALA A 61 -1.82 -2.91 5.55
N SER A 62 -0.69 -2.70 6.22
CA SER A 62 0.00 -3.78 6.93
C SER A 62 -0.96 -4.48 7.95
N ARG A 63 -1.76 -3.71 8.66
CA ARG A 63 -2.73 -4.28 9.61
C ARG A 63 -3.89 -4.96 8.89
N ALA A 64 -4.30 -4.38 7.78
CA ALA A 64 -5.50 -4.81 7.07
C ALA A 64 -5.22 -6.13 6.42
N LEU A 65 -3.99 -6.28 6.01
CA LEU A 65 -3.48 -7.47 5.43
C LEU A 65 -3.57 -8.66 6.39
N GLY A 66 -3.44 -8.41 7.67
CA GLY A 66 -3.49 -9.49 8.60
C GLY A 66 -4.88 -9.72 9.13
N LYS A 67 -5.64 -8.66 9.22
CA LYS A 67 -7.02 -8.75 9.67
C LYS A 67 -7.87 -9.37 8.60
N MET A 68 -7.47 -9.13 7.35
CA MET A 68 -8.22 -9.52 6.18
C MET A 68 -9.45 -8.69 6.18
N SER A 69 -9.19 -7.43 6.21
CA SER A 69 -10.15 -6.41 6.29
C SER A 69 -9.63 -5.30 5.48
N LYS A 70 -10.40 -4.32 5.29
CA LYS A 70 -10.07 -3.28 4.39
C LYS A 70 -10.74 -1.96 4.70
N ASN A 71 -11.52 -1.89 5.76
CA ASN A 71 -12.09 -0.61 6.15
C ASN A 71 -11.00 0.28 6.60
N GLU A 72 -11.15 1.50 6.22
CA GLU A 72 -10.23 2.58 6.41
C GLU A 72 -9.91 2.79 7.90
N GLU A 73 -10.79 2.30 8.74
CA GLU A 73 -10.62 2.39 10.15
C GLU A 73 -9.55 1.36 10.61
N ASP A 74 -9.56 0.18 10.00
CA ASP A 74 -8.63 -0.89 10.36
C ASP A 74 -7.32 -0.74 9.59
N VAL A 75 -7.41 -0.18 8.38
CA VAL A 75 -6.22 0.01 7.53
C VAL A 75 -5.23 0.92 8.24
N SER A 76 -4.01 0.43 8.41
CA SER A 76 -3.01 1.08 9.24
C SER A 76 -1.68 0.30 9.12
N PRO A 77 -0.52 0.98 9.31
CA PRO A 77 0.80 0.33 9.31
C PRO A 77 1.13 -0.36 10.65
N SER A 78 0.30 -0.10 11.64
CA SER A 78 0.47 -0.63 12.97
C SER A 78 0.02 -2.05 13.00
N LEU A 79 0.69 -2.84 13.79
CA LEU A 79 0.37 -4.19 13.90
C LEU A 79 -0.05 -4.47 15.28
N GLU A 80 -1.29 -4.21 15.50
CA GLU A 80 -1.91 -4.32 16.75
C GLU A 80 -3.24 -5.02 16.55
N GLY A 81 -3.54 -5.95 17.40
CA GLY A 81 -4.79 -6.67 17.29
C GLY A 81 -4.61 -7.81 16.36
N LEU A 82 -3.37 -8.21 16.25
CA LEU A 82 -2.96 -9.26 15.39
C LEU A 82 -2.19 -10.29 16.17
N THR A 83 -2.60 -11.50 16.03
CA THR A 83 -1.90 -12.61 16.58
C THR A 83 -0.87 -13.10 15.58
N GLU A 84 -0.13 -14.16 15.90
CA GLU A 84 0.90 -14.68 15.00
C GLU A 84 0.29 -15.05 13.66
N LYS A 85 -0.85 -15.74 13.72
CA LYS A 85 -1.62 -16.13 12.53
C LYS A 85 -1.91 -14.92 11.67
N GLU A 86 -2.41 -13.90 12.32
CA GLU A 86 -2.87 -12.74 11.69
C GLU A 86 -1.76 -11.99 11.06
N ILE A 87 -0.66 -11.92 11.73
CA ILE A 87 0.46 -11.30 11.15
C ILE A 87 0.98 -12.16 9.99
N ASN A 88 1.02 -13.49 10.19
CA ASN A 88 1.44 -14.45 9.13
C ASN A 88 0.70 -14.22 7.85
N THR A 89 -0.54 -13.89 8.01
CA THR A 89 -1.42 -13.62 6.92
C THR A 89 -0.90 -12.42 6.10
N LEU A 90 -0.48 -11.39 6.80
CA LEU A 90 0.02 -10.19 6.19
C LEU A 90 1.40 -10.45 5.65
N ASN A 91 2.15 -11.23 6.39
CA ASN A 91 3.47 -11.68 5.99
C ASN A 91 3.37 -12.38 4.63
N ASP A 92 2.31 -13.16 4.47
CA ASP A 92 1.99 -13.82 3.21
C ASP A 92 1.73 -12.75 2.15
N TRP A 93 0.90 -11.78 2.50
CA TRP A 93 0.61 -10.63 1.65
C TRP A 93 1.86 -9.89 1.20
N GLU A 94 2.77 -9.62 2.14
CA GLU A 94 4.06 -8.98 1.83
C GLU A 94 4.73 -9.72 0.68
N THR A 95 4.78 -11.01 0.83
CA THR A 95 5.38 -11.96 -0.08
C THR A 95 4.75 -11.91 -1.49
N LYS A 96 3.48 -11.62 -1.55
CA LYS A 96 2.75 -11.63 -2.80
C LYS A 96 3.08 -10.40 -3.57
N PHE A 97 3.11 -9.31 -2.86
CA PHE A 97 3.50 -8.05 -3.39
C PHE A 97 4.97 -8.07 -3.76
N GLU A 98 5.75 -8.73 -2.92
CA GLU A 98 7.19 -8.95 -3.12
C GLU A 98 7.51 -9.59 -4.47
N ALA A 99 6.59 -10.36 -5.01
CA ALA A 99 6.82 -11.03 -6.27
C ALA A 99 6.03 -10.40 -7.41
N LYS A 100 4.98 -9.67 -7.11
CA LYS A 100 4.11 -9.13 -8.14
C LYS A 100 4.41 -7.68 -8.42
N TYR A 101 4.88 -6.99 -7.43
CA TYR A 101 5.05 -5.58 -7.52
C TYR A 101 6.42 -5.12 -7.04
N PRO A 102 6.96 -4.06 -7.63
CA PRO A 102 8.25 -3.50 -7.25
C PRO A 102 8.15 -2.51 -6.09
N VAL A 103 9.04 -2.64 -5.13
CA VAL A 103 9.15 -1.68 -4.04
C VAL A 103 9.83 -0.43 -4.61
N VAL A 104 9.06 0.60 -4.83
CA VAL A 104 9.57 1.83 -5.43
C VAL A 104 10.03 2.84 -4.39
N GLY A 105 9.94 2.47 -3.14
CA GLY A 105 10.39 3.33 -2.09
C GLY A 105 9.67 3.06 -0.81
N ARG A 106 9.57 4.05 0.02
CA ARG A 106 8.88 3.87 1.27
C ARG A 106 7.94 5.02 1.46
N VAL A 107 7.05 4.85 2.35
CA VAL A 107 6.27 5.93 2.77
C VAL A 107 6.87 6.42 4.09
N VAL A 108 6.90 7.68 4.24
CA VAL A 108 7.51 8.29 5.36
C VAL A 108 6.47 9.17 6.05
N SER A 109 6.53 9.26 7.34
CA SER A 109 5.59 10.08 8.04
C SER A 109 6.33 10.79 9.18
N MET A 1 2.53 16.60 -6.87
CA MET A 1 2.53 15.84 -5.60
C MET A 1 3.78 14.98 -5.47
N GLY A 2 4.76 15.24 -6.31
CA GLY A 2 5.98 14.49 -6.27
C GLY A 2 6.87 14.99 -5.16
N HIS A 3 7.94 14.31 -4.94
CA HIS A 3 8.84 14.69 -3.87
C HIS A 3 10.26 14.77 -4.41
N HIS A 4 10.65 13.76 -5.16
CA HIS A 4 11.95 13.72 -5.84
C HIS A 4 11.76 13.09 -7.19
N HIS A 5 11.78 13.90 -8.24
CA HIS A 5 11.46 13.42 -9.59
C HIS A 5 12.52 12.50 -10.18
N HIS A 6 12.04 11.42 -10.78
CA HIS A 6 12.84 10.40 -11.45
C HIS A 6 13.72 9.62 -10.47
N HIS A 7 13.07 8.98 -9.55
CA HIS A 7 13.70 8.11 -8.59
C HIS A 7 12.77 6.98 -8.32
N HIS A 8 13.29 5.82 -8.04
CA HIS A 8 12.44 4.73 -7.64
C HIS A 8 12.15 4.93 -6.19
N LEU A 9 13.21 5.08 -5.44
CA LEU A 9 13.10 5.30 -4.04
C LEU A 9 12.78 6.73 -3.80
N GLU A 10 11.60 6.95 -3.38
CA GLU A 10 11.16 8.20 -2.97
C GLU A 10 10.46 7.99 -1.66
N GLU A 11 10.70 8.85 -0.72
CA GLU A 11 10.06 8.78 0.49
C GLU A 11 8.73 9.44 0.42
N PHE A 12 7.76 8.65 0.59
CA PHE A 12 6.44 9.06 0.68
C PHE A 12 6.04 9.10 2.09
N THR A 13 5.39 10.12 2.49
CA THR A 13 4.83 10.11 3.79
C THR A 13 3.37 9.65 3.62
N ALA A 14 2.82 8.92 4.58
CA ALA A 14 1.49 8.30 4.45
C ALA A 14 0.37 9.28 4.09
N GLU A 15 0.36 10.45 4.72
CA GLU A 15 -0.65 11.47 4.39
C GLU A 15 -0.51 11.91 2.93
N GLN A 16 0.71 11.93 2.46
CA GLN A 16 1.02 12.29 1.09
C GLN A 16 0.69 11.13 0.14
N LEU A 17 0.92 9.91 0.60
CA LEU A 17 0.69 8.69 -0.17
C LEU A 17 -0.79 8.45 -0.40
N SER A 18 -1.62 8.94 0.51
CA SER A 18 -3.08 8.71 0.49
C SER A 18 -3.80 9.35 -0.74
N GLN A 19 -3.03 9.84 -1.68
CA GLN A 19 -3.57 10.41 -2.90
C GLN A 19 -3.32 9.43 -4.05
N TYR A 20 -2.36 8.56 -3.84
CA TYR A 20 -1.91 7.59 -4.84
C TYR A 20 -2.72 6.32 -4.80
N ASN A 21 -3.92 6.41 -4.26
CA ASN A 21 -4.83 5.29 -4.24
C ASN A 21 -5.51 5.17 -5.60
N GLY A 22 -5.39 6.22 -6.40
CA GLY A 22 -5.86 6.19 -7.76
C GLY A 22 -7.15 6.90 -7.95
N THR A 23 -7.73 7.36 -6.90
CA THR A 23 -8.97 8.05 -6.99
C THR A 23 -8.75 9.58 -7.18
N ASP A 24 -7.79 10.15 -6.46
CA ASP A 24 -7.52 11.61 -6.52
C ASP A 24 -6.96 11.97 -7.89
N GLU A 25 -7.82 12.44 -8.81
CA GLU A 25 -7.40 12.84 -10.18
C GLU A 25 -6.83 11.64 -10.95
N SER A 26 -7.04 10.46 -10.39
CA SER A 26 -6.52 9.22 -10.91
C SER A 26 -4.97 9.28 -11.00
N LYS A 27 -4.31 9.43 -9.84
CA LYS A 27 -2.84 9.47 -9.77
C LYS A 27 -2.27 8.05 -9.91
N PRO A 28 -0.92 7.90 -10.10
CA PRO A 28 -0.25 6.59 -10.10
C PRO A 28 -0.55 5.85 -8.81
N ILE A 29 -0.58 4.55 -8.85
CA ILE A 29 -1.06 3.78 -7.75
C ILE A 29 0.12 3.10 -7.02
N TYR A 30 0.23 3.35 -5.71
CA TYR A 30 1.34 2.83 -4.91
C TYR A 30 0.86 2.23 -3.57
N VAL A 31 1.26 1.00 -3.30
CA VAL A 31 0.82 0.27 -2.11
C VAL A 31 1.99 0.07 -1.18
N ALA A 32 1.76 0.19 0.09
CA ALA A 32 2.81 0.04 1.04
C ALA A 32 2.55 -1.07 2.03
N ILE A 33 3.58 -1.84 2.27
CA ILE A 33 3.58 -2.94 3.23
C ILE A 33 4.86 -2.81 4.04
N LYS A 34 4.73 -2.51 5.34
CA LYS A 34 5.89 -2.27 6.23
C LYS A 34 6.72 -1.08 5.77
N GLY A 35 6.09 -0.20 5.04
CA GLY A 35 6.78 0.95 4.53
C GLY A 35 7.32 0.72 3.14
N ARG A 36 7.15 -0.48 2.62
CA ARG A 36 7.63 -0.80 1.29
C ARG A 36 6.58 -0.45 0.27
N VAL A 37 6.85 0.59 -0.48
CA VAL A 37 5.92 1.04 -1.50
C VAL A 37 6.18 0.35 -2.82
N PHE A 38 5.22 -0.41 -3.24
CA PHE A 38 5.28 -1.14 -4.48
C PHE A 38 4.42 -0.42 -5.49
N ASP A 39 4.84 -0.43 -6.73
CA ASP A 39 4.06 0.19 -7.78
C ASP A 39 3.05 -0.81 -8.30
N VAL A 40 1.79 -0.45 -8.22
CA VAL A 40 0.71 -1.28 -8.74
C VAL A 40 -0.06 -0.54 -9.80
N THR A 41 0.61 0.41 -10.43
CA THR A 41 0.00 1.25 -11.45
C THR A 41 -0.46 0.41 -12.68
N THR A 42 0.19 -0.74 -12.92
CA THR A 42 -0.20 -1.60 -14.03
C THR A 42 -1.47 -2.38 -13.70
N GLY A 43 -1.74 -2.53 -12.42
CA GLY A 43 -2.90 -3.25 -11.97
C GLY A 43 -3.92 -2.29 -11.42
N LYS A 44 -4.08 -1.16 -12.09
CA LYS A 44 -4.97 -0.12 -11.70
C LYS A 44 -6.40 -0.63 -11.51
N SER A 45 -6.82 -1.54 -12.37
CA SER A 45 -8.17 -2.09 -12.31
C SER A 45 -8.40 -2.92 -11.02
N PHE A 46 -7.32 -3.29 -10.34
CA PHE A 46 -7.41 -4.01 -9.09
C PHE A 46 -7.26 -3.06 -7.92
N TYR A 47 -6.36 -2.11 -8.06
CA TYR A 47 -6.08 -1.21 -6.99
C TYR A 47 -6.74 0.17 -7.17
N GLY A 48 -6.27 0.95 -8.12
CA GLY A 48 -6.69 2.34 -8.23
C GLY A 48 -8.08 2.58 -8.76
N SER A 49 -8.67 1.63 -9.39
CA SER A 49 -9.96 1.86 -9.97
C SER A 49 -10.95 0.78 -9.62
N GLY A 50 -11.66 1.01 -8.53
CA GLY A 50 -12.76 0.15 -8.11
C GLY A 50 -12.42 -1.32 -8.02
N GLY A 51 -11.28 -1.61 -7.47
CA GLY A 51 -10.90 -2.98 -7.30
C GLY A 51 -11.15 -3.43 -5.89
N ASP A 52 -10.91 -4.68 -5.59
CA ASP A 52 -11.06 -5.19 -4.21
C ASP A 52 -9.88 -4.72 -3.39
N TYR A 53 -8.80 -4.48 -4.09
CA TYR A 53 -7.56 -4.05 -3.50
C TYR A 53 -7.49 -2.51 -3.50
N SER A 54 -8.63 -1.87 -3.73
CA SER A 54 -8.70 -0.42 -3.86
C SER A 54 -8.36 0.32 -2.55
N MET A 55 -8.43 -0.39 -1.45
CA MET A 55 -8.17 0.22 -0.13
C MET A 55 -6.69 0.18 0.16
N PHE A 56 -6.01 -0.67 -0.55
CA PHE A 56 -4.59 -0.90 -0.37
C PHE A 56 -3.83 -0.03 -1.35
N ALA A 57 -4.56 0.41 -2.37
CA ALA A 57 -4.07 1.13 -3.55
C ALA A 57 -3.11 2.29 -3.27
N GLY A 58 -3.35 3.04 -2.23
CA GLY A 58 -2.49 4.17 -1.93
C GLY A 58 -2.39 4.34 -0.46
N LYS A 59 -2.22 3.25 0.19
CA LYS A 59 -2.25 3.21 1.60
C LYS A 59 -1.30 2.14 2.08
N ASP A 60 -0.57 2.41 3.16
CA ASP A 60 0.16 1.34 3.79
C ASP A 60 -0.88 0.51 4.46
N ALA A 61 -1.12 -0.61 3.90
CA ALA A 61 -2.20 -1.42 4.33
C ALA A 61 -1.74 -2.62 5.09
N SER A 62 -0.61 -2.50 5.78
CA SER A 62 -0.05 -3.62 6.52
C SER A 62 -1.06 -4.23 7.54
N ARG A 63 -1.82 -3.38 8.22
CA ARG A 63 -2.82 -3.89 9.17
C ARG A 63 -3.99 -4.50 8.41
N ALA A 64 -4.36 -3.84 7.32
CA ALA A 64 -5.53 -4.26 6.51
C ALA A 64 -5.28 -5.59 5.92
N LEU A 65 -4.05 -5.80 5.57
CA LEU A 65 -3.55 -7.03 5.04
C LEU A 65 -3.72 -8.19 6.01
N GLY A 66 -3.65 -7.93 7.29
CA GLY A 66 -3.82 -9.00 8.23
C GLY A 66 -5.25 -9.16 8.66
N LYS A 67 -6.03 -8.13 8.44
CA LYS A 67 -7.43 -8.16 8.84
C LYS A 67 -8.33 -8.53 7.67
N MET A 68 -7.77 -8.45 6.44
CA MET A 68 -8.53 -8.67 5.18
C MET A 68 -9.67 -7.66 5.09
N SER A 69 -9.43 -6.53 5.68
CA SER A 69 -10.39 -5.49 5.78
C SER A 69 -10.21 -4.46 4.74
N LYS A 70 -11.30 -3.86 4.42
CA LYS A 70 -11.43 -2.98 3.32
C LYS A 70 -12.02 -1.65 3.82
N ASN A 71 -12.21 -1.58 5.12
CA ASN A 71 -12.71 -0.39 5.76
C ASN A 71 -11.56 0.33 6.43
N GLU A 72 -11.52 1.67 6.30
CA GLU A 72 -10.40 2.50 6.82
C GLU A 72 -10.17 2.32 8.30
N GLU A 73 -11.19 1.87 9.00
CA GLU A 73 -11.09 1.60 10.43
C GLU A 73 -9.95 0.60 10.69
N ASP A 74 -9.77 -0.35 9.78
CA ASP A 74 -8.73 -1.37 9.94
C ASP A 74 -7.60 -1.18 8.95
N VAL A 75 -7.75 -0.26 8.02
CA VAL A 75 -6.69 -0.01 7.07
C VAL A 75 -5.72 0.95 7.70
N SER A 76 -4.52 0.48 7.91
CA SER A 76 -3.55 1.12 8.73
C SER A 76 -2.18 0.47 8.54
N PRO A 77 -1.08 1.17 8.90
CA PRO A 77 0.27 0.63 8.75
C PRO A 77 0.77 -0.20 9.96
N SER A 78 0.19 0.00 11.13
CA SER A 78 0.68 -0.63 12.34
C SER A 78 0.01 -1.93 12.67
N LEU A 79 0.78 -2.81 13.28
CA LEU A 79 0.35 -4.18 13.51
C LEU A 79 0.24 -4.43 14.99
N GLU A 80 0.13 -3.36 15.74
CA GLU A 80 0.02 -3.40 17.19
C GLU A 80 -1.25 -4.10 17.68
N GLY A 81 -2.20 -4.28 16.78
CA GLY A 81 -3.42 -4.98 17.11
C GLY A 81 -3.42 -6.37 16.54
N LEU A 82 -2.32 -6.73 15.89
CA LEU A 82 -2.19 -8.01 15.25
C LEU A 82 -1.18 -8.88 15.93
N THR A 83 -1.63 -9.98 16.45
CA THR A 83 -0.75 -10.99 16.95
C THR A 83 -0.42 -11.91 15.75
N GLU A 84 0.37 -12.95 15.97
CA GLU A 84 0.85 -13.82 14.88
C GLU A 84 -0.29 -14.36 13.98
N LYS A 85 -1.42 -14.74 14.55
CA LYS A 85 -2.56 -15.28 13.76
C LYS A 85 -2.99 -14.25 12.68
N GLU A 86 -3.00 -12.97 13.07
CA GLU A 86 -3.45 -11.92 12.25
C GLU A 86 -2.38 -11.59 11.26
N ILE A 87 -1.16 -11.52 11.78
CA ILE A 87 -0.04 -11.18 10.98
C ILE A 87 0.15 -12.18 9.86
N ASN A 88 -0.08 -13.47 10.15
CA ASN A 88 0.10 -14.54 9.13
C ASN A 88 -0.58 -14.26 7.82
N THR A 89 -1.72 -13.65 7.89
CA THR A 89 -2.46 -13.29 6.72
C THR A 89 -1.71 -12.22 5.90
N LEU A 90 -1.23 -11.20 6.57
CA LEU A 90 -0.45 -10.12 5.96
C LEU A 90 0.94 -10.62 5.58
N ASN A 91 1.46 -11.48 6.40
CA ASN A 91 2.78 -12.11 6.22
C ASN A 91 2.79 -12.83 4.85
N ASP A 92 1.64 -13.37 4.49
CA ASP A 92 1.41 -13.95 3.18
C ASP A 92 1.40 -12.85 2.13
N TRP A 93 0.60 -11.82 2.40
CA TRP A 93 0.44 -10.64 1.54
C TRP A 93 1.73 -9.93 1.19
N GLU A 94 2.62 -9.76 2.16
CA GLU A 94 3.92 -9.09 1.95
C GLU A 94 4.62 -9.73 0.78
N THR A 95 4.56 -11.02 0.78
CA THR A 95 5.24 -11.86 -0.17
C THR A 95 4.60 -11.76 -1.56
N LYS A 96 3.30 -11.58 -1.58
CA LYS A 96 2.52 -11.61 -2.80
C LYS A 96 2.74 -10.34 -3.57
N PHE A 97 2.92 -9.29 -2.84
CA PHE A 97 3.20 -8.02 -3.40
C PHE A 97 4.66 -7.86 -3.74
N GLU A 98 5.52 -8.21 -2.79
CA GLU A 98 6.95 -7.99 -2.90
C GLU A 98 7.56 -8.77 -4.09
N ALA A 99 6.94 -9.89 -4.45
CA ALA A 99 7.49 -10.74 -5.49
C ALA A 99 6.81 -10.50 -6.82
N LYS A 100 5.77 -9.70 -6.81
CA LYS A 100 5.01 -9.46 -8.02
C LYS A 100 5.06 -8.01 -8.45
N TYR A 101 5.30 -7.14 -7.52
CA TYR A 101 5.36 -5.73 -7.78
C TYR A 101 6.70 -5.21 -7.30
N PRO A 102 7.24 -4.18 -7.96
CA PRO A 102 8.51 -3.61 -7.59
C PRO A 102 8.40 -2.65 -6.43
N VAL A 103 9.20 -2.86 -5.43
CA VAL A 103 9.26 -1.95 -4.34
C VAL A 103 10.09 -0.75 -4.76
N VAL A 104 9.42 0.30 -5.04
CA VAL A 104 10.06 1.47 -5.50
C VAL A 104 10.57 2.32 -4.35
N GLY A 105 9.70 2.71 -3.46
CA GLY A 105 10.11 3.59 -2.42
C GLY A 105 9.59 3.20 -1.07
N ARG A 106 9.44 4.18 -0.23
CA ARG A 106 9.00 3.93 1.11
C ARG A 106 7.85 4.79 1.45
N VAL A 107 7.18 4.43 2.49
CA VAL A 107 6.25 5.27 3.07
C VAL A 107 6.63 5.44 4.52
N VAL A 108 6.56 6.63 4.96
CA VAL A 108 6.90 7.00 6.30
C VAL A 108 5.71 7.65 6.93
N SER A 109 5.54 7.44 8.17
CA SER A 109 4.40 7.94 8.82
C SER A 109 4.72 8.32 10.26
N MET A 1 1.46 19.55 -2.24
CA MET A 1 1.16 18.13 -2.05
C MET A 1 2.16 17.27 -2.77
N GLY A 2 2.50 16.14 -2.20
CA GLY A 2 3.42 15.23 -2.83
C GLY A 2 4.81 15.38 -2.31
N HIS A 3 5.76 15.57 -3.22
CA HIS A 3 7.20 15.72 -2.89
C HIS A 3 7.82 14.44 -2.38
N HIS A 4 9.10 14.54 -2.02
CA HIS A 4 9.88 13.45 -1.41
C HIS A 4 10.26 12.35 -2.39
N HIS A 5 9.87 12.46 -3.65
CA HIS A 5 10.22 11.42 -4.60
C HIS A 5 11.58 11.69 -5.21
N HIS A 6 12.43 10.68 -5.21
CA HIS A 6 13.78 10.83 -5.74
C HIS A 6 14.01 9.80 -6.83
N HIS A 7 15.13 9.89 -7.50
CA HIS A 7 15.42 9.00 -8.62
C HIS A 7 16.00 7.66 -8.09
N HIS A 8 16.63 7.69 -6.90
CA HIS A 8 17.10 6.44 -6.27
C HIS A 8 15.91 5.65 -5.79
N LEU A 9 15.21 6.22 -4.83
CA LEU A 9 13.98 5.66 -4.32
C LEU A 9 13.09 6.79 -3.87
N GLU A 10 11.82 6.61 -4.02
CA GLU A 10 10.88 7.62 -3.63
C GLU A 10 10.35 7.44 -2.23
N GLU A 11 10.44 8.50 -1.46
CA GLU A 11 9.90 8.56 -0.18
C GLU A 11 8.54 9.18 -0.24
N PHE A 12 7.67 8.61 0.46
CA PHE A 12 6.37 9.09 0.61
C PHE A 12 6.09 9.28 2.04
N THR A 13 5.40 10.30 2.40
CA THR A 13 4.97 10.40 3.75
C THR A 13 3.52 9.96 3.78
N ALA A 14 3.09 9.30 4.84
CA ALA A 14 1.80 8.59 4.87
C ALA A 14 0.57 9.43 4.52
N GLU A 15 0.46 10.61 5.08
CA GLU A 15 -0.69 11.47 4.79
C GLU A 15 -0.67 11.92 3.33
N GLN A 16 0.53 12.08 2.83
CA GLN A 16 0.77 12.48 1.47
C GLN A 16 0.54 11.30 0.51
N LEU A 17 0.87 10.10 0.97
CA LEU A 17 0.70 8.86 0.20
C LEU A 17 -0.77 8.59 -0.06
N SER A 18 -1.61 9.07 0.85
CA SER A 18 -3.06 8.81 0.84
C SER A 18 -3.74 9.45 -0.38
N GLN A 19 -2.96 10.06 -1.24
CA GLN A 19 -3.48 10.75 -2.40
C GLN A 19 -3.07 10.00 -3.67
N TYR A 20 -2.30 8.95 -3.50
CA TYR A 20 -1.81 8.12 -4.60
C TYR A 20 -2.70 6.93 -4.82
N ASN A 21 -3.98 7.17 -4.67
CA ASN A 21 -5.01 6.18 -4.85
C ASN A 21 -5.44 6.10 -6.33
N GLY A 22 -4.78 6.94 -7.14
CA GLY A 22 -4.92 6.92 -8.59
C GLY A 22 -6.30 7.16 -9.12
N THR A 23 -7.08 7.99 -8.48
CA THR A 23 -8.40 8.25 -8.97
C THR A 23 -8.44 9.63 -9.59
N ASP A 24 -7.59 10.50 -9.10
CA ASP A 24 -7.55 11.84 -9.59
C ASP A 24 -6.40 11.98 -10.51
N GLU A 25 -6.62 12.61 -11.66
CA GLU A 25 -5.57 12.99 -12.62
C GLU A 25 -4.81 11.80 -13.21
N SER A 26 -5.29 10.60 -12.87
CA SER A 26 -4.70 9.33 -13.28
C SER A 26 -3.26 9.23 -12.72
N LYS A 27 -3.09 9.65 -11.46
CA LYS A 27 -1.81 9.57 -10.72
C LYS A 27 -1.31 8.12 -10.63
N PRO A 28 -0.01 7.91 -10.37
CA PRO A 28 0.54 6.59 -10.11
C PRO A 28 -0.04 6.04 -8.80
N ILE A 29 -0.15 4.75 -8.71
CA ILE A 29 -0.79 4.13 -7.59
C ILE A 29 0.23 3.35 -6.78
N TYR A 30 0.26 3.61 -5.51
CA TYR A 30 1.20 2.98 -4.64
C TYR A 30 0.51 2.41 -3.43
N VAL A 31 0.98 1.28 -3.01
CA VAL A 31 0.54 0.63 -1.80
C VAL A 31 1.73 0.46 -0.93
N ALA A 32 1.54 0.25 0.31
CA ALA A 32 2.65 0.03 1.18
C ALA A 32 2.36 -1.10 2.13
N ILE A 33 3.39 -1.77 2.54
CA ILE A 33 3.29 -2.83 3.52
C ILE A 33 4.48 -2.66 4.45
N LYS A 34 4.23 -2.32 5.71
CA LYS A 34 5.31 -2.06 6.71
C LYS A 34 6.14 -0.83 6.36
N GLY A 35 5.66 -0.01 5.48
CA GLY A 35 6.41 1.14 5.08
C GLY A 35 7.03 1.01 3.71
N ARG A 36 7.24 -0.21 3.23
CA ARG A 36 7.76 -0.39 1.90
C ARG A 36 6.69 -0.21 0.88
N VAL A 37 6.90 0.75 0.02
CA VAL A 37 5.95 1.10 -0.99
C VAL A 37 6.16 0.29 -2.25
N PHE A 38 5.11 -0.32 -2.68
CA PHE A 38 5.09 -1.09 -3.87
C PHE A 38 4.22 -0.38 -4.89
N ASP A 39 4.63 -0.37 -6.13
CA ASP A 39 3.82 0.27 -7.17
C ASP A 39 2.78 -0.71 -7.67
N VAL A 40 1.55 -0.27 -7.72
CA VAL A 40 0.46 -1.10 -8.21
C VAL A 40 -0.27 -0.40 -9.34
N THR A 41 0.42 0.52 -9.99
CA THR A 41 -0.14 1.26 -11.10
C THR A 41 -0.36 0.29 -12.27
N THR A 42 0.39 -0.78 -12.25
CA THR A 42 0.30 -1.84 -13.22
C THR A 42 -1.01 -2.62 -13.06
N GLY A 43 -1.43 -2.79 -11.82
CA GLY A 43 -2.65 -3.49 -11.53
C GLY A 43 -3.74 -2.51 -11.17
N LYS A 44 -3.80 -1.43 -11.92
CA LYS A 44 -4.73 -0.35 -11.71
C LYS A 44 -6.18 -0.82 -11.73
N SER A 45 -6.46 -1.81 -12.55
CA SER A 45 -7.80 -2.37 -12.68
C SER A 45 -8.33 -2.86 -11.32
N PHE A 46 -7.46 -3.25 -10.43
CA PHE A 46 -7.87 -3.71 -9.12
C PHE A 46 -7.78 -2.60 -8.08
N TYR A 47 -6.65 -1.91 -8.05
CA TYR A 47 -6.40 -0.91 -7.04
C TYR A 47 -6.99 0.47 -7.42
N GLY A 48 -6.55 1.05 -8.52
CA GLY A 48 -6.97 2.40 -8.86
C GLY A 48 -8.11 2.43 -9.84
N SER A 49 -9.10 1.65 -9.58
CA SER A 49 -10.27 1.62 -10.41
C SER A 49 -11.49 1.76 -9.52
N GLY A 50 -11.24 2.01 -8.24
CA GLY A 50 -12.31 2.07 -7.27
C GLY A 50 -12.89 0.69 -7.00
N GLY A 51 -12.05 -0.33 -7.15
CA GLY A 51 -12.51 -1.69 -7.00
C GLY A 51 -12.39 -2.21 -5.58
N ASP A 52 -12.18 -3.50 -5.46
CA ASP A 52 -12.07 -4.19 -4.17
C ASP A 52 -10.79 -3.80 -3.47
N TYR A 53 -9.73 -3.73 -4.24
CA TYR A 53 -8.41 -3.41 -3.71
C TYR A 53 -8.15 -1.91 -3.72
N SER A 54 -9.21 -1.14 -3.81
CA SER A 54 -9.07 0.30 -3.89
C SER A 54 -8.68 0.89 -2.54
N MET A 55 -8.93 0.17 -1.46
CA MET A 55 -8.63 0.68 -0.12
C MET A 55 -7.13 0.66 0.10
N PHE A 56 -6.46 -0.20 -0.66
CA PHE A 56 -5.03 -0.37 -0.58
C PHE A 56 -4.34 0.73 -1.37
N ALA A 57 -5.04 1.24 -2.37
CA ALA A 57 -4.51 2.26 -3.25
C ALA A 57 -4.24 3.55 -2.48
N GLY A 58 -2.99 3.94 -2.40
CA GLY A 58 -2.62 5.15 -1.73
C GLY A 58 -2.54 4.98 -0.24
N LYS A 59 -2.40 3.76 0.22
CA LYS A 59 -2.40 3.51 1.62
C LYS A 59 -1.49 2.32 1.95
N ASP A 60 -0.83 2.38 3.10
CA ASP A 60 -0.15 1.20 3.61
C ASP A 60 -1.23 0.30 4.16
N ALA A 61 -1.16 -0.97 3.90
CA ALA A 61 -2.23 -1.85 4.26
C ALA A 61 -1.81 -2.94 5.21
N SER A 62 -0.70 -2.76 5.89
CA SER A 62 -0.15 -3.80 6.74
C SER A 62 -1.12 -4.37 7.82
N ARG A 63 -1.89 -3.50 8.49
CA ARG A 63 -2.90 -3.98 9.47
C ARG A 63 -4.05 -4.69 8.80
N ALA A 64 -4.39 -4.23 7.62
CA ALA A 64 -5.52 -4.78 6.90
C ALA A 64 -5.14 -6.15 6.43
N LEU A 65 -3.94 -6.24 5.95
CA LEU A 65 -3.35 -7.44 5.46
C LEU A 65 -3.35 -8.56 6.49
N GLY A 66 -3.13 -8.22 7.73
CA GLY A 66 -3.10 -9.24 8.75
C GLY A 66 -4.47 -9.73 9.18
N LYS A 67 -5.50 -9.00 8.80
CA LYS A 67 -6.84 -9.38 9.21
C LYS A 67 -7.68 -9.75 8.02
N MET A 68 -7.05 -9.77 6.84
CA MET A 68 -7.73 -10.05 5.56
C MET A 68 -8.74 -8.96 5.25
N SER A 69 -8.48 -7.82 5.86
CA SER A 69 -9.26 -6.68 5.74
C SER A 69 -8.86 -5.94 4.53
N LYS A 70 -9.79 -5.25 4.08
CA LYS A 70 -9.77 -4.48 2.93
C LYS A 70 -10.73 -3.35 3.14
N ASN A 71 -11.01 -3.08 4.41
CA ASN A 71 -11.88 -2.00 4.79
C ASN A 71 -11.08 -0.85 5.27
N GLU A 72 -11.59 0.33 5.04
CA GLU A 72 -10.86 1.57 5.24
C GLU A 72 -10.31 1.78 6.66
N GLU A 73 -11.03 1.32 7.66
CA GLU A 73 -10.60 1.52 9.04
C GLU A 73 -9.43 0.62 9.43
N ASP A 74 -9.23 -0.47 8.71
CA ASP A 74 -8.13 -1.35 9.07
C ASP A 74 -6.96 -1.22 8.15
N VAL A 75 -7.15 -0.58 7.03
CA VAL A 75 -6.04 -0.34 6.13
C VAL A 75 -5.19 0.75 6.77
N SER A 76 -3.96 0.41 7.08
CA SER A 76 -3.14 1.19 7.99
C SER A 76 -1.66 0.75 7.92
N PRO A 77 -0.71 1.69 8.22
CA PRO A 77 0.76 1.45 8.14
C PRO A 77 1.39 0.82 9.39
N SER A 78 0.66 -0.02 10.07
CA SER A 78 1.17 -0.67 11.26
C SER A 78 0.50 -1.96 11.50
N LEU A 79 1.09 -2.77 12.33
CA LEU A 79 0.61 -4.10 12.56
C LEU A 79 -0.13 -4.10 13.88
N GLU A 80 -0.72 -2.98 14.18
CA GLU A 80 -1.40 -2.76 15.41
C GLU A 80 -2.67 -3.56 15.52
N GLY A 81 -2.77 -4.25 16.62
CA GLY A 81 -3.93 -4.96 16.95
C GLY A 81 -3.87 -6.34 16.42
N LEU A 82 -2.66 -6.82 16.24
CA LEU A 82 -2.40 -8.06 15.63
C LEU A 82 -1.35 -8.85 16.37
N THR A 83 -1.64 -10.08 16.60
CA THR A 83 -0.71 -11.01 17.16
C THR A 83 0.03 -11.70 16.02
N GLU A 84 1.04 -12.52 16.31
CA GLU A 84 1.83 -13.20 15.28
C GLU A 84 0.92 -14.00 14.34
N LYS A 85 -0.12 -14.60 14.90
CA LYS A 85 -1.12 -15.37 14.15
C LYS A 85 -1.68 -14.51 13.02
N GLU A 86 -2.00 -13.31 13.36
CA GLU A 86 -2.61 -12.35 12.53
C GLU A 86 -1.61 -11.76 11.58
N ILE A 87 -0.48 -11.41 12.13
CA ILE A 87 0.60 -10.86 11.38
C ILE A 87 1.05 -11.85 10.26
N ASN A 88 1.07 -13.15 10.57
CA ASN A 88 1.35 -14.21 9.58
C ASN A 88 0.51 -14.08 8.31
N THR A 89 -0.71 -13.65 8.48
CA THR A 89 -1.59 -13.45 7.36
C THR A 89 -1.08 -12.33 6.43
N LEU A 90 -0.54 -11.29 7.03
CA LEU A 90 0.04 -10.17 6.32
C LEU A 90 1.35 -10.59 5.73
N ASN A 91 2.07 -11.40 6.48
CA ASN A 91 3.31 -12.02 6.02
C ASN A 91 3.10 -12.78 4.69
N ASP A 92 1.91 -13.36 4.53
CA ASP A 92 1.51 -13.98 3.26
C ASP A 92 1.39 -12.92 2.19
N TRP A 93 0.81 -11.81 2.55
CA TRP A 93 0.67 -10.67 1.66
C TRP A 93 2.01 -10.06 1.30
N GLU A 94 2.94 -10.15 2.23
CA GLU A 94 4.33 -9.72 2.00
C GLU A 94 5.06 -10.75 1.15
N THR A 95 4.31 -11.60 0.54
CA THR A 95 4.81 -12.58 -0.38
C THR A 95 4.08 -12.39 -1.71
N LYS A 96 2.80 -12.06 -1.63
CA LYS A 96 1.94 -11.96 -2.79
C LYS A 96 2.25 -10.69 -3.52
N PHE A 97 2.39 -9.64 -2.76
CA PHE A 97 2.74 -8.35 -3.28
C PHE A 97 4.22 -8.31 -3.63
N GLU A 98 5.02 -8.92 -2.79
CA GLU A 98 6.47 -8.87 -2.90
C GLU A 98 6.98 -9.58 -4.18
N ALA A 99 6.21 -10.51 -4.68
CA ALA A 99 6.60 -11.26 -5.85
C ALA A 99 5.91 -10.73 -7.06
N LYS A 100 5.17 -9.67 -6.89
CA LYS A 100 4.34 -9.24 -7.95
C LYS A 100 4.59 -7.78 -8.26
N TYR A 101 4.84 -7.02 -7.22
CA TYR A 101 5.07 -5.60 -7.35
C TYR A 101 6.44 -5.28 -6.80
N PRO A 102 7.12 -4.31 -7.38
CA PRO A 102 8.44 -3.89 -6.94
C PRO A 102 8.38 -2.91 -5.77
N VAL A 103 9.31 -3.04 -4.85
CA VAL A 103 9.44 -2.08 -3.77
C VAL A 103 10.11 -0.85 -4.35
N VAL A 104 9.32 0.14 -4.66
CA VAL A 104 9.85 1.33 -5.26
C VAL A 104 10.50 2.23 -4.22
N GLY A 105 9.84 2.44 -3.12
CA GLY A 105 10.38 3.31 -2.12
C GLY A 105 9.82 3.05 -0.77
N ARG A 106 9.57 4.09 -0.04
CA ARG A 106 9.11 3.99 1.32
C ARG A 106 8.01 4.93 1.61
N VAL A 107 7.30 4.63 2.64
CA VAL A 107 6.42 5.54 3.20
C VAL A 107 6.90 5.82 4.61
N VAL A 108 6.93 7.06 4.93
CA VAL A 108 7.44 7.52 6.17
C VAL A 108 6.35 8.22 6.92
N SER A 109 6.39 8.10 8.18
CA SER A 109 5.39 8.65 9.00
C SER A 109 6.03 9.14 10.29
N MET A 1 0.80 17.25 -0.86
CA MET A 1 2.17 16.93 -0.49
C MET A 1 2.62 15.72 -1.29
N GLY A 2 3.88 15.36 -1.17
CA GLY A 2 4.38 14.18 -1.85
C GLY A 2 5.56 14.50 -2.71
N HIS A 3 6.34 13.49 -3.01
CA HIS A 3 7.52 13.64 -3.85
C HIS A 3 7.46 12.66 -4.99
N HIS A 4 8.29 12.90 -6.00
CA HIS A 4 8.48 11.99 -7.12
C HIS A 4 9.90 12.04 -7.57
N HIS A 5 10.74 11.33 -6.88
CA HIS A 5 12.14 11.31 -7.14
C HIS A 5 12.52 9.92 -7.66
N HIS A 6 12.59 9.79 -8.95
CA HIS A 6 12.78 8.50 -9.59
C HIS A 6 14.22 8.02 -9.54
N HIS A 7 14.42 6.74 -9.88
CA HIS A 7 15.75 6.09 -9.95
C HIS A 7 16.36 5.90 -8.56
N HIS A 8 15.56 6.13 -7.55
CA HIS A 8 15.95 5.96 -6.16
C HIS A 8 14.75 5.44 -5.42
N LEU A 9 14.93 5.04 -4.19
CA LEU A 9 13.81 4.57 -3.42
C LEU A 9 13.06 5.77 -2.85
N GLU A 10 11.78 5.73 -2.94
CA GLU A 10 10.92 6.81 -2.50
C GLU A 10 10.49 6.68 -1.08
N GLU A 11 10.52 7.79 -0.38
CA GLU A 11 9.98 7.86 0.89
C GLU A 11 8.64 8.48 0.80
N PHE A 12 7.69 7.73 1.16
CA PHE A 12 6.38 8.18 1.23
C PHE A 12 5.97 8.29 2.63
N THR A 13 5.29 9.33 2.96
CA THR A 13 4.70 9.39 4.24
C THR A 13 3.26 8.90 4.08
N ALA A 14 2.73 8.17 5.05
CA ALA A 14 1.40 7.56 4.95
C ALA A 14 0.30 8.56 4.58
N GLU A 15 0.31 9.73 5.22
CA GLU A 15 -0.65 10.79 4.89
C GLU A 15 -0.52 11.20 3.42
N GLN A 16 0.70 11.18 2.91
CA GLN A 16 0.97 11.55 1.53
C GLN A 16 0.56 10.43 0.60
N LEU A 17 0.76 9.19 1.05
CA LEU A 17 0.45 8.03 0.24
C LEU A 17 -1.05 7.94 -0.02
N SER A 18 -1.83 8.40 0.96
CA SER A 18 -3.28 8.37 0.87
C SER A 18 -3.82 9.25 -0.28
N GLN A 19 -2.92 10.02 -0.88
CA GLN A 19 -3.27 10.88 -2.00
C GLN A 19 -3.22 10.06 -3.29
N TYR A 20 -2.52 8.96 -3.22
CA TYR A 20 -2.30 8.05 -4.34
C TYR A 20 -3.30 6.91 -4.28
N ASN A 21 -4.43 7.17 -3.61
CA ASN A 21 -5.52 6.20 -3.33
C ASN A 21 -6.17 5.56 -4.57
N GLY A 22 -5.74 5.96 -5.75
CA GLY A 22 -6.20 5.30 -6.95
C GLY A 22 -7.46 5.86 -7.56
N THR A 23 -8.31 6.50 -6.78
CA THR A 23 -9.55 6.99 -7.36
C THR A 23 -9.44 8.43 -7.74
N ASP A 24 -8.24 8.90 -7.76
CA ASP A 24 -8.03 10.16 -8.32
C ASP A 24 -8.04 9.94 -9.84
N GLU A 25 -7.85 10.94 -10.60
CA GLU A 25 -8.00 10.79 -11.95
C GLU A 25 -6.71 11.12 -12.52
N SER A 26 -5.86 10.12 -12.40
CA SER A 26 -4.52 10.17 -12.88
C SER A 26 -3.47 10.65 -11.88
N LYS A 27 -3.08 9.74 -11.02
CA LYS A 27 -1.92 9.84 -10.17
C LYS A 27 -1.32 8.46 -10.16
N PRO A 28 -0.01 8.30 -9.97
CA PRO A 28 0.59 6.97 -9.86
C PRO A 28 0.02 6.25 -8.65
N ILE A 29 -0.06 4.95 -8.72
CA ILE A 29 -0.76 4.21 -7.69
C ILE A 29 0.28 3.40 -6.86
N TYR A 30 0.17 3.42 -5.53
CA TYR A 30 1.17 2.82 -4.67
C TYR A 30 0.54 2.30 -3.42
N VAL A 31 0.80 1.07 -3.12
CA VAL A 31 0.27 0.48 -1.92
C VAL A 31 1.40 0.17 -0.96
N ALA A 32 1.21 0.48 0.29
CA ALA A 32 2.23 0.25 1.26
C ALA A 32 1.87 -0.91 2.13
N ILE A 33 2.76 -1.84 2.21
CA ILE A 33 2.58 -3.00 3.03
C ILE A 33 3.70 -3.06 4.04
N LYS A 34 3.33 -3.09 5.33
CA LYS A 34 4.28 -3.17 6.47
C LYS A 34 4.98 -1.82 6.66
N GLY A 35 5.63 -1.38 5.63
CA GLY A 35 6.29 -0.12 5.59
C GLY A 35 7.06 -0.02 4.30
N ARG A 36 6.61 -0.80 3.35
CA ARG A 36 7.24 -0.99 2.09
C ARG A 36 6.25 -0.54 1.04
N VAL A 37 6.64 0.38 0.21
CA VAL A 37 5.76 0.88 -0.82
C VAL A 37 5.94 0.13 -2.11
N PHE A 38 4.90 -0.52 -2.52
CA PHE A 38 4.88 -1.28 -3.75
C PHE A 38 4.18 -0.48 -4.82
N ASP A 39 4.68 -0.53 -6.02
CA ASP A 39 4.04 0.15 -7.13
C ASP A 39 2.95 -0.70 -7.70
N VAL A 40 1.78 -0.14 -7.80
CA VAL A 40 0.66 -0.83 -8.39
C VAL A 40 0.10 0.00 -9.51
N THR A 41 0.93 0.85 -10.07
CA THR A 41 0.57 1.66 -11.22
C THR A 41 0.48 0.72 -12.42
N THR A 42 1.21 -0.38 -12.32
CA THR A 42 1.22 -1.42 -13.29
C THR A 42 -0.14 -2.12 -13.32
N GLY A 43 -0.75 -2.25 -12.15
CA GLY A 43 -2.05 -2.86 -12.01
C GLY A 43 -3.11 -1.81 -11.78
N LYS A 44 -3.02 -0.73 -12.56
CA LYS A 44 -3.94 0.39 -12.46
C LYS A 44 -5.38 -0.06 -12.67
N SER A 45 -5.59 -1.00 -13.57
CA SER A 45 -6.92 -1.52 -13.87
C SER A 45 -7.58 -2.16 -12.63
N PHE A 46 -6.78 -2.46 -11.63
CA PHE A 46 -7.29 -3.00 -10.41
C PHE A 46 -7.29 -1.95 -9.31
N TYR A 47 -6.17 -1.28 -9.16
CA TYR A 47 -5.97 -0.32 -8.07
C TYR A 47 -6.40 1.13 -8.39
N GLY A 48 -6.09 1.62 -9.57
CA GLY A 48 -6.37 3.01 -9.85
C GLY A 48 -7.38 3.20 -10.95
N SER A 49 -8.33 2.30 -11.02
CA SER A 49 -9.35 2.33 -12.06
C SER A 49 -10.42 1.27 -11.83
N GLY A 50 -10.04 0.18 -11.19
CA GLY A 50 -10.97 -0.90 -11.01
C GLY A 50 -11.84 -0.71 -9.82
N GLY A 51 -11.41 0.14 -8.91
CA GLY A 51 -12.15 0.42 -7.67
C GLY A 51 -12.02 -0.68 -6.64
N ASP A 52 -11.99 -1.88 -7.12
CA ASP A 52 -11.94 -3.10 -6.35
C ASP A 52 -10.71 -3.16 -5.41
N TYR A 53 -9.65 -2.48 -5.78
CA TYR A 53 -8.47 -2.42 -4.95
C TYR A 53 -8.13 -0.98 -4.54
N SER A 54 -9.09 -0.09 -4.65
CA SER A 54 -8.88 1.34 -4.36
C SER A 54 -8.52 1.60 -2.90
N MET A 55 -8.93 0.71 -2.04
CA MET A 55 -8.70 0.83 -0.61
C MET A 55 -7.28 0.42 -0.25
N PHE A 56 -6.63 -0.24 -1.18
CA PHE A 56 -5.22 -0.62 -1.07
C PHE A 56 -4.35 0.36 -1.86
N ALA A 57 -4.88 0.74 -3.02
CA ALA A 57 -4.22 1.56 -4.07
C ALA A 57 -3.39 2.74 -3.57
N GLY A 58 -3.70 3.22 -2.43
CA GLY A 58 -3.04 4.36 -1.90
C GLY A 58 -3.25 4.44 -0.46
N LYS A 59 -3.20 3.31 0.17
CA LYS A 59 -3.33 3.23 1.53
C LYS A 59 -2.46 2.13 2.04
N ASP A 60 -1.79 2.43 3.10
CA ASP A 60 -0.94 1.51 3.78
C ASP A 60 -1.83 0.39 4.30
N ALA A 61 -1.72 -0.74 3.72
CA ALA A 61 -2.60 -1.84 4.01
C ALA A 61 -1.97 -2.83 4.97
N SER A 62 -1.01 -2.36 5.74
CA SER A 62 -0.26 -3.18 6.67
C SER A 62 -1.18 -3.94 7.63
N ARG A 63 -1.98 -3.22 8.39
CA ARG A 63 -2.88 -3.89 9.34
C ARG A 63 -3.96 -4.69 8.59
N ALA A 64 -4.38 -4.17 7.44
CA ALA A 64 -5.55 -4.67 6.73
C ALA A 64 -5.30 -6.04 6.21
N LEU A 65 -4.08 -6.26 5.83
CA LEU A 65 -3.63 -7.52 5.35
C LEU A 65 -3.67 -8.58 6.41
N GLY A 66 -3.21 -8.25 7.60
CA GLY A 66 -3.18 -9.22 8.68
C GLY A 66 -4.56 -9.52 9.20
N LYS A 67 -5.46 -8.58 9.03
CA LYS A 67 -6.82 -8.74 9.50
C LYS A 67 -7.66 -9.40 8.42
N MET A 68 -7.34 -9.07 7.17
CA MET A 68 -8.01 -9.52 5.94
C MET A 68 -9.26 -8.68 5.70
N SER A 69 -9.22 -7.51 6.33
CA SER A 69 -10.25 -6.51 6.24
C SER A 69 -9.94 -5.57 5.08
N LYS A 70 -10.95 -4.95 4.51
CA LYS A 70 -10.71 -3.97 3.43
C LYS A 70 -11.34 -2.63 3.77
N ASN A 71 -11.85 -2.54 4.98
CA ASN A 71 -12.46 -1.32 5.48
C ASN A 71 -11.39 -0.37 5.93
N GLU A 72 -11.56 0.86 5.53
CA GLU A 72 -10.56 1.93 5.61
C GLU A 72 -10.10 2.16 7.07
N GLU A 73 -11.00 2.00 8.02
CA GLU A 73 -10.67 2.18 9.43
C GLU A 73 -9.72 1.10 9.94
N ASP A 74 -9.70 -0.05 9.27
CA ASP A 74 -8.86 -1.13 9.73
C ASP A 74 -7.61 -1.22 8.85
N VAL A 75 -7.57 -0.35 7.84
CA VAL A 75 -6.40 -0.24 7.01
C VAL A 75 -5.49 0.81 7.70
N SER A 76 -4.19 0.61 7.68
CA SER A 76 -3.28 1.37 8.54
C SER A 76 -1.83 0.95 8.23
N PRO A 77 -0.85 1.90 8.33
CA PRO A 77 0.59 1.63 8.02
C PRO A 77 1.28 0.80 9.09
N SER A 78 0.75 0.84 10.25
CA SER A 78 1.32 0.17 11.37
C SER A 78 0.76 -1.19 11.49
N LEU A 79 1.45 -1.98 12.24
CA LEU A 79 1.01 -3.26 12.55
C LEU A 79 0.28 -3.21 13.88
N GLU A 80 0.08 -1.97 14.34
CA GLU A 80 -0.76 -1.62 15.47
C GLU A 80 -0.35 -2.33 16.75
N GLY A 81 -0.93 -3.48 16.98
CA GLY A 81 -0.58 -4.26 18.10
C GLY A 81 -0.79 -5.70 17.78
N LEU A 82 -0.75 -6.00 16.49
CA LEU A 82 -0.96 -7.31 15.95
C LEU A 82 0.01 -8.31 16.49
N THR A 83 -0.49 -9.48 16.73
CA THR A 83 0.29 -10.55 17.22
C THR A 83 0.85 -11.35 16.03
N GLU A 84 1.61 -12.39 16.30
CA GLU A 84 2.25 -13.17 15.27
C GLU A 84 1.26 -13.79 14.30
N LYS A 85 0.15 -14.29 14.80
CA LYS A 85 -0.92 -14.86 13.95
C LYS A 85 -1.34 -13.86 12.89
N GLU A 86 -1.65 -12.69 13.37
CA GLU A 86 -2.12 -11.59 12.60
C GLU A 86 -1.07 -11.15 11.60
N ILE A 87 0.10 -10.90 12.11
CA ILE A 87 1.17 -10.41 11.32
C ILE A 87 1.64 -11.44 10.25
N ASN A 88 1.69 -12.74 10.63
CA ASN A 88 2.03 -13.81 9.67
C ASN A 88 1.10 -13.80 8.49
N THR A 89 -0.12 -13.39 8.73
CA THR A 89 -1.08 -13.27 7.69
C THR A 89 -0.67 -12.18 6.68
N LEU A 90 -0.17 -11.03 7.18
CA LEU A 90 0.24 -9.97 6.27
C LEU A 90 1.52 -10.32 5.59
N ASN A 91 2.37 -11.02 6.32
CA ASN A 91 3.64 -11.57 5.81
C ASN A 91 3.38 -12.36 4.56
N ASP A 92 2.24 -12.99 4.54
CA ASP A 92 1.85 -13.84 3.42
C ASP A 92 1.47 -12.97 2.28
N TRP A 93 0.63 -11.97 2.56
CA TRP A 93 0.21 -11.02 1.56
C TRP A 93 1.36 -10.28 0.94
N GLU A 94 2.35 -9.88 1.77
CA GLU A 94 3.57 -9.27 1.28
C GLU A 94 4.11 -10.11 0.16
N THR A 95 4.50 -11.30 0.54
CA THR A 95 5.08 -12.34 -0.31
C THR A 95 4.32 -12.51 -1.63
N LYS A 96 3.02 -12.47 -1.56
CA LYS A 96 2.20 -12.76 -2.67
C LYS A 96 2.20 -11.61 -3.63
N PHE A 97 2.11 -10.43 -3.07
CA PHE A 97 2.17 -9.22 -3.84
C PHE A 97 3.59 -8.95 -4.33
N GLU A 98 4.56 -9.33 -3.51
CA GLU A 98 6.00 -9.20 -3.78
C GLU A 98 6.42 -9.88 -5.07
N ALA A 99 5.61 -10.79 -5.56
CA ALA A 99 5.96 -11.56 -6.71
C ALA A 99 5.51 -10.85 -7.96
N LYS A 100 4.78 -9.77 -7.77
CA LYS A 100 4.28 -9.02 -8.88
C LYS A 100 4.66 -7.57 -8.75
N TYR A 101 4.44 -7.02 -7.60
CA TYR A 101 4.67 -5.64 -7.37
C TYR A 101 6.04 -5.39 -6.81
N PRO A 102 6.75 -4.40 -7.36
CA PRO A 102 8.07 -4.03 -6.90
C PRO A 102 8.00 -3.04 -5.74
N VAL A 103 8.87 -3.21 -4.78
CA VAL A 103 8.97 -2.27 -3.71
C VAL A 103 9.77 -1.09 -4.21
N VAL A 104 9.13 0.03 -4.32
CA VAL A 104 9.75 1.22 -4.84
C VAL A 104 10.21 2.17 -3.73
N GLY A 105 9.96 1.80 -2.50
CA GLY A 105 10.42 2.61 -1.41
C GLY A 105 9.79 2.27 -0.09
N ARG A 106 9.85 3.21 0.82
CA ARG A 106 9.34 3.07 2.18
C ARG A 106 8.14 3.92 2.37
N VAL A 107 7.40 3.60 3.38
CA VAL A 107 6.41 4.48 3.84
C VAL A 107 6.77 4.84 5.27
N VAL A 108 6.62 6.05 5.59
CA VAL A 108 6.98 6.56 6.86
C VAL A 108 5.78 7.18 7.50
N SER A 109 5.68 7.04 8.77
CA SER A 109 4.58 7.57 9.46
C SER A 109 5.02 8.01 10.84
N MET A 1 5.31 18.79 -0.29
CA MET A 1 5.15 19.20 -1.67
C MET A 1 6.48 19.66 -2.21
N GLY A 2 6.60 19.70 -3.51
CA GLY A 2 7.83 20.12 -4.12
C GLY A 2 8.81 18.99 -4.22
N HIS A 3 8.31 17.79 -4.48
CA HIS A 3 9.18 16.63 -4.59
C HIS A 3 9.91 16.68 -5.93
N HIS A 4 11.15 16.28 -5.92
CA HIS A 4 11.90 16.23 -7.16
C HIS A 4 11.52 14.99 -7.89
N HIS A 5 11.30 15.09 -9.17
CA HIS A 5 10.93 13.95 -9.96
C HIS A 5 12.12 13.01 -10.18
N HIS A 6 12.18 11.97 -9.38
CA HIS A 6 13.19 10.92 -9.44
C HIS A 6 12.48 9.60 -9.24
N HIS A 7 12.30 8.85 -10.28
CA HIS A 7 11.54 7.63 -10.18
C HIS A 7 12.36 6.38 -9.94
N HIS A 8 12.42 6.01 -8.69
CA HIS A 8 13.02 4.78 -8.21
C HIS A 8 12.58 4.59 -6.79
N LEU A 9 13.01 5.48 -5.93
CA LEU A 9 12.59 5.46 -4.54
C LEU A 9 12.25 6.86 -4.11
N GLU A 10 11.12 6.99 -3.49
CA GLU A 10 10.74 8.24 -2.95
C GLU A 10 10.14 8.00 -1.59
N GLU A 11 10.34 8.92 -0.68
CA GLU A 11 9.68 8.87 0.55
C GLU A 11 8.33 9.50 0.41
N PHE A 12 7.37 8.78 0.82
CA PHE A 12 6.04 9.23 0.84
C PHE A 12 5.58 9.29 2.24
N THR A 13 4.91 10.33 2.60
CA THR A 13 4.34 10.36 3.88
C THR A 13 2.88 9.87 3.72
N ALA A 14 2.27 9.41 4.78
CA ALA A 14 1.00 8.64 4.70
C ALA A 14 -0.14 9.33 3.97
N GLU A 15 -0.42 10.58 4.29
CA GLU A 15 -1.50 11.29 3.63
C GLU A 15 -1.11 11.66 2.22
N GLN A 16 0.17 11.87 2.04
CA GLN A 16 0.73 12.22 0.76
C GLN A 16 0.67 11.04 -0.20
N LEU A 17 0.78 9.85 0.36
CA LEU A 17 0.70 8.59 -0.36
C LEU A 17 -0.72 8.42 -0.93
N SER A 18 -1.70 8.92 -0.17
CA SER A 18 -3.13 8.79 -0.49
C SER A 18 -3.58 9.58 -1.74
N GLN A 19 -2.63 10.16 -2.45
CA GLN A 19 -2.91 10.89 -3.68
C GLN A 19 -2.54 10.01 -4.87
N TYR A 20 -2.23 8.77 -4.56
CA TYR A 20 -1.86 7.77 -5.53
C TYR A 20 -2.75 6.57 -5.35
N ASN A 21 -3.97 6.91 -5.00
CA ASN A 21 -5.06 5.98 -4.74
C ASN A 21 -5.87 5.73 -6.01
N GLY A 22 -5.38 6.24 -7.13
CA GLY A 22 -6.04 6.03 -8.39
C GLY A 22 -7.10 7.04 -8.75
N THR A 23 -7.31 8.05 -7.93
CA THR A 23 -8.34 9.02 -8.27
C THR A 23 -7.72 10.25 -8.83
N ASP A 24 -6.44 10.27 -8.82
CA ASP A 24 -5.75 11.30 -9.48
C ASP A 24 -5.81 11.07 -10.93
N GLU A 25 -5.33 11.96 -11.71
CA GLU A 25 -5.58 11.90 -13.04
C GLU A 25 -4.39 11.44 -13.66
N SER A 26 -4.33 10.12 -13.75
CA SER A 26 -3.27 9.46 -14.44
C SER A 26 -1.97 9.33 -13.64
N LYS A 27 -2.01 9.50 -12.34
CA LYS A 27 -0.80 9.32 -11.57
C LYS A 27 -0.67 7.87 -11.12
N PRO A 28 0.59 7.37 -10.93
CA PRO A 28 0.84 5.99 -10.52
C PRO A 28 0.09 5.60 -9.25
N ILE A 29 -0.24 4.35 -9.17
CA ILE A 29 -0.96 3.83 -8.06
C ILE A 29 0.06 3.20 -7.15
N TYR A 30 -0.07 3.41 -5.87
CA TYR A 30 0.88 2.90 -4.95
C TYR A 30 0.16 2.35 -3.78
N VAL A 31 0.72 1.35 -3.18
CA VAL A 31 0.17 0.78 -1.99
C VAL A 31 1.29 0.58 -0.99
N ALA A 32 0.98 0.68 0.27
CA ALA A 32 1.99 0.56 1.28
C ALA A 32 1.72 -0.61 2.20
N ILE A 33 2.65 -1.52 2.23
CA ILE A 33 2.59 -2.67 3.11
C ILE A 33 3.80 -2.62 4.01
N LYS A 34 3.53 -2.71 5.29
CA LYS A 34 4.48 -2.54 6.38
C LYS A 34 4.80 -1.05 6.42
N GLY A 35 5.57 -0.62 5.46
CA GLY A 35 5.90 0.76 5.29
C GLY A 35 6.62 0.97 3.98
N ARG A 36 6.53 -0.04 3.11
CA ARG A 36 7.22 -0.02 1.87
C ARG A 36 6.18 0.32 0.81
N VAL A 37 6.53 1.17 -0.12
CA VAL A 37 5.60 1.58 -1.16
C VAL A 37 5.89 0.88 -2.46
N PHE A 38 4.89 0.25 -3.02
CA PHE A 38 5.04 -0.51 -4.25
C PHE A 38 4.20 0.11 -5.32
N ASP A 39 4.61 -0.03 -6.57
CA ASP A 39 3.81 0.47 -7.67
C ASP A 39 2.79 -0.57 -8.06
N VAL A 40 1.55 -0.20 -8.00
CA VAL A 40 0.49 -1.07 -8.39
C VAL A 40 -0.25 -0.52 -9.57
N THR A 41 0.44 0.33 -10.33
CA THR A 41 -0.12 0.89 -11.55
C THR A 41 -0.18 -0.23 -12.58
N THR A 42 0.70 -1.20 -12.38
CA THR A 42 0.77 -2.41 -13.19
C THR A 42 -0.53 -3.23 -13.04
N GLY A 43 -1.22 -3.00 -11.94
CA GLY A 43 -2.47 -3.63 -11.68
C GLY A 43 -3.49 -2.60 -11.24
N LYS A 44 -3.49 -1.46 -11.93
CA LYS A 44 -4.39 -0.35 -11.62
C LYS A 44 -5.85 -0.78 -11.60
N SER A 45 -6.19 -1.71 -12.47
CA SER A 45 -7.55 -2.25 -12.56
C SER A 45 -8.03 -2.81 -11.20
N PHE A 46 -7.09 -3.26 -10.38
CA PHE A 46 -7.41 -3.79 -9.08
C PHE A 46 -7.47 -2.66 -8.05
N TYR A 47 -6.49 -1.79 -8.12
CA TYR A 47 -6.32 -0.75 -7.13
C TYR A 47 -6.98 0.58 -7.53
N GLY A 48 -6.41 1.28 -8.50
CA GLY A 48 -6.88 2.61 -8.84
C GLY A 48 -7.96 2.62 -9.90
N SER A 49 -8.89 1.74 -9.77
CA SER A 49 -9.98 1.63 -10.70
C SER A 49 -11.29 1.42 -9.94
N GLY A 50 -11.24 1.66 -8.64
CA GLY A 50 -12.40 1.39 -7.81
C GLY A 50 -12.66 -0.09 -7.67
N GLY A 51 -11.58 -0.85 -7.57
CA GLY A 51 -11.69 -2.27 -7.42
C GLY A 51 -11.81 -2.66 -6.00
N ASP A 52 -11.70 -3.92 -5.75
CA ASP A 52 -11.83 -4.40 -4.40
C ASP A 52 -10.56 -4.15 -3.61
N TYR A 53 -9.49 -3.84 -4.34
CA TYR A 53 -8.21 -3.51 -3.74
C TYR A 53 -8.07 -2.00 -3.66
N SER A 54 -9.17 -1.29 -3.85
CA SER A 54 -9.16 0.16 -3.85
C SER A 54 -8.88 0.71 -2.45
N MET A 55 -9.03 -0.13 -1.42
CA MET A 55 -8.80 0.33 -0.05
C MET A 55 -7.30 0.34 0.22
N PHE A 56 -6.60 -0.36 -0.65
CA PHE A 56 -5.16 -0.51 -0.57
C PHE A 56 -4.50 0.65 -1.30
N ALA A 57 -5.09 0.99 -2.43
CA ALA A 57 -4.62 2.08 -3.28
C ALA A 57 -4.44 3.37 -2.49
N GLY A 58 -3.19 3.80 -2.37
CA GLY A 58 -2.84 5.00 -1.66
C GLY A 58 -3.14 4.92 -0.19
N LYS A 59 -3.09 3.73 0.35
CA LYS A 59 -3.33 3.55 1.74
C LYS A 59 -2.51 2.42 2.31
N ASP A 60 -1.88 2.71 3.41
CA ASP A 60 -1.19 1.73 4.21
C ASP A 60 -2.15 0.65 4.67
N ALA A 61 -2.00 -0.51 4.08
CA ALA A 61 -2.91 -1.60 4.32
C ALA A 61 -2.27 -2.71 5.12
N SER A 62 -1.20 -2.40 5.81
CA SER A 62 -0.41 -3.36 6.56
C SER A 62 -1.28 -4.17 7.55
N ARG A 63 -2.08 -3.46 8.32
CA ARG A 63 -2.97 -4.08 9.29
C ARG A 63 -4.12 -4.78 8.60
N ALA A 64 -4.57 -4.21 7.50
CA ALA A 64 -5.77 -4.67 6.80
C ALA A 64 -5.53 -6.03 6.27
N LEU A 65 -4.31 -6.24 5.91
CA LEU A 65 -3.84 -7.48 5.40
C LEU A 65 -3.94 -8.61 6.43
N GLY A 66 -3.57 -8.32 7.65
CA GLY A 66 -3.57 -9.34 8.68
C GLY A 66 -4.93 -9.55 9.27
N LYS A 67 -5.74 -8.53 9.19
CA LYS A 67 -7.07 -8.62 9.76
C LYS A 67 -8.04 -9.08 8.67
N MET A 68 -7.68 -8.77 7.42
CA MET A 68 -8.41 -9.14 6.18
C MET A 68 -9.61 -8.24 6.03
N SER A 69 -9.53 -7.15 6.74
CA SER A 69 -10.55 -6.18 6.80
C SER A 69 -10.31 -5.11 5.74
N LYS A 70 -11.38 -4.58 5.21
CA LYS A 70 -11.34 -3.68 4.06
C LYS A 70 -11.75 -2.29 4.45
N ASN A 71 -12.40 -2.21 5.58
CA ASN A 71 -12.79 -0.96 6.21
C ASN A 71 -11.56 -0.10 6.47
N GLU A 72 -11.58 1.12 5.92
CA GLU A 72 -10.45 2.06 6.03
C GLU A 72 -10.09 2.38 7.48
N GLU A 73 -11.02 2.14 8.38
CA GLU A 73 -10.81 2.35 9.80
C GLU A 73 -9.80 1.32 10.35
N ASP A 74 -9.75 0.15 9.74
CA ASP A 74 -8.82 -0.89 10.16
C ASP A 74 -7.57 -0.84 9.29
N VAL A 75 -7.74 -0.32 8.07
CA VAL A 75 -6.62 -0.20 7.14
C VAL A 75 -5.63 0.83 7.75
N SER A 76 -4.45 0.35 8.09
CA SER A 76 -3.51 1.08 8.88
C SER A 76 -2.10 0.46 8.65
N PRO A 77 -0.99 1.19 8.93
CA PRO A 77 0.37 0.69 8.71
C PRO A 77 0.88 -0.15 9.88
N SER A 78 -0.02 -0.49 10.76
CA SER A 78 0.31 -1.18 11.97
C SER A 78 0.29 -2.70 11.76
N LEU A 79 1.22 -3.33 12.41
CA LEU A 79 1.32 -4.77 12.54
C LEU A 79 2.04 -5.02 13.83
N GLU A 80 1.29 -4.96 14.90
CA GLU A 80 1.88 -4.97 16.19
C GLU A 80 1.10 -5.78 17.20
N GLY A 81 -0.14 -5.38 17.44
CA GLY A 81 -0.96 -6.03 18.44
C GLY A 81 -1.63 -7.21 17.83
N LEU A 82 -0.81 -8.05 17.31
CA LEU A 82 -1.18 -9.15 16.55
C LEU A 82 -0.30 -10.31 16.92
N THR A 83 -0.89 -11.45 17.07
CA THR A 83 -0.14 -12.63 17.37
C THR A 83 0.35 -13.22 16.04
N GLU A 84 0.98 -14.39 16.07
CA GLU A 84 1.58 -14.94 14.86
C GLU A 84 0.52 -15.17 13.79
N LYS A 85 -0.66 -15.68 14.17
CA LYS A 85 -1.77 -15.93 13.22
C LYS A 85 -2.08 -14.67 12.42
N GLU A 86 -2.31 -13.62 13.16
CA GLU A 86 -2.71 -12.35 12.67
C GLU A 86 -1.72 -11.81 11.68
N ILE A 87 -0.49 -11.85 12.06
CA ILE A 87 0.55 -11.34 11.24
C ILE A 87 0.81 -12.25 10.04
N ASN A 88 0.80 -13.59 10.25
CA ASN A 88 1.01 -14.58 9.16
C ASN A 88 0.09 -14.32 8.01
N THR A 89 -1.09 -13.90 8.35
CA THR A 89 -2.09 -13.60 7.41
C THR A 89 -1.63 -12.46 6.46
N LEU A 90 -1.04 -11.43 7.02
CA LEU A 90 -0.56 -10.28 6.26
C LEU A 90 0.71 -10.68 5.55
N ASN A 91 1.49 -11.51 6.21
CA ASN A 91 2.73 -12.02 5.67
C ASN A 91 2.51 -12.68 4.29
N ASP A 92 1.35 -13.33 4.14
CA ASP A 92 0.98 -13.92 2.84
C ASP A 92 0.87 -12.81 1.82
N TRP A 93 0.19 -11.77 2.21
CA TRP A 93 0.00 -10.58 1.41
C TRP A 93 1.32 -9.88 1.08
N GLU A 94 2.25 -9.88 2.02
CA GLU A 94 3.57 -9.31 1.78
C GLU A 94 4.26 -10.06 0.65
N THR A 95 4.16 -11.35 0.71
CA THR A 95 4.72 -12.26 -0.29
C THR A 95 4.13 -11.96 -1.67
N LYS A 96 2.91 -11.50 -1.67
CA LYS A 96 2.20 -11.20 -2.88
C LYS A 96 2.71 -9.92 -3.54
N PHE A 97 3.11 -8.91 -2.74
CA PHE A 97 3.70 -7.74 -3.35
C PHE A 97 5.11 -8.08 -3.77
N GLU A 98 5.75 -8.85 -2.91
CA GLU A 98 7.12 -9.32 -3.06
C GLU A 98 7.37 -10.06 -4.39
N ALA A 99 6.34 -10.55 -5.01
CA ALA A 99 6.51 -11.28 -6.24
C ALA A 99 5.82 -10.60 -7.42
N LYS A 100 5.15 -9.48 -7.18
CA LYS A 100 4.40 -8.83 -8.24
C LYS A 100 4.64 -7.34 -8.32
N TYR A 101 4.63 -6.70 -7.19
CA TYR A 101 4.69 -5.27 -7.18
C TYR A 101 6.08 -4.81 -6.80
N PRO A 102 6.65 -3.89 -7.56
CA PRO A 102 7.98 -3.39 -7.30
C PRO A 102 8.02 -2.43 -6.13
N VAL A 103 8.84 -2.75 -5.17
CA VAL A 103 9.05 -1.87 -4.04
C VAL A 103 9.83 -0.68 -4.52
N VAL A 104 9.18 0.43 -4.60
CA VAL A 104 9.82 1.61 -5.06
C VAL A 104 10.36 2.44 -3.92
N GLY A 105 9.53 2.86 -3.01
CA GLY A 105 10.00 3.70 -1.94
C GLY A 105 9.39 3.37 -0.62
N ARG A 106 9.20 4.36 0.21
CA ARG A 106 8.68 4.13 1.56
C ARG A 106 7.54 5.01 1.87
N VAL A 107 6.80 4.62 2.84
CA VAL A 107 5.82 5.45 3.40
C VAL A 107 6.25 5.74 4.82
N VAL A 108 6.10 6.93 5.23
CA VAL A 108 6.55 7.38 6.50
C VAL A 108 5.45 8.09 7.22
N SER A 109 5.40 7.93 8.50
CA SER A 109 4.48 8.67 9.26
C SER A 109 5.03 8.96 10.65
N MET A 1 3.79 17.71 -4.26
CA MET A 1 3.64 16.83 -5.42
C MET A 1 4.62 15.67 -5.30
N GLY A 2 4.75 14.89 -6.34
CA GLY A 2 5.59 13.74 -6.28
C GLY A 2 6.94 13.93 -6.92
N HIS A 3 7.55 15.09 -6.74
CA HIS A 3 8.89 15.32 -7.27
C HIS A 3 9.90 14.78 -6.29
N HIS A 4 10.23 13.53 -6.43
CA HIS A 4 11.20 12.90 -5.56
C HIS A 4 11.92 11.74 -6.22
N HIS A 5 12.66 12.06 -7.26
CA HIS A 5 13.52 11.15 -8.00
C HIS A 5 14.68 11.86 -8.60
N HIS A 6 15.67 12.08 -7.81
CA HIS A 6 16.88 12.67 -8.27
C HIS A 6 18.02 11.77 -7.81
N HIS A 7 17.79 11.15 -6.67
CA HIS A 7 18.72 10.23 -6.03
C HIS A 7 17.98 9.67 -4.83
N HIS A 8 18.29 8.40 -4.45
CA HIS A 8 17.68 7.75 -3.27
C HIS A 8 16.22 7.31 -3.56
N LEU A 9 15.76 6.27 -2.87
CA LEU A 9 14.37 5.79 -3.01
C LEU A 9 13.39 6.88 -2.62
N GLU A 10 12.21 6.83 -3.16
CA GLU A 10 11.24 7.85 -2.89
C GLU A 10 10.54 7.57 -1.56
N GLU A 11 10.72 8.47 -0.63
CA GLU A 11 10.13 8.34 0.63
C GLU A 11 8.82 9.07 0.65
N PHE A 12 7.89 8.46 1.29
CA PHE A 12 6.59 8.98 1.44
C PHE A 12 6.27 9.20 2.87
N THR A 13 5.27 9.97 3.12
CA THR A 13 4.71 10.06 4.41
C THR A 13 3.25 9.68 4.24
N ALA A 14 2.63 9.08 5.25
CA ALA A 14 1.27 8.50 5.10
C ALA A 14 0.23 9.47 4.53
N GLU A 15 0.19 10.69 5.05
CA GLU A 15 -0.74 11.71 4.56
C GLU A 15 -0.49 12.00 3.08
N GLN A 16 0.78 12.05 2.74
CA GLN A 16 1.22 12.34 1.38
C GLN A 16 0.95 11.18 0.44
N LEU A 17 1.00 9.97 0.97
CA LEU A 17 0.79 8.77 0.17
C LEU A 17 -0.65 8.71 -0.33
N SER A 18 -1.57 9.28 0.43
CA SER A 18 -2.99 9.22 0.13
C SER A 18 -3.38 9.97 -1.15
N GLN A 19 -2.45 10.68 -1.75
CA GLN A 19 -2.72 11.38 -3.02
C GLN A 19 -2.63 10.38 -4.16
N TYR A 20 -1.98 9.28 -3.88
CA TYR A 20 -1.69 8.25 -4.84
C TYR A 20 -2.72 7.14 -4.78
N ASN A 21 -3.96 7.54 -4.56
CA ASN A 21 -5.06 6.58 -4.48
C ASN A 21 -5.56 6.25 -5.89
N GLY A 22 -5.12 7.03 -6.86
CA GLY A 22 -5.40 6.77 -8.26
C GLY A 22 -6.80 6.99 -8.67
N THR A 23 -7.25 8.16 -8.49
CA THR A 23 -8.50 8.58 -8.99
C THR A 23 -8.33 9.75 -9.94
N ASP A 24 -7.19 10.40 -9.81
CA ASP A 24 -6.85 11.55 -10.62
C ASP A 24 -5.97 11.14 -11.78
N GLU A 25 -6.58 10.99 -12.97
CA GLU A 25 -5.87 10.71 -14.24
C GLU A 25 -5.02 9.46 -14.22
N SER A 26 -5.27 8.63 -13.23
CA SER A 26 -4.56 7.38 -13.05
C SER A 26 -3.06 7.62 -12.78
N LYS A 27 -2.75 8.74 -12.10
CA LYS A 27 -1.38 9.05 -11.69
C LYS A 27 -0.89 7.94 -10.76
N PRO A 28 0.46 7.69 -10.74
CA PRO A 28 1.12 6.66 -9.92
C PRO A 28 0.39 6.26 -8.65
N ILE A 29 0.03 5.02 -8.60
CA ILE A 29 -0.74 4.48 -7.51
C ILE A 29 0.17 3.60 -6.69
N TYR A 30 0.14 3.76 -5.40
CA TYR A 30 1.02 3.03 -4.54
C TYR A 30 0.26 2.47 -3.37
N VAL A 31 0.77 1.41 -2.85
CA VAL A 31 0.24 0.78 -1.67
C VAL A 31 1.39 0.62 -0.71
N ALA A 32 1.11 0.45 0.53
CA ALA A 32 2.16 0.25 1.48
C ALA A 32 1.86 -0.94 2.37
N ILE A 33 2.84 -1.79 2.49
CA ILE A 33 2.79 -2.97 3.30
C ILE A 33 4.09 -3.02 4.07
N LYS A 34 4.03 -3.04 5.40
CA LYS A 34 5.25 -3.02 6.24
C LYS A 34 6.02 -1.72 6.01
N GLY A 35 5.32 -0.74 5.47
CA GLY A 35 5.92 0.53 5.16
C GLY A 35 6.59 0.54 3.81
N ARG A 36 6.67 -0.62 3.19
CA ARG A 36 7.29 -0.74 1.91
C ARG A 36 6.29 -0.30 0.87
N VAL A 37 6.63 0.71 0.14
CA VAL A 37 5.73 1.24 -0.86
C VAL A 37 6.01 0.61 -2.19
N PHE A 38 5.00 0.00 -2.73
CA PHE A 38 5.09 -0.66 -3.99
C PHE A 38 4.22 0.07 -4.98
N ASP A 39 4.61 0.09 -6.22
CA ASP A 39 3.81 0.70 -7.27
C ASP A 39 2.80 -0.30 -7.78
N VAL A 40 1.55 0.08 -7.75
CA VAL A 40 0.48 -0.77 -8.25
C VAL A 40 -0.19 -0.14 -9.44
N THR A 41 0.50 0.81 -10.06
CA THR A 41 -0.02 1.48 -11.24
C THR A 41 -0.17 0.46 -12.39
N THR A 42 0.64 -0.59 -12.34
CA THR A 42 0.60 -1.66 -13.34
C THR A 42 -0.69 -2.50 -13.14
N GLY A 43 -1.24 -2.46 -11.95
CA GLY A 43 -2.43 -3.20 -11.64
C GLY A 43 -3.57 -2.25 -11.39
N LYS A 44 -3.63 -1.18 -12.19
CA LYS A 44 -4.60 -0.15 -12.03
C LYS A 44 -6.02 -0.69 -12.26
N SER A 45 -6.13 -1.77 -13.03
CA SER A 45 -7.42 -2.42 -13.27
C SER A 45 -8.02 -2.96 -11.95
N PHE A 46 -7.16 -3.27 -10.99
CA PHE A 46 -7.61 -3.83 -9.74
C PHE A 46 -7.68 -2.78 -8.64
N TYR A 47 -6.63 -2.01 -8.49
CA TYR A 47 -6.56 -1.07 -7.40
C TYR A 47 -7.13 0.30 -7.78
N GLY A 48 -6.48 0.96 -8.73
CA GLY A 48 -6.83 2.33 -9.10
C GLY A 48 -8.15 2.51 -9.83
N SER A 49 -8.75 1.42 -10.22
CA SER A 49 -9.99 1.49 -10.94
C SER A 49 -11.15 1.46 -9.95
N GLY A 50 -10.85 1.58 -8.66
CA GLY A 50 -11.88 1.49 -7.65
C GLY A 50 -12.38 0.08 -7.57
N GLY A 51 -11.45 -0.85 -7.64
CA GLY A 51 -11.78 -2.24 -7.68
C GLY A 51 -11.98 -2.84 -6.30
N ASP A 52 -11.84 -4.13 -6.23
CA ASP A 52 -12.07 -4.89 -5.00
C ASP A 52 -10.96 -4.63 -4.00
N TYR A 53 -9.79 -4.29 -4.47
CA TYR A 53 -8.64 -4.06 -3.61
C TYR A 53 -8.26 -2.58 -3.57
N SER A 54 -9.24 -1.72 -3.83
CA SER A 54 -9.03 -0.27 -3.89
C SER A 54 -8.74 0.32 -2.49
N MET A 55 -8.93 -0.49 -1.45
CA MET A 55 -8.76 -0.08 -0.04
C MET A 55 -7.40 0.54 0.22
N PHE A 56 -6.37 -0.14 -0.23
CA PHE A 56 -5.00 0.28 0.02
C PHE A 56 -4.39 1.13 -1.07
N ALA A 57 -5.21 1.59 -1.99
CA ALA A 57 -4.71 2.49 -3.00
C ALA A 57 -4.42 3.83 -2.35
N GLY A 58 -3.14 4.14 -2.19
CA GLY A 58 -2.74 5.35 -1.52
C GLY A 58 -2.81 5.21 -0.01
N LYS A 59 -2.75 3.97 0.45
CA LYS A 59 -2.90 3.70 1.86
C LYS A 59 -2.04 2.50 2.30
N ASP A 60 -1.40 2.62 3.44
CA ASP A 60 -0.72 1.48 4.05
C ASP A 60 -1.79 0.65 4.73
N ALA A 61 -1.86 -0.60 4.41
CA ALA A 61 -2.89 -1.46 4.94
C ALA A 61 -2.28 -2.69 5.55
N SER A 62 -1.11 -2.51 6.12
CA SER A 62 -0.34 -3.60 6.64
C SER A 62 -1.12 -4.41 7.72
N ARG A 63 -1.85 -3.77 8.64
CA ARG A 63 -2.64 -4.57 9.61
C ARG A 63 -3.89 -5.16 8.98
N ALA A 64 -4.45 -4.46 7.99
CA ALA A 64 -5.71 -4.84 7.39
C ALA A 64 -5.51 -6.12 6.64
N LEU A 65 -4.33 -6.24 6.10
CA LEU A 65 -3.88 -7.42 5.44
C LEU A 65 -3.84 -8.61 6.39
N GLY A 66 -3.58 -8.36 7.65
CA GLY A 66 -3.49 -9.44 8.59
C GLY A 66 -4.83 -9.82 9.14
N LYS A 67 -5.75 -8.91 9.04
CA LYS A 67 -7.07 -9.11 9.58
C LYS A 67 -8.02 -9.59 8.50
N MET A 68 -7.74 -9.19 7.25
CA MET A 68 -8.57 -9.48 6.05
C MET A 68 -9.71 -8.50 6.00
N SER A 69 -9.52 -7.43 6.73
CA SER A 69 -10.47 -6.38 6.84
C SER A 69 -10.24 -5.39 5.72
N LYS A 70 -11.30 -4.91 5.16
CA LYS A 70 -11.21 -3.96 4.09
C LYS A 70 -11.68 -2.60 4.55
N ASN A 71 -12.28 -2.57 5.72
CA ASN A 71 -12.77 -1.33 6.28
C ASN A 71 -11.67 -0.44 6.77
N GLU A 72 -11.85 0.82 6.50
CA GLU A 72 -10.92 1.88 6.82
C GLU A 72 -10.61 1.95 8.30
N GLU A 73 -11.59 1.62 9.12
CA GLU A 73 -11.43 1.58 10.57
C GLU A 73 -10.37 0.57 11.01
N ASP A 74 -10.02 -0.35 10.14
CA ASP A 74 -9.04 -1.34 10.48
C ASP A 74 -7.80 -1.20 9.57
N VAL A 75 -7.78 -0.19 8.74
CA VAL A 75 -6.64 0.02 7.87
C VAL A 75 -5.72 1.01 8.56
N SER A 76 -4.48 0.64 8.75
CA SER A 76 -3.57 1.42 9.54
C SER A 76 -2.17 1.18 9.01
N PRO A 77 -1.25 2.16 9.14
CA PRO A 77 0.13 2.07 8.62
C PRO A 77 1.02 1.10 9.42
N SER A 78 0.42 0.29 10.23
CA SER A 78 1.10 -0.69 11.03
C SER A 78 0.16 -1.76 11.42
N LEU A 79 0.72 -2.73 12.07
CA LEU A 79 0.06 -3.90 12.52
C LEU A 79 -0.52 -3.64 13.87
N GLU A 80 0.30 -2.97 14.66
CA GLU A 80 0.04 -2.43 15.99
C GLU A 80 -0.41 -3.44 17.08
N GLY A 81 -1.40 -4.22 16.80
CA GLY A 81 -1.88 -5.17 17.77
C GLY A 81 -2.15 -6.49 17.16
N LEU A 82 -1.10 -7.10 16.65
CA LEU A 82 -1.18 -8.36 15.99
C LEU A 82 -0.07 -9.27 16.48
N THR A 83 -0.43 -10.47 16.87
CA THR A 83 0.55 -11.48 17.23
C THR A 83 0.94 -12.19 15.92
N GLU A 84 1.92 -13.10 15.96
CA GLU A 84 2.39 -13.78 14.74
C GLU A 84 1.23 -14.43 13.98
N LYS A 85 0.30 -15.04 14.72
CA LYS A 85 -0.90 -15.69 14.13
C LYS A 85 -1.61 -14.72 13.21
N GLU A 86 -1.90 -13.58 13.74
CA GLU A 86 -2.60 -12.53 13.08
C GLU A 86 -1.79 -12.00 11.91
N ILE A 87 -0.53 -11.81 12.18
CA ILE A 87 0.39 -11.30 11.22
C ILE A 87 0.54 -12.25 10.02
N ASN A 88 0.47 -13.58 10.25
CA ASN A 88 0.64 -14.60 9.15
C ASN A 88 -0.20 -14.29 7.95
N THR A 89 -1.36 -13.77 8.19
CA THR A 89 -2.27 -13.46 7.14
C THR A 89 -1.69 -12.34 6.22
N LEU A 90 -1.20 -11.28 6.84
CA LEU A 90 -0.58 -10.15 6.14
C LEU A 90 0.77 -10.55 5.61
N ASN A 91 1.51 -11.23 6.44
CA ASN A 91 2.84 -11.74 6.12
C ASN A 91 2.79 -12.52 4.80
N ASP A 92 1.67 -13.20 4.56
CA ASP A 92 1.43 -13.90 3.30
C ASP A 92 1.17 -12.86 2.19
N TRP A 93 0.31 -11.88 2.50
CA TRP A 93 -0.02 -10.80 1.59
C TRP A 93 1.18 -9.98 1.17
N GLU A 94 2.09 -9.74 2.11
CA GLU A 94 3.34 -9.03 1.84
C GLU A 94 3.98 -9.64 0.64
N THR A 95 4.12 -10.92 0.69
CA THR A 95 4.80 -11.71 -0.31
C THR A 95 4.10 -11.62 -1.68
N LYS A 96 2.82 -11.38 -1.66
CA LYS A 96 2.02 -11.40 -2.85
C LYS A 96 2.28 -10.16 -3.64
N PHE A 97 2.35 -9.09 -2.93
CA PHE A 97 2.60 -7.81 -3.49
C PHE A 97 4.09 -7.57 -3.71
N GLU A 98 4.88 -8.01 -2.77
CA GLU A 98 6.33 -7.78 -2.76
C GLU A 98 6.98 -8.49 -3.96
N ALA A 99 6.41 -9.61 -4.37
CA ALA A 99 6.98 -10.41 -5.45
C ALA A 99 6.32 -10.05 -6.74
N LYS A 100 5.55 -9.02 -6.72
CA LYS A 100 4.77 -8.72 -7.86
C LYS A 100 4.93 -7.27 -8.26
N TYR A 101 5.06 -6.43 -7.28
CA TYR A 101 5.21 -5.02 -7.49
C TYR A 101 6.56 -4.59 -6.95
N PRO A 102 7.17 -3.58 -7.54
CA PRO A 102 8.48 -3.10 -7.13
C PRO A 102 8.42 -2.14 -5.94
N VAL A 103 9.38 -2.26 -5.07
CA VAL A 103 9.54 -1.32 -3.99
C VAL A 103 10.09 -0.03 -4.58
N VAL A 104 9.26 0.96 -4.63
CA VAL A 104 9.68 2.26 -5.14
C VAL A 104 10.23 3.13 -4.02
N GLY A 105 9.85 2.79 -2.82
CA GLY A 105 10.29 3.50 -1.67
C GLY A 105 9.63 2.98 -0.43
N ARG A 106 9.42 3.84 0.51
CA ARG A 106 8.79 3.46 1.76
C ARG A 106 7.96 4.58 2.21
N VAL A 107 7.08 4.31 3.07
CA VAL A 107 6.36 5.31 3.68
C VAL A 107 6.96 5.50 5.05
N VAL A 108 7.22 6.70 5.38
CA VAL A 108 7.86 7.02 6.57
C VAL A 108 6.88 7.87 7.37
N SER A 109 6.78 7.61 8.61
CA SER A 109 5.94 8.37 9.47
C SER A 109 6.57 8.45 10.85
N MET A 1 -2.47 17.24 -8.78
CA MET A 1 -2.02 16.08 -9.54
C MET A 1 -0.93 15.34 -8.79
N GLY A 2 0.13 16.06 -8.44
CA GLY A 2 1.25 15.44 -7.80
C GLY A 2 2.10 14.73 -8.82
N HIS A 3 2.33 15.40 -9.94
CA HIS A 3 3.09 14.81 -11.03
C HIS A 3 4.59 15.08 -10.88
N HIS A 4 5.16 14.50 -9.85
CA HIS A 4 6.58 14.54 -9.55
C HIS A 4 6.91 13.35 -8.72
N HIS A 5 7.87 12.61 -9.14
CA HIS A 5 8.31 11.46 -8.41
C HIS A 5 9.67 11.70 -7.84
N HIS A 6 9.96 11.04 -6.77
CA HIS A 6 11.27 11.14 -6.16
C HIS A 6 12.18 10.17 -6.90
N HIS A 7 12.85 10.65 -7.92
CA HIS A 7 13.64 9.80 -8.79
C HIS A 7 14.96 9.40 -8.13
N HIS A 8 14.90 8.28 -7.41
CA HIS A 8 16.03 7.66 -6.70
C HIS A 8 15.43 6.52 -5.87
N LEU A 9 14.39 6.87 -5.16
CA LEU A 9 13.52 5.97 -4.39
C LEU A 9 12.48 6.88 -3.81
N GLU A 10 11.29 6.42 -3.66
CA GLU A 10 10.27 7.31 -3.21
C GLU A 10 9.89 7.15 -1.76
N GLU A 11 10.19 8.15 -0.99
CA GLU A 11 9.71 8.25 0.30
C GLU A 11 8.40 8.94 0.25
N PHE A 12 7.45 8.29 0.75
CA PHE A 12 6.17 8.79 0.83
C PHE A 12 5.75 8.88 2.24
N THR A 13 5.15 9.96 2.61
CA THR A 13 4.61 10.03 3.93
C THR A 13 3.13 9.61 3.85
N ALA A 14 2.58 9.14 4.93
CA ALA A 14 1.22 8.50 4.96
C ALA A 14 0.06 9.31 4.33
N GLU A 15 -0.07 10.59 4.65
CA GLU A 15 -1.16 11.40 4.08
C GLU A 15 -0.87 11.68 2.61
N GLN A 16 0.39 11.82 2.30
CA GLN A 16 0.85 12.02 0.95
C GLN A 16 0.64 10.78 0.10
N LEU A 17 0.90 9.62 0.69
CA LEU A 17 0.72 8.31 0.02
C LEU A 17 -0.74 8.19 -0.40
N SER A 18 -1.62 8.68 0.45
CA SER A 18 -3.06 8.64 0.24
C SER A 18 -3.47 9.42 -1.02
N GLN A 19 -2.62 10.32 -1.44
CA GLN A 19 -2.86 11.17 -2.59
C GLN A 19 -2.42 10.46 -3.88
N TYR A 20 -1.93 9.25 -3.75
CA TYR A 20 -1.47 8.45 -4.89
C TYR A 20 -2.29 7.19 -5.04
N ASN A 21 -3.56 7.24 -4.64
CA ASN A 21 -4.41 6.06 -4.79
C ASN A 21 -4.97 5.94 -6.22
N GLY A 22 -4.56 6.86 -7.08
CA GLY A 22 -4.93 6.81 -8.48
C GLY A 22 -6.17 7.56 -8.82
N THR A 23 -6.88 8.02 -7.83
CA THR A 23 -8.15 8.69 -8.06
C THR A 23 -7.95 10.11 -8.59
N ASP A 24 -6.76 10.68 -8.39
CA ASP A 24 -6.53 12.03 -8.83
C ASP A 24 -6.32 12.02 -10.32
N GLU A 25 -7.42 12.19 -11.05
CA GLU A 25 -7.47 12.26 -12.49
C GLU A 25 -7.16 10.93 -13.15
N SER A 26 -5.94 10.45 -12.97
CA SER A 26 -5.44 9.25 -13.63
C SER A 26 -4.00 8.96 -13.19
N LYS A 27 -3.62 9.49 -12.04
CA LYS A 27 -2.24 9.39 -11.56
C LYS A 27 -1.89 7.95 -11.11
N PRO A 28 -0.56 7.63 -11.06
CA PRO A 28 -0.03 6.32 -10.59
C PRO A 28 -0.58 5.91 -9.22
N ILE A 29 -0.65 4.60 -9.01
CA ILE A 29 -1.24 4.04 -7.82
C ILE A 29 -0.14 3.37 -6.98
N TYR A 30 -0.13 3.62 -5.68
CA TYR A 30 0.90 3.06 -4.80
C TYR A 30 0.33 2.50 -3.53
N VAL A 31 0.73 1.30 -3.22
CA VAL A 31 0.32 0.64 -2.01
C VAL A 31 1.50 0.52 -1.11
N ALA A 32 1.26 0.42 0.14
CA ALA A 32 2.32 0.25 1.06
C ALA A 32 1.99 -0.87 1.99
N ILE A 33 2.95 -1.70 2.26
CA ILE A 33 2.78 -2.77 3.19
C ILE A 33 3.95 -2.77 4.13
N LYS A 34 3.68 -2.45 5.39
CA LYS A 34 4.67 -2.55 6.47
C LYS A 34 5.75 -1.46 6.23
N GLY A 35 5.39 -0.51 5.41
CA GLY A 35 6.27 0.56 5.06
C GLY A 35 6.83 0.44 3.67
N ARG A 36 6.67 -0.71 3.05
CA ARG A 36 7.22 -0.94 1.73
C ARG A 36 6.20 -0.51 0.68
N VAL A 37 6.57 0.48 -0.11
CA VAL A 37 5.68 1.01 -1.15
C VAL A 37 5.92 0.31 -2.47
N PHE A 38 4.87 -0.21 -3.04
CA PHE A 38 4.92 -0.92 -4.29
C PHE A 38 4.17 -0.15 -5.36
N ASP A 39 4.67 -0.17 -6.58
CA ASP A 39 3.99 0.49 -7.69
C ASP A 39 2.97 -0.48 -8.24
N VAL A 40 1.72 -0.13 -8.13
CA VAL A 40 0.64 -0.98 -8.61
C VAL A 40 -0.16 -0.27 -9.67
N THR A 41 0.49 0.65 -10.35
CA THR A 41 -0.16 1.46 -11.37
C THR A 41 -0.64 0.60 -12.55
N THR A 42 0.08 -0.48 -12.80
CA THR A 42 -0.25 -1.39 -13.86
C THR A 42 -1.47 -2.26 -13.50
N GLY A 43 -1.66 -2.47 -12.21
CA GLY A 43 -2.76 -3.25 -11.71
C GLY A 43 -3.84 -2.35 -11.15
N LYS A 44 -4.09 -1.26 -11.85
CA LYS A 44 -5.08 -0.28 -11.43
C LYS A 44 -6.46 -0.93 -11.31
N SER A 45 -6.73 -1.89 -12.19
CA SER A 45 -7.99 -2.64 -12.20
C SER A 45 -8.19 -3.46 -10.91
N PHE A 46 -7.19 -3.47 -10.06
CA PHE A 46 -7.28 -4.10 -8.78
C PHE A 46 -7.27 -3.05 -7.69
N TYR A 47 -6.32 -2.12 -7.80
CA TYR A 47 -6.08 -1.16 -6.75
C TYR A 47 -6.79 0.18 -6.93
N GLY A 48 -6.43 0.93 -7.97
CA GLY A 48 -6.92 2.31 -8.08
C GLY A 48 -8.28 2.43 -8.71
N SER A 49 -8.81 1.33 -9.16
CA SER A 49 -10.10 1.31 -9.80
C SER A 49 -10.62 -0.12 -9.74
N GLY A 50 -10.08 -0.87 -8.82
CA GLY A 50 -10.47 -2.24 -8.68
C GLY A 50 -11.51 -2.38 -7.65
N GLY A 51 -11.62 -1.34 -6.85
CA GLY A 51 -12.62 -1.27 -5.81
C GLY A 51 -12.32 -2.10 -4.60
N ASP A 52 -11.96 -3.32 -4.81
CA ASP A 52 -11.68 -4.25 -3.74
C ASP A 52 -10.39 -3.88 -3.01
N TYR A 53 -9.39 -3.48 -3.77
CA TYR A 53 -8.12 -3.07 -3.18
C TYR A 53 -8.02 -1.55 -3.16
N SER A 54 -9.16 -0.89 -3.18
CA SER A 54 -9.24 0.58 -3.22
C SER A 54 -8.61 1.20 -1.98
N MET A 55 -8.68 0.47 -0.91
CA MET A 55 -8.26 0.91 0.41
C MET A 55 -6.80 0.67 0.59
N PHE A 56 -6.24 -0.03 -0.36
CA PHE A 56 -4.84 -0.34 -0.40
C PHE A 56 -4.17 0.63 -1.35
N ALA A 57 -4.94 1.06 -2.36
CA ALA A 57 -4.49 1.90 -3.50
C ALA A 57 -3.61 3.09 -3.12
N GLY A 58 -3.76 3.59 -1.92
CA GLY A 58 -2.91 4.65 -1.48
C GLY A 58 -2.85 4.66 0.00
N LYS A 59 -2.70 3.51 0.55
CA LYS A 59 -2.65 3.38 1.95
C LYS A 59 -1.73 2.25 2.32
N ASP A 60 -1.08 2.36 3.45
CA ASP A 60 -0.33 1.24 3.95
C ASP A 60 -1.34 0.31 4.54
N ALA A 61 -1.38 -0.87 4.04
CA ALA A 61 -2.40 -1.78 4.41
C ALA A 61 -1.87 -2.94 5.21
N SER A 62 -0.76 -2.74 5.90
CA SER A 62 -0.17 -3.83 6.69
C SER A 62 -1.17 -4.44 7.68
N ARG A 63 -1.80 -3.61 8.49
CA ARG A 63 -2.83 -4.09 9.40
C ARG A 63 -4.01 -4.71 8.64
N ALA A 64 -4.37 -4.10 7.52
CA ALA A 64 -5.57 -4.45 6.80
C ALA A 64 -5.41 -5.81 6.19
N LEU A 65 -4.20 -6.10 5.82
CA LEU A 65 -3.82 -7.34 5.25
C LEU A 65 -3.98 -8.51 6.22
N GLY A 66 -3.67 -8.30 7.48
CA GLY A 66 -3.79 -9.37 8.43
C GLY A 66 -5.20 -9.49 8.96
N LYS A 67 -5.91 -8.37 8.96
CA LYS A 67 -7.28 -8.32 9.41
C LYS A 67 -8.19 -8.81 8.28
N MET A 68 -7.77 -8.52 7.05
CA MET A 68 -8.47 -8.85 5.79
C MET A 68 -9.68 -7.96 5.71
N SER A 69 -9.50 -6.79 6.23
CA SER A 69 -10.51 -5.82 6.35
C SER A 69 -10.20 -4.61 5.47
N LYS A 70 -11.21 -4.15 4.76
CA LYS A 70 -11.06 -3.04 3.84
C LYS A 70 -11.70 -1.80 4.38
N ASN A 71 -12.40 -1.97 5.47
CA ASN A 71 -12.93 -0.84 6.20
C ASN A 71 -11.77 0.06 6.63
N GLU A 72 -11.78 1.29 6.12
CA GLU A 72 -10.69 2.26 6.24
C GLU A 72 -10.33 2.52 7.69
N GLU A 73 -11.29 2.33 8.53
CA GLU A 73 -11.17 2.49 9.96
C GLU A 73 -10.08 1.54 10.50
N ASP A 74 -9.97 0.38 9.89
CA ASP A 74 -9.04 -0.63 10.32
C ASP A 74 -7.71 -0.41 9.64
N VAL A 75 -7.77 0.01 8.39
CA VAL A 75 -6.58 0.12 7.54
C VAL A 75 -5.58 1.14 8.17
N SER A 76 -4.32 0.74 8.27
CA SER A 76 -3.35 1.44 9.10
C SER A 76 -1.92 1.03 8.67
N PRO A 77 -0.94 1.98 8.78
CA PRO A 77 0.47 1.76 8.38
C PRO A 77 1.30 0.98 9.41
N SER A 78 0.67 0.10 10.12
CA SER A 78 1.33 -0.69 11.13
C SER A 78 0.57 -1.94 11.26
N LEU A 79 1.16 -2.90 11.91
CA LEU A 79 0.53 -4.16 12.06
C LEU A 79 -0.53 -3.99 13.11
N GLU A 80 -0.14 -3.34 14.18
CA GLU A 80 -1.04 -2.85 15.19
C GLU A 80 -1.80 -3.97 15.97
N GLY A 81 -2.92 -4.39 15.42
CA GLY A 81 -3.78 -5.28 16.13
C GLY A 81 -3.77 -6.63 15.53
N LEU A 82 -2.59 -7.18 15.47
CA LEU A 82 -2.37 -8.46 14.89
C LEU A 82 -1.43 -9.27 15.75
N THR A 83 -1.86 -10.44 16.11
CA THR A 83 -1.01 -11.41 16.77
C THR A 83 -0.39 -12.29 15.65
N GLU A 84 0.44 -13.29 15.99
CA GLU A 84 1.17 -14.08 14.97
C GLU A 84 0.25 -14.66 13.90
N LYS A 85 -0.86 -15.27 14.30
CA LYS A 85 -1.77 -15.91 13.33
C LYS A 85 -2.26 -14.87 12.30
N GLU A 86 -2.47 -13.65 12.78
CA GLU A 86 -3.00 -12.57 12.03
C GLU A 86 -1.95 -11.97 11.18
N ILE A 87 -0.77 -11.78 11.76
CA ILE A 87 0.35 -11.26 11.03
C ILE A 87 0.66 -12.20 9.91
N ASN A 88 0.62 -13.50 10.20
CA ASN A 88 0.90 -14.57 9.21
C ASN A 88 0.13 -14.39 7.93
N THR A 89 -1.07 -13.92 8.06
CA THR A 89 -1.91 -13.65 6.94
C THR A 89 -1.33 -12.49 6.09
N LEU A 90 -0.98 -11.41 6.75
CA LEU A 90 -0.37 -10.24 6.10
C LEU A 90 1.04 -10.55 5.63
N ASN A 91 1.73 -11.28 6.45
CA ASN A 91 3.10 -11.74 6.18
C ASN A 91 3.10 -12.49 4.84
N ASP A 92 2.04 -13.26 4.61
CA ASP A 92 1.83 -13.95 3.34
C ASP A 92 1.54 -12.94 2.25
N TRP A 93 0.69 -11.96 2.57
CA TRP A 93 0.35 -10.87 1.66
C TRP A 93 1.57 -10.10 1.19
N GLU A 94 2.46 -9.72 2.13
CA GLU A 94 3.71 -9.01 1.81
C GLU A 94 4.42 -9.75 0.72
N THR A 95 4.61 -11.02 0.97
CA THR A 95 5.32 -11.97 0.13
C THR A 95 4.83 -11.97 -1.33
N LYS A 96 3.55 -11.69 -1.50
CA LYS A 96 2.92 -11.74 -2.80
C LYS A 96 3.34 -10.52 -3.58
N PHE A 97 3.33 -9.42 -2.91
CA PHE A 97 3.74 -8.17 -3.45
C PHE A 97 5.24 -8.13 -3.63
N GLU A 98 5.93 -8.63 -2.62
CA GLU A 98 7.40 -8.72 -2.54
C GLU A 98 8.05 -9.44 -3.71
N ALA A 99 7.30 -10.23 -4.44
CA ALA A 99 7.86 -10.98 -5.51
C ALA A 99 7.33 -10.54 -6.87
N LYS A 100 6.32 -9.69 -6.88
CA LYS A 100 5.71 -9.29 -8.15
C LYS A 100 5.77 -7.80 -8.37
N TYR A 101 5.35 -7.06 -7.40
CA TYR A 101 5.27 -5.64 -7.50
C TYR A 101 6.55 -5.00 -6.99
N PRO A 102 7.03 -3.95 -7.65
CA PRO A 102 8.29 -3.31 -7.30
C PRO A 102 8.19 -2.39 -6.09
N VAL A 103 9.12 -2.55 -5.17
CA VAL A 103 9.21 -1.67 -4.04
C VAL A 103 9.90 -0.41 -4.50
N VAL A 104 9.15 0.63 -4.66
CA VAL A 104 9.67 1.87 -5.16
C VAL A 104 10.16 2.80 -4.05
N GLY A 105 9.85 2.44 -2.83
CA GLY A 105 10.30 3.23 -1.71
C GLY A 105 9.62 2.82 -0.44
N ARG A 106 9.43 3.75 0.46
CA ARG A 106 8.81 3.45 1.72
C ARG A 106 7.76 4.46 2.01
N VAL A 107 6.94 4.15 2.93
CA VAL A 107 6.07 5.09 3.46
C VAL A 107 6.58 5.45 4.86
N VAL A 108 6.54 6.68 5.16
CA VAL A 108 6.99 7.21 6.39
C VAL A 108 5.84 7.84 7.11
N SER A 109 5.85 7.72 8.38
CA SER A 109 4.77 8.17 9.17
C SER A 109 5.32 8.66 10.50
#